data_8COE
#
_entry.id   8COE
#
_cell.length_a   194.830
_cell.length_b   194.830
_cell.length_c   207.540
_cell.angle_alpha   90.000
_cell.angle_beta   90.000
_cell.angle_gamma   90.000
#
_symmetry.space_group_name_H-M   'I 41'
#
loop_
_entity.id
_entity.type
_entity.pdbx_description
1 polymer 'Complement C5 beta chain'
2 polymer 'Complement C5 alpha chain'
3 polymer LCP0195
4 non-polymer 2-acetamido-2-deoxy-beta-D-glucopyranose
#
loop_
_entity_poly.entity_id
_entity_poly.type
_entity_poly.pdbx_seq_one_letter_code
_entity_poly.pdbx_strand_id
1 'polypeptide(L)'
;QEQTYVISAPKIFRVGASENIVIQVYGYTEAFDATISIKSYPDKKFSYSSGHVHLSSENKFQNSAILTIQPKQLPGGQNP
VSYVYLEVVSKHFSKSKRMPITYDNGFLFIHTDKPVYTPDQSVKVRVYSLNDDLKPAKRETVLTFIDPEGSEVDMVEEID
HIGIISFPDFKIPSNPRYGMWTIKAKYKEDFSTTGTAYFEVKEYVLPHFSVSIEPEYNFIGYKNFKNFEITIKARYFYNK
VVTEADVYITFGIREDLKDDQKEMMQTAMQNTMLINGIAQVTFDSETAVKELSYYSLEDLNNKYLYIAVTVIESTGGFSE
EAEIPGIKYVLSPYKLNLVATPLFLKPGIPYPIKVQVKDSLDQLVGGVPVTLNAQTIDVNQETSDLDPSKSVTRVDDGVA
SFVLNLPSGVTVLEFNVKTDAPDLPEENQAREGYRAIAYSSLSQSYLYIDWTDNHKALLVGEHLNIIVTPKSPYIDKITH
YNYLILSKGKIIHFGTREKFSDASYQSINIPVTQNMVPSSRLLVYYIVTGEQTAELVSDSVWLNIEEKCGNQLQVHLSPD
ADAYSPGQTVSLNMATGMDSWVALAAVDSAVYGVQRGAKKPLERVFQFLEKSDLGCGAGGGLNNANVFHLAGLTFLTNAN
ADDSQENDEPCKEIL
;
C
2 'polypeptide(L)'
;TLQKKIEEIAAKYKHSVVKKCCYDGACVNNDETCEQRAARISLGPRCIKAFTECCVVASQLRANISHKDMQLGRLHMKTL
LPVSKPEIRSYFPESWLWEVHLVPRRKQLQFALPDSLTTWEIQGVGISNTGICVADTVKAKVFKDVFLEMNIPYSVVRGE
QIQLKGTVYNYRTSGMQFCVKMSAVEGICTSESPVIDHQGTKSSKCVRQKVEGSSSHLVTFTVLPLEIGLHNINFSLETW
FGKEILVKTLRVVPEGVKRESYSGVTLDPRGIYGTISRRKEFPYRIPLDLVPKTEIKRILSVKGLLVGEILSAVLSQEGI
NILTHLPKGSAEAELMSVVPVFYVFHYLETGNHWNIFHSDPLIEKQKLKKKLKEGMLSIMSYRNADYSYSVWKGGSASTW
LTAFALRVLGQVNKYVEQNQNSICNSLLWLVENYQLDNGSFKENSQYQPIKLQGTLPVEARENSLYLTAFTVIGIRKAFD
ICPLVKIDTALIKADNFLLENTLPAQSTFTLAISAYALSLGDKTHPQFRSIVSALKREALVKGNPPIYRFWKDNLQHKDS
SVPNTGTARMVETTAYALLTSLNLKDINYVNPVIKWLSEEQRYGGGFYSTQDTINAIEGLTEYSLLVKQLRLSMDIDVSY
KHKGALHNYKMTDKNFLGRPVEVLLNDDLIVSTGFGSGLATVHVTTVVHKTSTSEEVCSFYLKIDTQDIEASHYRGYGNS
DYKRIVACASYKPSREESSSGSSHAVMDISLPTGISANEEDLKALVEGVDQLFTDYQIKDGHVILQLNSIPSSDFLCVRF
RIFELFEVGFLSPATFTVYEYHRPDKQCTMFYSTSNIKIQKVCEGAACKCVEADCGQMQEELDLTISAETRKQTACKPEI
AYAYKVSITSITVENVFVKYKATLLDIYKTGEAVAEKDSEITFIKKVTCTNAELVKGRQYLIMGKEALQIKYNFSFRYIY
PLDSLTWIEYWPRDTTCSSCQAFLANLDEFAEDIFLNGC
;
A
3 'polypeptide(L)'
;EVQLVESGGGLVQPGGSLRLSCAASGRAFSDYAMAWFRQAPGQEREFVAGIGWSGGDTLYADSVRGRFTNSRDNSKNTLY
LQMNSLRAEDTAVYYCAARQGQYIYSSMRSDSYDYWGQGTLVTVSSHHHHHH
;
B
#
# COMPACT_ATOMS: atom_id res chain seq x y z
N GLU A 2 56.28 -7.41 -42.54
CA GLU A 2 55.42 -6.72 -41.59
C GLU A 2 54.66 -7.69 -40.68
N GLN A 3 54.86 -7.53 -39.37
CA GLN A 3 54.23 -8.35 -38.35
C GLN A 3 53.46 -7.45 -37.41
N THR A 4 52.26 -7.87 -37.05
CA THR A 4 51.31 -7.07 -36.29
C THR A 4 50.79 -7.87 -35.11
N TYR A 5 50.26 -7.14 -34.13
CA TYR A 5 49.62 -7.75 -32.97
C TYR A 5 48.41 -6.91 -32.58
N VAL A 6 47.33 -7.59 -32.18
CA VAL A 6 46.08 -6.94 -31.80
C VAL A 6 45.67 -7.50 -30.44
N ILE A 7 45.60 -6.61 -29.45
CA ILE A 7 45.15 -6.96 -28.10
C ILE A 7 43.77 -6.35 -27.91
N SER A 8 42.77 -7.19 -27.66
CA SER A 8 41.40 -6.72 -27.48
C SER A 8 40.94 -6.92 -26.05
N ALA A 9 40.46 -5.85 -25.43
CA ALA A 9 39.94 -5.88 -24.08
C ALA A 9 38.67 -5.03 -24.02
N PRO A 10 37.82 -5.24 -22.99
CA PRO A 10 36.66 -4.35 -22.77
C PRO A 10 37.06 -2.89 -22.57
N LYS A 11 36.13 -1.99 -22.94
CA LYS A 11 36.36 -0.54 -22.80
C LYS A 11 36.71 -0.14 -21.36
N ILE A 12 36.10 -0.79 -20.37
CA ILE A 12 36.30 -0.47 -18.96
C ILE A 12 36.54 -1.80 -18.24
N PHE A 13 37.42 -1.79 -17.24
CA PHE A 13 37.59 -2.95 -16.38
C PHE A 13 36.62 -2.84 -15.20
N ARG A 14 36.03 -3.98 -14.83
CA ARG A 14 35.04 -4.03 -13.78
C ARG A 14 35.63 -4.82 -12.62
N VAL A 15 35.74 -4.16 -11.46
CA VAL A 15 36.32 -4.77 -10.26
C VAL A 15 35.58 -6.05 -9.92
N GLY A 16 36.33 -7.14 -9.72
CA GLY A 16 35.71 -8.39 -9.33
C GLY A 16 35.17 -9.20 -10.48
N ALA A 17 35.09 -8.65 -11.68
CA ALA A 17 34.57 -9.34 -12.85
C ALA A 17 35.65 -10.16 -13.53
N SER A 18 35.22 -11.29 -14.10
CA SER A 18 36.10 -12.12 -14.92
C SER A 18 36.16 -11.50 -16.32
N GLU A 19 37.19 -10.68 -16.56
CA GLU A 19 37.34 -9.97 -17.83
C GLU A 19 38.18 -10.83 -18.77
N ASN A 20 37.62 -11.15 -19.93
CA ASN A 20 38.31 -11.98 -20.92
C ASN A 20 39.11 -11.10 -21.87
N ILE A 21 40.40 -11.37 -21.99
CA ILE A 21 41.33 -10.59 -22.81
C ILE A 21 41.80 -11.45 -23.96
N VAL A 22 41.58 -10.97 -25.19
CA VAL A 22 41.93 -11.70 -26.40
C VAL A 22 43.21 -11.14 -26.99
N ILE A 23 44.09 -12.02 -27.45
CA ILE A 23 45.30 -11.66 -28.18
C ILE A 23 45.34 -12.39 -29.51
N GLN A 24 45.55 -11.65 -30.60
CA GLN A 24 45.62 -12.21 -31.94
C GLN A 24 46.82 -11.59 -32.64
N VAL A 25 47.86 -12.39 -32.88
CA VAL A 25 49.06 -11.90 -33.54
C VAL A 25 49.15 -12.47 -34.95
N TYR A 26 49.88 -11.75 -35.82
CA TYR A 26 49.96 -12.07 -37.24
C TYR A 26 51.38 -11.76 -37.72
N GLY A 27 51.90 -12.60 -38.61
CA GLY A 27 53.25 -12.45 -39.17
C GLY A 27 54.34 -13.24 -38.46
N TYR A 28 54.03 -13.82 -37.28
CA TYR A 28 54.89 -14.61 -36.41
C TYR A 28 54.80 -16.10 -36.77
N THR A 29 55.95 -16.77 -36.78
CA THR A 29 56.06 -18.20 -37.08
C THR A 29 56.40 -19.00 -35.84
N GLU A 30 56.26 -20.33 -35.99
CA GLU A 30 56.57 -21.37 -34.98
C GLU A 30 55.72 -21.15 -33.73
N ALA A 31 56.32 -21.11 -32.54
CA ALA A 31 55.54 -20.92 -31.34
C ALA A 31 56.29 -19.89 -30.51
N PHE A 32 55.53 -19.15 -29.72
CA PHE A 32 56.11 -18.18 -28.81
C PHE A 32 55.05 -17.90 -27.76
N ASP A 33 55.48 -17.39 -26.62
CA ASP A 33 54.64 -17.09 -25.47
C ASP A 33 54.41 -15.60 -25.20
N ALA A 34 53.26 -15.30 -24.58
CA ALA A 34 52.91 -13.93 -24.22
C ALA A 34 52.30 -13.88 -22.83
N THR A 35 52.70 -12.87 -22.04
CA THR A 35 52.19 -12.64 -20.69
C THR A 35 51.26 -11.44 -20.69
N ILE A 36 49.99 -11.65 -20.30
CA ILE A 36 49.02 -10.58 -20.10
C ILE A 36 48.94 -10.24 -18.61
N SER A 37 48.87 -8.94 -18.30
CA SER A 37 49.01 -8.42 -16.94
C SER A 37 48.19 -7.14 -16.77
N ILE A 38 47.59 -7.00 -15.58
CA ILE A 38 46.94 -5.79 -15.08
C ILE A 38 47.72 -5.20 -13.91
N LYS A 39 48.25 -3.99 -14.07
CA LYS A 39 49.10 -3.46 -13.02
C LYS A 39 48.49 -2.17 -12.51
N SER A 40 49.10 -1.61 -11.47
CA SER A 40 48.55 -0.40 -10.89
C SER A 40 48.99 0.78 -11.71
N TYR A 41 48.09 1.76 -11.83
CA TYR A 41 48.42 2.94 -12.60
C TYR A 41 49.53 3.75 -11.92
N PRO A 42 49.58 3.91 -10.57
CA PRO A 42 50.79 4.56 -10.04
C PRO A 42 52.10 3.78 -10.14
N ASP A 43 52.09 2.45 -9.99
CA ASP A 43 53.27 1.56 -9.94
C ASP A 43 53.04 0.30 -10.74
N LYS A 44 53.91 0.02 -11.73
CA LYS A 44 53.60 -1.19 -12.46
C LYS A 44 54.24 -2.40 -11.77
N LYS A 45 54.79 -2.16 -10.58
CA LYS A 45 55.38 -3.20 -9.73
C LYS A 45 54.30 -4.09 -9.15
N PHE A 46 53.17 -3.51 -8.76
CA PHE A 46 52.13 -4.32 -8.16
C PHE A 46 51.31 -4.96 -9.27
N SER A 47 51.03 -6.25 -9.09
CA SER A 47 50.26 -7.10 -9.99
C SER A 47 48.86 -7.51 -9.50
N TYR A 48 47.82 -6.89 -10.06
CA TYR A 48 46.46 -7.29 -9.66
C TYR A 48 46.12 -8.73 -10.07
N SER A 49 46.52 -9.14 -11.27
CA SER A 49 46.44 -10.52 -11.77
C SER A 49 47.26 -10.62 -13.06
N SER A 50 47.44 -11.85 -13.53
CA SER A 50 48.22 -12.13 -14.74
C SER A 50 47.92 -13.57 -15.20
N GLY A 51 48.12 -13.81 -16.49
CA GLY A 51 47.92 -15.14 -17.05
C GLY A 51 48.88 -15.37 -18.20
N HIS A 52 49.28 -16.63 -18.37
CA HIS A 52 50.17 -17.03 -19.44
C HIS A 52 49.38 -17.64 -20.58
N VAL A 53 49.66 -17.22 -21.81
CA VAL A 53 49.01 -17.76 -23.01
C VAL A 53 50.05 -18.22 -24.02
N HIS A 54 49.82 -19.38 -24.62
CA HIS A 54 50.71 -19.92 -25.64
C HIS A 54 50.13 -19.63 -27.01
N LEU A 55 50.98 -19.20 -27.94
CA LEU A 55 50.58 -18.86 -29.31
C LEU A 55 51.36 -19.69 -30.30
N SER A 56 50.65 -20.45 -31.14
CA SER A 56 51.32 -21.34 -32.08
C SER A 56 50.44 -21.53 -33.32
N SER A 57 50.97 -22.28 -34.29
CA SER A 57 50.21 -22.65 -35.48
C SER A 57 49.04 -23.56 -35.15
N GLU A 58 49.25 -24.50 -34.22
CA GLU A 58 48.16 -25.30 -33.66
C GLU A 58 47.08 -24.41 -33.06
N ASN A 59 47.47 -23.28 -32.49
CA ASN A 59 46.59 -22.31 -31.86
C ASN A 59 46.09 -21.26 -32.84
N LYS A 60 46.58 -21.29 -34.09
CA LYS A 60 46.38 -20.23 -35.10
C LYS A 60 46.84 -18.84 -34.59
N PHE A 61 47.79 -18.86 -33.64
CA PHE A 61 48.40 -17.67 -33.01
C PHE A 61 47.33 -16.76 -32.43
N GLN A 62 46.35 -17.37 -31.77
CA GLN A 62 45.28 -16.68 -31.06
C GLN A 62 44.96 -17.44 -29.79
N ASN A 63 44.78 -16.69 -28.70
CA ASN A 63 44.50 -17.28 -27.40
C ASN A 63 43.70 -16.28 -26.58
N SER A 64 43.24 -16.75 -25.44
CA SER A 64 42.38 -15.96 -24.57
C SER A 64 42.83 -16.17 -23.13
N ALA A 65 42.65 -15.13 -22.32
CA ALA A 65 43.01 -15.18 -20.91
C ALA A 65 42.00 -14.39 -20.10
N ILE A 66 41.51 -15.01 -19.03
CA ILE A 66 40.51 -14.41 -18.17
C ILE A 66 41.22 -13.83 -16.95
N LEU A 67 41.13 -12.51 -16.80
CA LEU A 67 41.76 -11.84 -15.67
C LEU A 67 40.69 -11.29 -14.73
N THR A 68 41.11 -11.05 -13.49
CA THR A 68 40.20 -10.57 -12.46
C THR A 68 40.95 -9.62 -11.53
N ILE A 69 40.42 -8.41 -11.38
CA ILE A 69 40.92 -7.46 -10.40
C ILE A 69 40.19 -7.77 -9.10
N GLN A 70 40.90 -8.38 -8.16
CA GLN A 70 40.31 -8.76 -6.89
C GLN A 70 39.99 -7.53 -6.05
N PRO A 71 38.76 -7.43 -5.51
CA PRO A 71 38.40 -6.27 -4.67
C PRO A 71 39.28 -6.12 -3.44
N LYS A 72 39.65 -7.24 -2.83
CA LYS A 72 40.48 -7.26 -1.63
C LYS A 72 41.89 -6.70 -1.86
N GLN A 73 42.36 -6.63 -3.11
CA GLN A 73 43.69 -6.08 -3.39
C GLN A 73 43.64 -4.56 -3.41
N LEU A 74 42.51 -4.02 -3.87
CA LEU A 74 42.29 -2.59 -3.92
C LEU A 74 42.29 -2.07 -2.48
N PRO A 75 42.89 -0.90 -2.23
CA PRO A 75 42.88 -0.34 -0.87
C PRO A 75 41.46 -0.09 -0.39
N GLY A 76 41.31 0.15 0.91
CA GLY A 76 39.96 0.25 1.37
C GLY A 76 39.64 1.54 2.07
N GLY A 77 40.36 2.55 1.63
CA GLY A 77 40.06 3.90 1.97
C GLY A 77 39.02 4.31 0.94
N GLN A 78 38.47 5.51 1.09
CA GLN A 78 37.21 5.80 0.42
C GLN A 78 37.46 6.12 -1.05
N ASN A 79 38.39 7.06 -1.31
CA ASN A 79 38.80 7.61 -2.59
C ASN A 79 39.13 6.47 -3.54
N PRO A 80 38.27 6.23 -4.52
CA PRO A 80 38.44 5.06 -5.39
C PRO A 80 39.53 5.21 -6.45
N VAL A 81 40.00 4.04 -6.89
CA VAL A 81 41.02 3.94 -7.92
C VAL A 81 40.32 4.30 -9.22
N SER A 82 40.97 5.13 -10.05
CA SER A 82 40.34 5.40 -11.34
C SER A 82 41.03 4.77 -12.53
N TYR A 83 42.33 4.50 -12.49
CA TYR A 83 42.97 3.94 -13.68
C TYR A 83 43.80 2.73 -13.30
N VAL A 84 43.96 1.80 -14.25
CA VAL A 84 44.88 0.68 -14.15
C VAL A 84 45.68 0.59 -15.44
N TYR A 85 46.72 -0.24 -15.43
CA TYR A 85 47.58 -0.43 -16.58
C TYR A 85 47.25 -1.81 -17.16
N LEU A 86 46.89 -1.87 -18.45
CA LEU A 86 46.86 -3.13 -19.16
C LEU A 86 48.19 -3.33 -19.86
N GLU A 87 48.87 -4.45 -19.61
CA GLU A 87 50.22 -4.65 -20.10
C GLU A 87 50.35 -6.02 -20.74
N VAL A 88 51.00 -6.06 -21.90
CA VAL A 88 51.34 -7.30 -22.58
C VAL A 88 52.84 -7.32 -22.82
N VAL A 89 53.50 -8.40 -22.39
CA VAL A 89 54.94 -8.56 -22.50
C VAL A 89 55.20 -9.92 -23.13
N SER A 90 56.15 -9.97 -24.09
CA SER A 90 56.56 -11.21 -24.72
C SER A 90 58.00 -11.03 -25.18
N LYS A 91 58.55 -12.10 -25.78
CA LYS A 91 59.89 -12.04 -26.36
C LYS A 91 60.00 -10.96 -27.44
N HIS A 92 58.91 -10.69 -28.16
CA HIS A 92 58.90 -9.83 -29.33
C HIS A 92 58.46 -8.40 -29.06
N PHE A 93 57.50 -8.17 -28.16
CA PHE A 93 56.92 -6.84 -28.02
C PHE A 93 56.53 -6.56 -26.57
N SER A 94 56.35 -5.27 -26.28
CA SER A 94 55.90 -4.81 -24.97
C SER A 94 55.13 -3.51 -25.16
N LYS A 95 53.82 -3.55 -24.89
CA LYS A 95 52.90 -2.45 -25.08
C LYS A 95 52.00 -2.34 -23.85
N SER A 96 51.73 -1.11 -23.42
CA SER A 96 50.89 -0.88 -22.25
C SER A 96 49.80 0.15 -22.56
N LYS A 97 48.81 0.23 -21.67
CA LYS A 97 47.67 1.12 -21.88
C LYS A 97 46.99 1.50 -20.58
N ARG A 98 46.50 2.74 -20.53
CA ARG A 98 45.77 3.29 -19.40
C ARG A 98 44.30 2.89 -19.50
N MET A 99 43.79 2.17 -18.50
CA MET A 99 42.41 1.67 -18.50
C MET A 99 41.59 2.25 -17.36
N PRO A 100 40.42 2.86 -17.61
CA PRO A 100 39.55 3.27 -16.50
C PRO A 100 38.86 2.07 -15.86
N ILE A 101 38.54 2.19 -14.57
CA ILE A 101 37.78 1.16 -13.87
C ILE A 101 36.50 1.73 -13.29
N THR A 102 35.47 0.86 -13.18
CA THR A 102 34.23 1.17 -12.48
C THR A 102 33.95 0.16 -11.36
N TYR A 103 33.31 0.63 -10.29
CA TYR A 103 32.90 -0.26 -9.19
C TYR A 103 31.45 -0.71 -9.32
N ASP A 104 30.86 -0.53 -10.50
CA ASP A 104 29.51 -0.97 -10.82
C ASP A 104 29.73 -2.36 -11.42
N ASN A 105 29.26 -3.40 -10.74
CA ASN A 105 29.55 -4.72 -11.26
C ASN A 105 28.36 -5.68 -11.23
N GLY A 106 27.54 -5.60 -10.19
CA GLY A 106 26.33 -6.39 -10.08
C GLY A 106 25.10 -5.70 -10.63
N PHE A 107 23.95 -6.28 -10.31
CA PHE A 107 22.64 -5.80 -10.73
C PHE A 107 21.72 -6.06 -9.55
N LEU A 108 20.89 -5.09 -9.21
CA LEU A 108 19.99 -5.22 -8.07
C LEU A 108 18.55 -4.92 -8.45
N PHE A 109 17.74 -5.96 -8.62
CA PHE A 109 16.33 -5.77 -8.94
C PHE A 109 15.51 -5.89 -7.67
N ILE A 110 14.88 -4.79 -7.29
CA ILE A 110 14.01 -4.75 -6.12
C ILE A 110 12.62 -5.10 -6.61
N HIS A 111 12.04 -6.15 -6.04
CA HIS A 111 10.72 -6.63 -6.44
C HIS A 111 9.83 -6.48 -5.22
N THR A 112 8.88 -5.56 -5.31
CA THR A 112 7.81 -5.43 -4.34
C THR A 112 6.56 -6.07 -4.91
N ASP A 113 5.71 -6.62 -4.02
CA ASP A 113 4.55 -7.38 -4.48
C ASP A 113 3.56 -6.50 -5.24
N LYS A 114 3.32 -5.29 -4.77
CA LYS A 114 2.41 -4.36 -5.40
C LYS A 114 3.14 -3.04 -5.58
N PRO A 115 2.70 -2.19 -6.51
CA PRO A 115 3.27 -0.85 -6.64
C PRO A 115 2.53 0.24 -5.88
N VAL A 116 1.33 -0.05 -5.37
CA VAL A 116 0.50 0.91 -4.65
C VAL A 116 0.00 0.23 -3.38
N TYR A 117 0.08 0.93 -2.25
CA TYR A 117 -0.36 0.37 -0.97
C TYR A 117 -1.28 1.35 -0.25
N THR A 118 -2.14 0.77 0.58
CA THR A 118 -3.04 1.47 1.49
C THR A 118 -2.56 1.23 2.92
N PRO A 119 -2.96 2.09 3.88
CA PRO A 119 -2.45 1.96 5.27
C PRO A 119 -2.68 0.61 5.92
N ASP A 120 -1.78 0.27 6.85
CA ASP A 120 -1.73 -0.97 7.64
C ASP A 120 -1.36 -2.23 6.85
N GLN A 121 -1.15 -2.13 5.53
CA GLN A 121 -0.69 -3.28 4.78
C GLN A 121 0.81 -3.49 5.02
N SER A 122 1.28 -4.68 4.65
CA SER A 122 2.68 -5.04 4.78
C SER A 122 3.26 -5.22 3.39
N VAL A 123 4.35 -4.54 3.12
CA VAL A 123 5.02 -4.61 1.83
C VAL A 123 5.96 -5.81 1.82
N LYS A 124 5.66 -6.78 0.96
CA LYS A 124 6.58 -7.88 0.71
C LYS A 124 7.61 -7.46 -0.33
N VAL A 125 8.89 -7.63 -0.01
CA VAL A 125 9.98 -7.15 -0.84
C VAL A 125 11.11 -8.16 -0.83
N ARG A 126 11.60 -8.52 -2.01
CA ARG A 126 12.82 -9.31 -2.11
C ARG A 126 13.69 -8.71 -3.22
N VAL A 127 14.96 -9.08 -3.22
CA VAL A 127 15.93 -8.54 -4.17
C VAL A 127 16.61 -9.69 -4.91
N TYR A 128 16.61 -9.62 -6.23
CA TYR A 128 17.43 -10.50 -7.06
C TYR A 128 18.75 -9.82 -7.34
N SER A 129 19.86 -10.46 -6.96
CA SER A 129 21.18 -9.85 -7.01
C SER A 129 22.00 -10.78 -7.89
N LEU A 130 22.42 -10.30 -9.05
CA LEU A 130 23.27 -11.05 -9.97
C LEU A 130 24.59 -10.31 -10.14
N ASN A 131 25.66 -11.05 -10.45
CA ASN A 131 26.93 -10.41 -10.78
C ASN A 131 26.99 -10.06 -12.25
N ASP A 132 28.16 -9.61 -12.69
CA ASP A 132 28.33 -9.18 -14.07
C ASP A 132 28.16 -10.33 -15.06
N ASP A 133 28.49 -11.56 -14.66
CA ASP A 133 28.33 -12.70 -15.54
C ASP A 133 26.91 -13.33 -15.40
N LEU A 134 25.92 -12.61 -14.81
CA LEU A 134 24.53 -13.11 -14.72
C LEU A 134 24.48 -14.45 -13.96
N LYS A 135 25.12 -14.47 -12.81
CA LYS A 135 25.19 -15.63 -11.94
C LYS A 135 24.72 -15.22 -10.55
N PRO A 136 24.26 -16.19 -9.72
CA PRO A 136 23.74 -15.85 -8.36
C PRO A 136 24.58 -14.90 -7.52
N ALA A 137 25.89 -15.08 -7.39
CA ALA A 137 26.67 -14.19 -6.51
C ALA A 137 26.23 -13.96 -5.07
N LYS A 138 26.52 -14.86 -4.15
CA LYS A 138 26.11 -14.68 -2.76
C LYS A 138 26.78 -13.47 -2.09
N ARG A 139 26.35 -12.24 -2.40
CA ARG A 139 26.85 -11.04 -1.74
C ARG A 139 25.78 -10.45 -0.81
N GLU A 140 26.20 -10.00 0.37
CA GLU A 140 25.28 -9.39 1.33
C GLU A 140 24.78 -8.01 0.87
N THR A 141 23.50 -7.73 1.09
CA THR A 141 22.84 -6.58 0.50
C THR A 141 22.16 -5.73 1.57
N VAL A 142 22.18 -4.41 1.42
CA VAL A 142 21.57 -3.48 2.38
C VAL A 142 20.42 -2.75 1.69
N LEU A 143 19.23 -2.82 2.29
CA LEU A 143 18.05 -2.08 1.85
C LEU A 143 17.75 -0.91 2.77
N THR A 144 17.44 0.23 2.15
CA THR A 144 17.08 1.45 2.86
C THR A 144 15.70 1.87 2.36
N PHE A 145 14.86 2.36 3.27
CA PHE A 145 13.52 2.82 2.95
C PHE A 145 13.48 4.32 3.16
N ILE A 146 13.14 5.05 2.10
CA ILE A 146 13.02 6.49 2.10
C ILE A 146 11.58 6.89 1.85
N ASP A 147 11.05 7.74 2.72
CA ASP A 147 9.67 8.20 2.68
C ASP A 147 9.55 9.36 1.68
N PRO A 148 8.34 9.81 1.31
CA PRO A 148 8.22 10.92 0.34
C PRO A 148 8.90 12.23 0.73
N GLU A 149 9.32 12.42 1.98
CA GLU A 149 9.99 13.64 2.41
C GLU A 149 11.50 13.49 2.45
N GLY A 150 12.03 12.39 1.97
CA GLY A 150 13.46 12.19 1.88
C GLY A 150 14.13 11.66 3.13
N SER A 151 13.36 11.20 4.11
CA SER A 151 13.91 10.67 5.35
C SER A 151 14.13 9.17 5.23
N GLU A 152 15.33 8.72 5.58
CA GLU A 152 15.61 7.29 5.69
C GLU A 152 15.01 6.77 6.98
N VAL A 153 13.92 6.00 6.86
CA VAL A 153 13.12 5.62 8.01
C VAL A 153 13.37 4.19 8.46
N ASP A 154 14.03 3.37 7.65
CA ASP A 154 14.35 2.01 8.05
C ASP A 154 15.52 1.54 7.19
N MET A 155 16.39 0.75 7.79
CA MET A 155 17.48 0.13 7.05
C MET A 155 17.57 -1.29 7.58
N VAL A 156 17.74 -2.24 6.67
CA VAL A 156 17.83 -3.65 7.03
C VAL A 156 18.72 -4.35 6.03
N GLU A 157 19.66 -5.14 6.56
CA GLU A 157 20.59 -5.92 5.76
C GLU A 157 20.28 -7.39 5.93
N GLU A 158 20.59 -8.16 4.88
CA GLU A 158 20.31 -9.59 4.84
C GLU A 158 21.44 -10.21 4.04
N ILE A 159 21.84 -11.40 4.47
CA ILE A 159 22.84 -12.17 3.75
C ILE A 159 22.17 -12.84 2.56
N ASP A 160 22.95 -13.16 1.54
CA ASP A 160 22.43 -13.74 0.31
C ASP A 160 23.03 -15.12 0.24
N HIS A 161 22.16 -16.12 0.13
CA HIS A 161 22.57 -17.50 0.07
C HIS A 161 22.45 -18.12 -1.33
N ILE A 162 21.37 -17.80 -2.04
CA ILE A 162 21.01 -18.48 -3.28
C ILE A 162 20.94 -17.54 -4.48
N GLY A 163 21.21 -16.25 -4.29
CA GLY A 163 20.98 -15.25 -5.32
C GLY A 163 19.64 -14.59 -5.26
N ILE A 164 18.72 -15.11 -4.46
CA ILE A 164 17.43 -14.48 -4.15
C ILE A 164 17.50 -14.12 -2.68
N ILE A 165 17.30 -12.85 -2.37
CA ILE A 165 17.43 -12.36 -1.00
C ILE A 165 16.05 -11.95 -0.53
N SER A 166 15.50 -12.68 0.45
CA SER A 166 14.21 -12.37 1.02
C SER A 166 14.38 -11.48 2.24
N PHE A 167 13.67 -10.34 2.25
CA PHE A 167 13.74 -9.39 3.35
C PHE A 167 12.45 -9.43 4.15
N PRO A 168 12.50 -9.05 5.44
CA PRO A 168 11.26 -8.95 6.23
C PRO A 168 10.31 -7.90 5.67
N ASP A 169 9.02 -8.14 5.87
CA ASP A 169 7.99 -7.25 5.33
C ASP A 169 8.04 -5.90 6.04
N PHE A 170 7.81 -4.84 5.27
CA PHE A 170 7.78 -3.49 5.82
C PHE A 170 6.34 -3.12 6.13
N LYS A 171 6.05 -2.89 7.40
CA LYS A 171 4.70 -2.57 7.83
C LYS A 171 4.42 -1.09 7.61
N ILE A 172 3.40 -0.79 6.81
CA ILE A 172 3.00 0.60 6.61
C ILE A 172 2.23 1.05 7.86
N PRO A 173 2.57 2.21 8.43
CA PRO A 173 1.90 2.67 9.66
C PRO A 173 0.41 2.89 9.47
N SER A 174 -0.31 2.92 10.59
CA SER A 174 -1.76 3.10 10.56
C SER A 174 -2.14 4.43 9.94
N ASN A 175 -1.40 5.49 10.26
CA ASN A 175 -1.56 6.81 9.63
C ASN A 175 -0.21 7.20 9.07
N PRO A 176 0.17 6.72 7.87
CA PRO A 176 1.54 6.94 7.39
C PRO A 176 1.71 8.23 6.59
N ARG A 177 2.94 8.56 6.18
CA ARG A 177 3.12 9.64 5.21
C ARG A 177 2.83 9.15 3.80
N TYR A 178 1.80 9.74 3.20
CA TYR A 178 1.31 9.37 1.89
C TYR A 178 2.15 10.02 0.78
N GLY A 179 2.25 9.31 -0.34
CA GLY A 179 3.02 9.74 -1.50
C GLY A 179 3.96 8.68 -2.06
N MET A 180 5.02 9.12 -2.74
CA MET A 180 5.93 8.23 -3.47
C MET A 180 7.12 7.87 -2.59
N TRP A 181 7.22 6.59 -2.24
CA TRP A 181 8.33 6.02 -1.48
C TRP A 181 9.40 5.44 -2.39
N THR A 182 10.66 5.53 -1.93
CA THR A 182 11.83 5.03 -2.65
C THR A 182 12.54 3.96 -1.84
N ILE A 183 12.86 2.83 -2.47
CA ILE A 183 13.73 1.80 -1.91
C ILE A 183 15.07 1.78 -2.64
N LYS A 184 16.17 1.81 -1.89
CA LYS A 184 17.53 1.81 -2.45
C LYS A 184 18.32 0.59 -1.98
N ALA A 185 18.78 -0.22 -2.93
CA ALA A 185 19.64 -1.37 -2.67
C ALA A 185 21.11 -1.05 -2.93
N LYS A 186 21.99 -1.70 -2.16
CA LYS A 186 23.42 -1.47 -2.25
C LYS A 186 24.15 -2.68 -1.68
N TYR A 187 25.43 -2.81 -2.04
CA TYR A 187 26.32 -3.82 -1.46
C TYR A 187 27.05 -3.32 -0.23
N LYS A 188 27.21 -4.22 0.75
CA LYS A 188 27.81 -3.89 2.04
C LYS A 188 29.32 -3.65 2.00
N GLU A 189 30.09 -4.26 1.07
CA GLU A 189 31.52 -4.03 1.28
C GLU A 189 32.30 -3.56 0.07
N ASP A 190 32.02 -4.07 -1.11
CA ASP A 190 32.98 -4.10 -2.22
C ASP A 190 32.66 -3.21 -3.40
N PHE A 191 31.38 -3.09 -3.77
CA PHE A 191 31.00 -2.50 -5.03
C PHE A 191 30.09 -1.31 -4.79
N SER A 192 29.94 -0.50 -5.84
CA SER A 192 29.13 0.71 -5.79
C SER A 192 27.81 0.57 -6.56
N THR A 193 27.48 -0.65 -6.96
CA THR A 193 26.23 -0.95 -7.64
C THR A 193 25.03 -0.55 -6.81
N THR A 194 24.02 0.02 -7.47
CA THR A 194 22.79 0.42 -6.78
C THR A 194 21.60 -0.08 -7.58
N GLY A 195 20.52 -0.36 -6.85
CA GLY A 195 19.22 -0.66 -7.43
C GLY A 195 18.20 0.29 -6.83
N THR A 196 17.11 0.55 -7.52
CA THR A 196 16.12 1.51 -7.05
C THR A 196 14.73 1.06 -7.50
N ALA A 197 13.77 1.13 -6.58
CA ALA A 197 12.38 0.87 -6.91
C ALA A 197 11.52 1.93 -6.24
N TYR A 198 10.27 2.04 -6.70
CA TYR A 198 9.33 3.01 -6.18
C TYR A 198 8.00 2.33 -5.87
N PHE A 199 7.31 2.86 -4.86
CA PHE A 199 5.94 2.47 -4.57
C PHE A 199 5.19 3.62 -3.90
N GLU A 200 3.92 3.79 -4.28
CA GLU A 200 3.12 4.88 -3.74
C GLU A 200 2.29 4.37 -2.57
N VAL A 201 2.13 5.21 -1.55
CA VAL A 201 1.20 4.96 -0.46
C VAL A 201 0.09 5.99 -0.51
N LYS A 202 -1.14 5.54 -0.80
CA LYS A 202 -2.29 6.42 -0.94
C LYS A 202 -3.34 6.07 0.11
N GLU A 203 -4.08 7.08 0.54
CA GLU A 203 -5.10 6.87 1.56
C GLU A 203 -6.38 6.35 0.92
N TYR A 204 -6.92 5.27 1.49
CA TYR A 204 -8.16 4.71 0.98
C TYR A 204 -9.33 5.60 1.40
N VAL A 205 -10.22 5.87 0.44
CA VAL A 205 -11.46 6.59 0.68
C VAL A 205 -12.57 5.75 0.07
N LEU A 206 -13.62 5.51 0.85
CA LEU A 206 -14.74 4.69 0.40
C LEU A 206 -15.48 5.44 -0.70
N PRO A 207 -15.61 4.88 -1.90
CA PRO A 207 -16.35 5.55 -2.97
C PRO A 207 -17.84 5.25 -2.94
N HIS A 208 -18.61 6.26 -3.33
CA HIS A 208 -20.06 6.08 -3.38
C HIS A 208 -20.41 5.30 -4.64
N PHE A 209 -19.76 5.64 -5.75
CA PHE A 209 -19.95 4.93 -7.00
C PHE A 209 -18.64 5.00 -7.79
N SER A 210 -18.63 4.31 -8.92
CA SER A 210 -17.47 4.20 -9.80
C SER A 210 -17.73 5.08 -11.01
N VAL A 211 -16.75 5.88 -11.42
CA VAL A 211 -16.90 6.78 -12.56
C VAL A 211 -15.84 6.41 -13.60
N SER A 212 -16.29 6.19 -14.83
CA SER A 212 -15.41 5.83 -15.93
C SER A 212 -15.57 6.82 -17.07
N ILE A 213 -14.45 7.18 -17.69
CA ILE A 213 -14.43 8.05 -18.85
C ILE A 213 -13.86 7.24 -20.01
N GLU A 214 -14.54 7.26 -21.15
CA GLU A 214 -14.09 6.52 -22.32
C GLU A 214 -13.98 7.42 -23.55
N PRO A 215 -12.77 7.80 -23.95
CA PRO A 215 -12.58 8.57 -25.18
C PRO A 215 -12.69 7.68 -26.40
N GLU A 216 -12.89 8.33 -27.56
CA GLU A 216 -12.99 7.61 -28.83
C GLU A 216 -11.70 6.88 -29.16
N TYR A 217 -10.56 7.55 -28.97
CA TYR A 217 -9.24 6.96 -29.18
C TYR A 217 -8.30 7.46 -28.09
N ASN A 218 -7.16 6.78 -27.96
CA ASN A 218 -6.12 7.20 -27.03
C ASN A 218 -5.26 8.34 -27.57
N PHE A 219 -5.41 8.67 -28.85
CA PHE A 219 -4.69 9.77 -29.48
C PHE A 219 -5.65 10.56 -30.36
N ILE A 220 -5.28 11.81 -30.64
CA ILE A 220 -6.09 12.72 -31.43
C ILE A 220 -5.36 13.09 -32.72
N GLY A 221 -5.88 12.60 -33.84
CA GLY A 221 -5.32 12.88 -35.15
C GLY A 221 -6.06 14.00 -35.85
N TYR A 222 -5.77 14.15 -37.15
CA TYR A 222 -6.40 15.20 -37.94
C TYR A 222 -7.88 14.94 -38.18
N LYS A 223 -8.30 13.67 -38.14
CA LYS A 223 -9.69 13.33 -38.38
C LYS A 223 -10.59 13.68 -37.21
N ASN A 224 -10.07 13.61 -35.98
CA ASN A 224 -10.84 13.93 -34.79
C ASN A 224 -10.48 15.29 -34.21
N PHE A 225 -9.84 16.15 -35.00
CA PHE A 225 -9.52 17.50 -34.54
C PHE A 225 -10.74 18.40 -34.50
N LYS A 226 -11.82 18.05 -35.22
CA LYS A 226 -13.05 18.81 -35.16
C LYS A 226 -14.09 18.21 -34.22
N ASN A 227 -14.02 16.91 -33.96
CA ASN A 227 -14.96 16.24 -33.08
C ASN A 227 -14.27 15.07 -32.41
N PHE A 228 -14.38 14.99 -31.09
CA PHE A 228 -13.76 13.91 -30.33
C PHE A 228 -14.82 13.40 -29.37
N GLU A 229 -15.31 12.19 -29.62
CA GLU A 229 -16.39 11.62 -28.84
C GLU A 229 -15.87 11.13 -27.50
N ILE A 230 -16.64 11.39 -26.45
CA ILE A 230 -16.27 11.01 -25.08
C ILE A 230 -17.51 10.40 -24.43
N THR A 231 -17.38 9.18 -23.93
CA THR A 231 -18.49 8.47 -23.30
C THR A 231 -18.15 8.33 -21.82
N ILE A 232 -19.01 8.91 -20.98
CA ILE A 232 -18.82 8.94 -19.53
C ILE A 232 -19.86 8.03 -18.90
N LYS A 233 -19.40 6.97 -18.25
CA LYS A 233 -20.25 6.01 -17.56
C LYS A 233 -20.00 6.15 -16.06
N ALA A 234 -20.97 5.69 -15.27
CA ALA A 234 -20.93 5.74 -13.82
C ALA A 234 -21.88 4.66 -13.37
N ARG A 235 -21.43 3.87 -12.41
CA ARG A 235 -22.16 2.73 -11.89
C ARG A 235 -21.89 2.51 -10.41
N TYR A 236 -22.86 1.93 -9.74
CA TYR A 236 -22.67 1.58 -8.33
C TYR A 236 -21.72 0.39 -8.22
N PHE A 237 -21.76 -0.30 -7.07
CA PHE A 237 -20.85 -1.43 -6.86
C PHE A 237 -21.34 -2.55 -7.76
N TYR A 238 -20.40 -3.15 -8.48
CA TYR A 238 -20.54 -4.37 -9.25
C TYR A 238 -21.40 -4.09 -10.48
N ASN A 239 -22.37 -4.94 -10.78
CA ASN A 239 -23.40 -4.75 -11.82
C ASN A 239 -24.35 -3.56 -11.67
N LYS A 240 -24.70 -3.10 -10.46
CA LYS A 240 -25.59 -1.94 -10.31
C LYS A 240 -25.04 -0.69 -10.99
N VAL A 241 -25.96 0.09 -11.59
CA VAL A 241 -25.68 1.32 -12.36
C VAL A 241 -26.53 2.51 -11.88
N VAL A 242 -25.90 3.70 -11.91
CA VAL A 242 -26.50 4.99 -11.60
C VAL A 242 -27.58 5.43 -12.59
N THR A 243 -28.76 5.76 -12.04
CA THR A 243 -29.96 6.09 -12.80
C THR A 243 -29.94 7.50 -13.39
N GLU A 244 -29.81 8.54 -12.54
CA GLU A 244 -29.80 9.95 -12.96
C GLU A 244 -28.67 10.72 -12.26
N ALA A 245 -27.96 11.56 -13.02
CA ALA A 245 -26.90 12.39 -12.44
C ALA A 245 -26.57 13.60 -13.32
N ASP A 246 -25.77 14.51 -12.75
CA ASP A 246 -25.28 15.71 -13.42
C ASP A 246 -23.79 15.55 -13.71
N VAL A 247 -23.40 15.72 -14.96
CA VAL A 247 -22.02 15.54 -15.40
C VAL A 247 -21.43 16.90 -15.74
N TYR A 248 -20.32 17.23 -15.11
CA TYR A 248 -19.58 18.46 -15.38
C TYR A 248 -18.15 18.10 -15.80
N ILE A 249 -17.73 18.64 -16.94
CA ILE A 249 -16.44 18.31 -17.55
C ILE A 249 -15.63 19.57 -17.78
N THR A 250 -14.41 19.59 -17.26
CA THR A 250 -13.45 20.67 -17.48
C THR A 250 -12.28 20.10 -18.27
N PHE A 251 -11.73 20.89 -19.18
CA PHE A 251 -10.66 20.45 -20.06
C PHE A 251 -9.40 21.28 -19.86
N GLY A 252 -8.24 20.63 -20.03
CA GLY A 252 -6.97 21.31 -19.91
C GLY A 252 -5.95 20.76 -20.90
N ILE A 253 -4.88 21.52 -21.08
CA ILE A 253 -3.72 21.15 -21.90
C ILE A 253 -2.55 20.85 -20.98
N ARG A 254 -1.84 19.75 -21.24
CA ARG A 254 -0.79 19.28 -20.36
C ARG A 254 0.48 19.07 -21.17
N GLU A 255 1.61 19.50 -20.60
CA GLU A 255 2.90 19.39 -21.27
C GLU A 255 3.40 17.95 -21.28
N ASP A 256 3.56 17.37 -20.09
CA ASP A 256 3.97 15.97 -19.95
C ASP A 256 3.23 15.39 -18.75
N LEU A 257 3.13 14.06 -18.73
CA LEU A 257 2.38 13.40 -17.67
C LEU A 257 3.10 13.34 -16.33
N LYS A 258 4.43 13.48 -16.31
CA LYS A 258 5.14 13.49 -15.04
C LYS A 258 4.87 14.76 -14.22
N ASP A 259 4.90 15.91 -14.88
CA ASP A 259 4.65 17.17 -14.19
C ASP A 259 3.16 17.41 -14.03
N ASP A 260 2.74 17.73 -12.81
CA ASP A 260 1.34 17.98 -12.47
C ASP A 260 0.86 19.38 -12.83
N GLN A 261 1.59 20.10 -13.67
CA GLN A 261 1.21 21.44 -14.11
C GLN A 261 0.33 21.30 -15.35
N LYS A 262 -0.65 22.19 -15.47
CA LYS A 262 -1.59 22.14 -16.58
C LYS A 262 -2.18 23.51 -16.87
N GLU A 263 -2.53 23.70 -18.14
CA GLU A 263 -3.13 24.92 -18.66
C GLU A 263 -4.60 24.70 -18.99
N MET A 264 -5.49 25.33 -18.22
CA MET A 264 -6.91 25.14 -18.40
C MET A 264 -7.39 25.86 -19.65
N MET A 265 -8.60 25.50 -20.05
CA MET A 265 -9.38 26.02 -21.18
C MET A 265 -10.74 26.32 -20.55
N GLN A 266 -10.99 27.59 -20.21
CA GLN A 266 -12.22 27.94 -19.52
C GLN A 266 -13.49 27.84 -20.38
N THR A 267 -13.41 27.43 -21.65
CA THR A 267 -14.59 27.20 -22.49
C THR A 267 -14.95 25.71 -22.37
N ALA A 268 -15.43 25.31 -21.20
CA ALA A 268 -15.73 23.91 -20.99
C ALA A 268 -17.21 23.58 -21.17
N MET A 269 -17.48 22.29 -21.39
CA MET A 269 -18.86 21.83 -21.54
C MET A 269 -19.48 21.68 -20.16
N GLN A 270 -20.81 21.76 -20.12
CA GLN A 270 -21.46 21.80 -18.82
C GLN A 270 -22.93 21.41 -18.87
N ASN A 271 -23.36 20.78 -17.78
CA ASN A 271 -24.71 20.27 -17.54
C ASN A 271 -25.22 19.24 -18.56
N THR A 272 -24.59 18.07 -18.60
CA THR A 272 -25.12 17.10 -19.53
C THR A 272 -25.88 16.12 -18.63
N MET A 273 -26.53 15.11 -19.18
CA MET A 273 -27.29 14.21 -18.34
C MET A 273 -26.73 12.79 -18.32
N LEU A 274 -26.51 12.26 -17.14
CA LEU A 274 -26.17 10.84 -17.00
C LEU A 274 -27.50 10.10 -16.98
N ILE A 275 -27.79 9.31 -18.00
CA ILE A 275 -29.08 8.64 -18.09
C ILE A 275 -28.81 7.14 -18.18
N ASN A 276 -29.36 6.37 -17.23
CA ASN A 276 -29.29 4.91 -17.20
C ASN A 276 -27.85 4.40 -17.19
N GLY A 277 -26.93 5.19 -16.65
CA GLY A 277 -25.56 4.77 -16.46
C GLY A 277 -24.59 5.38 -17.44
N ILE A 278 -25.04 5.87 -18.60
CA ILE A 278 -24.15 6.31 -19.66
C ILE A 278 -24.52 7.73 -20.07
N ALA A 279 -23.50 8.58 -20.29
CA ALA A 279 -23.63 9.90 -20.89
C ALA A 279 -22.56 10.07 -21.96
N GLN A 280 -22.80 11.00 -22.89
CA GLN A 280 -21.89 11.23 -24.00
C GLN A 280 -21.81 12.72 -24.33
N VAL A 281 -20.60 13.17 -24.70
CA VAL A 281 -20.34 14.52 -25.18
C VAL A 281 -19.36 14.45 -26.35
N THR A 282 -19.27 15.55 -27.10
CA THR A 282 -18.29 15.69 -28.18
C THR A 282 -17.47 16.95 -27.94
N PHE A 283 -16.15 16.83 -28.09
CA PHE A 283 -15.22 17.92 -27.84
C PHE A 283 -14.67 18.47 -29.16
N ASP A 284 -14.99 19.74 -29.44
CA ASP A 284 -14.45 20.46 -30.60
C ASP A 284 -13.09 21.01 -30.20
N SER A 285 -12.02 20.31 -30.61
CA SER A 285 -10.66 20.68 -30.22
C SER A 285 -10.28 22.08 -30.71
N GLU A 286 -10.56 22.35 -31.99
CA GLU A 286 -10.18 23.62 -32.64
C GLU A 286 -10.72 24.84 -31.90
N THR A 287 -12.03 24.86 -31.64
CA THR A 287 -12.68 26.00 -31.01
C THR A 287 -12.19 26.23 -29.59
N ALA A 288 -12.04 25.15 -28.82
CA ALA A 288 -11.65 25.22 -27.42
C ALA A 288 -10.19 25.62 -27.21
N VAL A 289 -9.30 25.23 -28.11
CA VAL A 289 -7.89 25.61 -27.97
C VAL A 289 -7.63 27.00 -28.54
N LYS A 290 -7.92 27.19 -29.84
CA LYS A 290 -7.30 28.27 -30.62
C LYS A 290 -7.70 29.68 -30.19
N GLU A 291 -8.87 29.88 -29.60
CA GLU A 291 -9.14 31.15 -28.93
C GLU A 291 -8.38 31.29 -27.62
N LEU A 292 -8.27 30.21 -26.86
CA LEU A 292 -7.62 30.35 -25.57
C LEU A 292 -6.15 29.95 -25.59
N SER A 293 -5.68 29.29 -26.64
CA SER A 293 -4.26 28.94 -26.60
C SER A 293 -3.53 29.12 -27.93
N TYR A 294 -2.79 28.09 -28.33
CA TYR A 294 -2.06 28.10 -29.59
C TYR A 294 -2.97 28.14 -30.81
N TYR A 295 -2.53 28.90 -31.81
CA TYR A 295 -3.18 28.98 -33.12
C TYR A 295 -3.21 27.65 -33.87
N SER A 296 -2.07 27.00 -34.05
CA SER A 296 -2.04 25.86 -34.96
C SER A 296 -1.90 24.54 -34.21
N LEU A 297 -2.17 23.44 -34.94
CA LEU A 297 -2.00 22.10 -34.40
C LEU A 297 -0.57 21.60 -34.45
N GLU A 298 0.27 22.20 -35.30
CA GLU A 298 1.71 21.92 -35.30
C GLU A 298 2.37 22.23 -33.96
N ASP A 299 1.90 23.26 -33.26
CA ASP A 299 2.35 23.55 -31.90
C ASP A 299 1.69 22.68 -30.85
N LEU A 300 0.76 21.81 -31.23
CA LEU A 300 0.09 20.92 -30.28
C LEU A 300 0.73 19.54 -30.24
N ASN A 301 1.67 19.27 -31.15
CA ASN A 301 2.31 17.96 -31.26
C ASN A 301 3.12 17.61 -30.02
N ASN A 302 2.94 16.37 -29.55
CA ASN A 302 3.47 15.76 -28.33
C ASN A 302 2.94 16.34 -27.02
N LYS A 303 2.07 17.36 -27.06
CA LYS A 303 1.40 17.79 -25.85
C LYS A 303 0.17 16.92 -25.59
N TYR A 304 -0.40 17.07 -24.39
CA TYR A 304 -1.48 16.21 -23.91
C TYR A 304 -2.73 17.02 -23.62
N LEU A 305 -3.88 16.36 -23.68
CA LEU A 305 -5.18 16.94 -23.32
C LEU A 305 -5.62 16.32 -22.00
N TYR A 306 -5.53 17.08 -20.92
CA TYR A 306 -6.02 16.59 -19.64
C TYR A 306 -7.52 16.83 -19.52
N ILE A 307 -8.23 15.82 -19.03
CA ILE A 307 -9.69 15.86 -18.90
C ILE A 307 -10.06 15.58 -17.45
N ALA A 308 -10.93 16.42 -16.87
CA ALA A 308 -11.41 16.22 -15.51
C ALA A 308 -12.93 16.19 -15.52
N VAL A 309 -13.52 15.22 -14.84
CA VAL A 309 -14.97 15.00 -14.81
C VAL A 309 -15.40 14.80 -13.37
N THR A 310 -16.44 15.52 -12.94
CA THR A 310 -17.08 15.33 -11.65
C THR A 310 -18.54 14.98 -11.90
N VAL A 311 -19.02 13.91 -11.27
CA VAL A 311 -20.39 13.45 -11.46
C VAL A 311 -21.11 13.54 -10.12
N ILE A 312 -22.21 14.30 -10.10
CA ILE A 312 -23.01 14.55 -8.91
C ILE A 312 -24.40 13.95 -9.11
N GLU A 313 -24.64 12.80 -8.47
CA GLU A 313 -25.93 12.14 -8.56
C GLU A 313 -27.03 13.00 -7.93
N SER A 314 -28.20 13.02 -8.57
CA SER A 314 -29.22 14.00 -8.24
C SER A 314 -30.11 13.56 -7.08
N THR A 315 -30.33 12.25 -6.93
CA THR A 315 -31.24 11.77 -5.89
C THR A 315 -30.63 11.94 -4.50
N GLY A 316 -29.50 11.28 -4.24
CA GLY A 316 -28.84 11.37 -2.96
C GLY A 316 -27.78 12.45 -2.77
N GLY A 317 -27.48 13.24 -3.79
CA GLY A 317 -26.51 14.32 -3.65
C GLY A 317 -25.04 13.93 -3.55
N PHE A 318 -24.69 12.65 -3.67
CA PHE A 318 -23.31 12.24 -3.49
C PHE A 318 -22.44 12.65 -4.69
N SER A 319 -21.15 12.89 -4.43
CA SER A 319 -20.24 13.38 -5.44
C SER A 319 -19.01 12.48 -5.54
N GLU A 320 -18.58 12.22 -6.77
CA GLU A 320 -17.40 11.41 -7.05
C GLU A 320 -16.63 12.02 -8.22
N GLU A 321 -15.30 11.95 -8.16
CA GLU A 321 -14.47 12.58 -9.17
C GLU A 321 -13.76 11.52 -10.00
N ALA A 322 -13.34 11.93 -11.19
CA ALA A 322 -12.54 11.07 -12.08
C ALA A 322 -11.73 11.97 -13.00
N GLU A 323 -10.64 11.43 -13.53
CA GLU A 323 -9.76 12.21 -14.38
C GLU A 323 -9.07 11.31 -15.39
N ILE A 324 -8.85 11.87 -16.58
CA ILE A 324 -7.95 11.29 -17.57
C ILE A 324 -6.68 12.15 -17.58
N PRO A 325 -5.51 11.57 -17.27
CA PRO A 325 -4.29 12.39 -17.11
C PRO A 325 -3.88 13.13 -18.38
N GLY A 326 -3.93 12.46 -19.53
CA GLY A 326 -3.57 13.12 -20.77
C GLY A 326 -3.80 12.29 -22.00
N ILE A 327 -4.36 12.91 -23.04
CA ILE A 327 -4.51 12.31 -24.35
C ILE A 327 -3.57 13.07 -25.28
N LYS A 328 -2.55 12.37 -25.77
CA LYS A 328 -1.51 13.01 -26.58
C LYS A 328 -2.07 13.47 -27.93
N TYR A 329 -1.91 14.75 -28.21
CA TYR A 329 -2.18 15.26 -29.56
C TYR A 329 -1.13 14.75 -30.52
N VAL A 330 -1.58 14.15 -31.62
CA VAL A 330 -0.69 13.52 -32.58
C VAL A 330 -0.81 14.27 -33.90
N LEU A 331 0.31 14.79 -34.39
CA LEU A 331 0.31 15.55 -35.64
C LEU A 331 0.42 14.66 -36.86
N SER A 332 1.10 13.52 -36.74
CA SER A 332 1.27 12.60 -37.85
C SER A 332 0.97 11.20 -37.34
N PRO A 333 0.12 10.43 -38.02
CA PRO A 333 -0.19 9.05 -37.58
C PRO A 333 0.97 8.07 -37.58
N TYR A 334 2.12 8.44 -38.13
CA TYR A 334 3.25 7.54 -38.24
C TYR A 334 4.48 8.17 -37.60
N LYS A 335 5.38 7.32 -37.14
CA LYS A 335 6.67 7.74 -36.63
C LYS A 335 7.73 6.86 -37.27
N LEU A 336 8.82 7.49 -37.67
CA LEU A 336 9.86 6.80 -38.43
C LEU A 336 11.09 6.58 -37.57
N ASN A 337 11.76 5.45 -37.81
CA ASN A 337 13.01 5.11 -37.14
C ASN A 337 13.77 4.15 -38.03
N LEU A 338 15.09 4.28 -38.03
CA LEU A 338 15.94 3.40 -38.81
C LEU A 338 16.16 2.07 -38.09
N VAL A 339 16.41 1.02 -38.88
CA VAL A 339 16.64 -0.33 -38.35
C VAL A 339 17.84 -0.94 -39.08
N ALA A 340 18.86 -1.35 -38.31
CA ALA A 340 20.04 -2.08 -38.80
C ALA A 340 20.75 -1.34 -39.93
N THR A 341 20.89 -0.02 -39.76
CA THR A 341 21.61 0.83 -40.70
C THR A 341 22.59 1.76 -40.01
N PRO A 342 23.87 1.39 -39.91
CA PRO A 342 24.88 2.29 -39.36
C PRO A 342 24.95 3.58 -40.17
N LEU A 343 25.10 4.69 -39.45
CA LEU A 343 25.20 6.02 -40.05
C LEU A 343 26.60 6.36 -40.53
N PHE A 344 27.25 5.43 -41.24
CA PHE A 344 28.60 5.63 -41.71
C PHE A 344 28.70 5.16 -43.15
N LEU A 345 29.41 5.93 -43.97
CA LEU A 345 29.57 5.63 -45.39
C LEU A 345 30.91 4.94 -45.64
N LYS A 346 30.89 3.97 -46.53
CA LYS A 346 32.11 3.30 -47.01
C LYS A 346 32.25 3.62 -48.49
N PRO A 347 33.25 4.41 -48.88
CA PRO A 347 33.39 4.85 -50.28
C PRO A 347 33.54 3.71 -51.27
N GLY A 348 32.64 3.67 -52.26
CA GLY A 348 32.64 2.63 -53.27
C GLY A 348 31.61 1.54 -53.04
N ILE A 349 31.04 1.48 -51.86
CA ILE A 349 30.07 0.47 -51.50
C ILE A 349 28.68 1.09 -51.49
N PRO A 350 27.68 0.44 -52.09
CA PRO A 350 26.30 0.93 -51.99
C PRO A 350 25.84 0.98 -50.54
N TYR A 351 25.24 2.11 -50.17
CA TYR A 351 24.83 2.40 -48.80
C TYR A 351 23.36 2.02 -48.62
N PRO A 352 23.03 1.09 -47.73
CA PRO A 352 21.63 0.70 -47.55
C PRO A 352 20.92 1.47 -46.45
N ILE A 353 19.63 1.73 -46.68
CA ILE A 353 18.78 2.43 -45.72
C ILE A 353 17.51 1.62 -45.56
N LYS A 354 17.23 1.18 -44.33
CA LYS A 354 16.03 0.41 -44.03
C LYS A 354 15.20 1.25 -43.05
N VAL A 355 14.18 1.94 -43.55
CA VAL A 355 13.27 2.69 -42.69
C VAL A 355 12.15 1.79 -42.17
N GLN A 356 11.55 2.20 -41.05
CA GLN A 356 10.53 1.40 -40.37
C GLN A 356 9.43 2.34 -39.89
N VAL A 357 8.18 1.98 -40.15
CA VAL A 357 7.03 2.83 -39.87
C VAL A 357 6.19 2.20 -38.77
N LYS A 358 5.86 2.99 -37.73
CA LYS A 358 5.01 2.55 -36.64
C LYS A 358 3.94 3.60 -36.41
N ASP A 359 2.85 3.19 -35.77
CA ASP A 359 1.77 4.12 -35.48
C ASP A 359 1.95 4.67 -34.07
N SER A 360 0.90 5.33 -33.56
CA SER A 360 0.95 5.92 -32.24
C SER A 360 0.98 4.88 -31.11
N LEU A 361 0.64 3.62 -31.40
CA LEU A 361 0.72 2.55 -30.43
C LEU A 361 1.99 1.71 -30.63
N ASP A 362 2.93 2.23 -31.42
CA ASP A 362 4.21 1.61 -31.75
C ASP A 362 4.07 0.22 -32.39
N GLN A 363 3.10 0.09 -33.29
CA GLN A 363 2.88 -1.14 -34.04
C GLN A 363 3.24 -0.90 -35.50
N LEU A 364 3.92 -1.88 -36.10
CA LEU A 364 4.40 -1.82 -37.47
C LEU A 364 3.26 -1.68 -38.48
N VAL A 365 3.18 -0.54 -39.14
CA VAL A 365 2.15 -0.28 -40.15
C VAL A 365 2.68 -0.69 -41.52
N GLY A 366 1.86 -1.40 -42.29
CA GLY A 366 2.24 -1.93 -43.58
C GLY A 366 1.68 -1.14 -44.75
N GLY A 367 2.26 -1.38 -45.93
CA GLY A 367 1.82 -0.74 -47.16
C GLY A 367 1.95 0.75 -47.25
N VAL A 368 2.86 1.35 -46.49
CA VAL A 368 3.02 2.80 -46.44
C VAL A 368 4.09 3.20 -47.46
N PRO A 369 3.75 3.96 -48.50
CA PRO A 369 4.79 4.43 -49.43
C PRO A 369 5.70 5.43 -48.73
N VAL A 370 7.00 5.35 -49.04
CA VAL A 370 8.02 6.21 -48.43
C VAL A 370 8.87 6.82 -49.54
N THR A 371 9.06 8.14 -49.47
CA THR A 371 9.90 8.88 -50.41
C THR A 371 11.21 9.29 -49.74
N LEU A 372 12.33 9.05 -50.42
CA LEU A 372 13.67 9.31 -49.92
C LEU A 372 14.36 10.36 -50.78
N ASN A 373 14.79 11.46 -50.16
CA ASN A 373 15.61 12.46 -50.81
C ASN A 373 16.99 12.45 -50.17
N ALA A 374 17.97 13.03 -50.87
CA ALA A 374 19.35 12.98 -50.39
C ALA A 374 20.21 14.05 -51.05
N GLN A 375 21.09 14.65 -50.26
CA GLN A 375 22.16 15.52 -50.70
C GLN A 375 23.51 14.88 -50.38
N THR A 376 24.49 15.13 -51.24
CA THR A 376 25.84 14.58 -51.11
C THR A 376 26.83 15.74 -51.06
N ILE A 377 27.86 15.59 -50.23
CA ILE A 377 28.96 16.53 -50.10
C ILE A 377 30.26 15.78 -50.31
N ASP A 378 31.09 16.24 -51.24
CA ASP A 378 32.34 15.57 -51.54
C ASP A 378 33.47 16.30 -50.77
N VAL A 379 34.72 15.88 -50.99
CA VAL A 379 35.88 16.44 -50.31
C VAL A 379 36.12 17.89 -50.71
N ASN A 380 35.65 18.29 -51.89
CA ASN A 380 35.80 19.62 -52.45
C ASN A 380 34.66 20.54 -52.03
N GLN A 381 33.82 20.10 -51.09
CA GLN A 381 32.60 20.78 -50.64
C GLN A 381 31.57 20.98 -51.75
N GLU A 382 31.73 20.31 -52.90
CA GLU A 382 30.83 20.46 -54.04
C GLU A 382 29.59 19.60 -53.83
N THR A 383 28.48 20.26 -53.53
CA THR A 383 27.24 19.53 -53.25
C THR A 383 26.62 19.00 -54.54
N SER A 384 25.93 17.88 -54.41
CA SER A 384 25.22 17.25 -55.52
C SER A 384 23.90 16.71 -54.99
N ASP A 385 22.81 17.02 -55.69
CA ASP A 385 21.49 16.57 -55.32
C ASP A 385 21.14 15.30 -56.10
N LEU A 386 20.95 14.20 -55.37
CA LEU A 386 20.69 12.89 -55.94
C LEU A 386 19.26 12.81 -56.46
N ASP A 387 19.02 11.81 -57.31
CA ASP A 387 17.65 11.56 -57.78
C ASP A 387 16.85 10.88 -56.68
N PRO A 388 15.62 11.33 -56.41
CA PRO A 388 14.82 10.74 -55.33
C PRO A 388 14.44 9.31 -55.66
N SER A 389 14.33 8.49 -54.62
CA SER A 389 13.86 7.12 -54.78
C SER A 389 12.59 6.91 -53.97
N LYS A 390 11.87 5.84 -54.28
CA LYS A 390 10.61 5.57 -53.59
C LYS A 390 10.43 4.06 -53.41
N SER A 391 10.09 3.65 -52.19
CA SER A 391 9.70 2.27 -51.91
C SER A 391 8.35 2.27 -51.21
N VAL A 392 7.80 1.06 -51.02
CA VAL A 392 6.56 0.87 -50.26
C VAL A 392 6.90 -0.07 -49.11
N THR A 393 6.33 0.23 -47.94
CA THR A 393 6.56 -0.57 -46.74
C THR A 393 6.05 -2.01 -46.90
N ARG A 394 6.97 -2.97 -46.75
CA ARG A 394 6.65 -4.38 -46.61
C ARG A 394 5.73 -4.61 -45.41
N VAL A 395 4.66 -5.37 -45.59
CA VAL A 395 3.69 -5.59 -44.52
C VAL A 395 4.05 -6.75 -43.59
N ASP A 396 5.15 -7.45 -43.83
CA ASP A 396 5.53 -8.51 -42.90
C ASP A 396 6.36 -7.97 -41.73
N ASP A 397 7.20 -6.94 -41.95
CA ASP A 397 8.03 -6.36 -40.89
C ASP A 397 7.91 -4.85 -40.77
N GLY A 398 7.16 -4.18 -41.63
CA GLY A 398 7.09 -2.73 -41.53
C GLY A 398 8.22 -2.00 -42.21
N VAL A 399 9.11 -2.70 -42.90
CA VAL A 399 10.33 -2.12 -43.42
C VAL A 399 10.04 -1.61 -44.83
N ALA A 400 10.67 -0.48 -45.18
CA ALA A 400 10.72 0.06 -46.54
C ALA A 400 12.17 0.28 -46.92
N SER A 401 12.70 -0.58 -47.78
CA SER A 401 14.14 -0.63 -48.02
C SER A 401 14.54 0.29 -49.16
N PHE A 402 15.75 0.84 -49.06
CA PHE A 402 16.34 1.72 -50.07
C PHE A 402 17.82 1.37 -50.28
N VAL A 403 18.29 1.58 -51.51
CA VAL A 403 19.69 1.45 -51.90
C VAL A 403 20.14 2.70 -52.66
N LEU A 404 21.33 3.20 -52.31
CA LEU A 404 21.86 4.45 -52.80
C LEU A 404 23.25 4.15 -53.34
N ASN A 405 23.51 4.58 -54.57
CA ASN A 405 24.80 4.44 -55.22
C ASN A 405 25.46 5.80 -55.14
N LEU A 406 26.56 5.87 -54.41
CA LEU A 406 27.20 7.16 -54.26
C LEU A 406 28.56 7.17 -54.94
N PRO A 407 29.01 8.35 -55.38
CA PRO A 407 30.36 8.48 -55.94
C PRO A 407 31.41 8.11 -54.91
N SER A 408 32.57 7.66 -55.40
CA SER A 408 33.63 7.19 -54.50
C SER A 408 34.19 8.32 -53.65
N GLY A 409 34.12 9.56 -54.12
CA GLY A 409 34.65 10.67 -53.37
C GLY A 409 33.76 11.28 -52.30
N VAL A 410 32.55 10.76 -52.07
CA VAL A 410 31.64 11.39 -51.12
C VAL A 410 32.13 11.20 -49.68
N THR A 411 31.89 12.20 -48.85
CA THR A 411 32.27 12.19 -47.44
C THR A 411 31.08 12.29 -46.49
N VAL A 412 30.11 13.14 -46.79
CA VAL A 412 28.94 13.34 -45.95
C VAL A 412 27.69 13.14 -46.81
N LEU A 413 26.72 12.41 -46.27
CA LEU A 413 25.43 12.18 -46.92
C LEU A 413 24.32 12.71 -46.01
N GLU A 414 23.69 13.81 -46.42
CA GLU A 414 22.56 14.38 -45.69
C GLU A 414 21.26 13.99 -46.39
N PHE A 415 20.63 12.93 -45.90
CA PHE A 415 19.41 12.40 -46.50
C PHE A 415 18.21 12.59 -45.58
N ASN A 416 17.05 12.79 -46.19
CA ASN A 416 15.82 13.10 -45.48
C ASN A 416 14.77 12.13 -46.00
N VAL A 417 13.96 11.59 -45.08
CA VAL A 417 12.95 10.60 -45.43
C VAL A 417 11.59 11.12 -45.02
N LYS A 418 10.58 10.86 -45.86
CA LYS A 418 9.21 11.26 -45.57
C LYS A 418 8.26 10.14 -46.00
N THR A 419 7.09 10.10 -45.35
CA THR A 419 6.02 9.20 -45.75
C THR A 419 5.12 9.87 -46.78
N ASP A 420 4.58 9.06 -47.69
CA ASP A 420 3.71 9.54 -48.76
C ASP A 420 2.43 8.71 -48.68
N ALA A 421 1.59 9.05 -47.72
CA ALA A 421 0.34 8.29 -47.60
C ALA A 421 -0.73 8.92 -48.49
N PRO A 422 -1.55 8.08 -49.12
CA PRO A 422 -2.58 8.60 -50.04
C PRO A 422 -3.68 9.39 -49.37
N ASP A 423 -3.88 9.26 -48.06
CA ASP A 423 -5.00 9.89 -47.37
C ASP A 423 -4.55 10.95 -46.37
N LEU A 424 -3.26 11.28 -46.35
CA LEU A 424 -2.74 12.25 -45.40
C LEU A 424 -2.43 13.56 -46.10
N PRO A 425 -2.83 14.69 -45.53
CA PRO A 425 -2.34 15.98 -46.03
C PRO A 425 -0.84 16.11 -45.80
N GLU A 426 -0.26 17.11 -46.49
CA GLU A 426 1.20 17.29 -46.46
C GLU A 426 1.70 17.67 -45.07
N GLU A 427 0.87 18.34 -44.27
CA GLU A 427 1.26 18.68 -42.91
C GLU A 427 1.31 17.45 -42.01
N ASN A 428 0.32 16.56 -42.15
CA ASN A 428 0.18 15.37 -41.32
C ASN A 428 1.10 14.21 -41.72
N GLN A 429 2.06 14.41 -42.63
CA GLN A 429 3.02 13.35 -42.92
C GLN A 429 4.18 13.35 -41.93
N ALA A 430 4.83 12.19 -41.81
CA ALA A 430 5.98 12.00 -40.94
C ALA A 430 7.29 12.24 -41.69
N ARG A 431 8.21 12.97 -41.04
CA ARG A 431 9.47 13.35 -41.66
C ARG A 431 10.61 13.20 -40.66
N GLU A 432 11.73 12.61 -41.12
CA GLU A 432 12.92 12.44 -40.29
C GLU A 432 14.16 12.66 -41.15
N GLY A 433 15.15 13.34 -40.60
CA GLY A 433 16.39 13.63 -41.29
C GLY A 433 17.53 12.85 -40.66
N TYR A 434 18.55 12.53 -41.47
CA TYR A 434 19.68 11.73 -41.00
C TYR A 434 20.95 12.13 -41.75
N ARG A 435 22.09 11.93 -41.09
CA ARG A 435 23.41 12.22 -41.64
C ARG A 435 24.39 11.08 -41.45
N ALA A 436 25.10 10.71 -42.52
CA ALA A 436 26.08 9.64 -42.48
C ALA A 436 27.42 10.19 -42.97
N ILE A 437 28.47 9.96 -42.20
CA ILE A 437 29.82 10.45 -42.48
C ILE A 437 30.68 9.29 -42.96
N ALA A 438 31.61 9.57 -43.87
CA ALA A 438 32.46 8.53 -44.43
C ALA A 438 33.54 8.07 -43.47
N TYR A 439 33.81 6.76 -43.50
CA TYR A 439 34.93 6.16 -42.79
C TYR A 439 36.25 6.72 -43.35
N SER A 440 37.17 7.07 -42.46
CA SER A 440 38.44 7.69 -42.83
C SER A 440 39.55 6.64 -42.78
N SER A 441 40.31 6.54 -43.88
CA SER A 441 41.44 5.63 -43.96
C SER A 441 42.56 6.26 -44.77
N LEU A 442 43.78 6.14 -44.26
CA LEU A 442 44.95 6.74 -44.90
C LEU A 442 45.41 5.98 -46.13
N SER A 443 45.02 4.71 -46.28
CA SER A 443 45.38 3.90 -47.44
C SER A 443 44.22 3.73 -48.42
N GLN A 444 43.17 4.55 -48.29
CA GLN A 444 41.93 4.44 -49.09
C GLN A 444 41.34 3.03 -48.99
N SER A 445 41.44 2.45 -47.80
CA SER A 445 41.06 1.07 -47.55
C SER A 445 39.83 1.01 -46.66
N TYR A 446 38.78 0.33 -47.12
CA TYR A 446 37.52 0.35 -46.41
C TYR A 446 36.97 -1.07 -46.32
N LEU A 447 36.17 -1.30 -45.29
CA LEU A 447 35.54 -2.59 -45.02
C LEU A 447 34.09 -2.37 -44.67
N TYR A 448 33.22 -3.20 -45.25
CA TYR A 448 31.80 -3.11 -44.98
C TYR A 448 31.26 -4.51 -44.78
N ILE A 449 30.63 -4.72 -43.65
CA ILE A 449 30.08 -6.02 -43.26
C ILE A 449 28.58 -5.79 -43.19
N ASP A 450 27.81 -6.84 -43.44
CA ASP A 450 26.36 -6.70 -43.45
C ASP A 450 25.63 -8.01 -43.52
N TRP A 451 24.63 -8.04 -42.67
CA TRP A 451 24.04 -9.25 -42.14
C TRP A 451 22.66 -9.39 -42.77
N THR A 452 22.55 -10.28 -43.76
CA THR A 452 21.45 -10.22 -44.69
C THR A 452 20.16 -10.70 -44.04
N ASP A 453 20.29 -11.39 -42.91
CA ASP A 453 19.18 -11.95 -42.14
C ASP A 453 18.57 -10.98 -41.11
N ASN A 454 18.11 -9.83 -41.58
CA ASN A 454 17.87 -8.71 -40.67
C ASN A 454 16.46 -8.79 -40.09
N HIS A 455 15.71 -9.83 -40.47
CA HIS A 455 14.37 -10.07 -39.94
C HIS A 455 14.23 -11.32 -39.10
N LYS A 456 15.10 -12.31 -39.24
CA LYS A 456 15.02 -13.46 -38.35
C LYS A 456 15.66 -13.13 -37.02
N ALA A 457 15.05 -13.63 -35.94
CA ALA A 457 15.50 -13.44 -34.57
C ALA A 457 16.88 -14.02 -34.24
N LEU A 458 17.53 -14.75 -35.15
CA LEU A 458 18.79 -15.46 -34.90
C LEU A 458 18.64 -16.44 -33.73
N LEU A 459 17.87 -17.48 -33.99
CA LEU A 459 17.61 -18.51 -33.00
C LEU A 459 18.90 -19.23 -32.61
N VAL A 460 19.13 -19.37 -31.30
CA VAL A 460 20.31 -20.03 -30.76
C VAL A 460 20.37 -21.49 -31.22
N GLY A 461 21.52 -21.91 -31.73
CA GLY A 461 21.70 -23.22 -32.30
C GLY A 461 21.83 -23.20 -33.80
N GLU A 462 21.33 -22.14 -34.43
CA GLU A 462 21.42 -21.95 -35.88
C GLU A 462 22.80 -21.43 -36.26
N HIS A 463 22.90 -20.81 -37.43
CA HIS A 463 24.17 -20.29 -37.89
C HIS A 463 23.96 -18.94 -38.55
N LEU A 464 24.97 -18.07 -38.39
CA LEU A 464 24.93 -16.69 -38.84
C LEU A 464 25.82 -16.55 -40.06
N ASN A 465 25.19 -16.40 -41.24
CA ASN A 465 25.94 -16.31 -42.49
C ASN A 465 26.10 -14.84 -42.86
N ILE A 466 27.19 -14.24 -42.40
CA ILE A 466 27.45 -12.82 -42.61
C ILE A 466 28.34 -12.66 -43.84
N ILE A 467 28.16 -11.58 -44.59
CA ILE A 467 28.94 -11.32 -45.80
C ILE A 467 29.88 -10.17 -45.52
N VAL A 468 31.18 -10.40 -45.74
CA VAL A 468 32.23 -9.42 -45.45
C VAL A 468 32.77 -8.93 -46.80
N THR A 469 32.40 -7.70 -47.16
CA THR A 469 32.81 -7.13 -48.44
C THR A 469 33.74 -5.93 -48.27
N PRO A 470 35.05 -6.06 -48.54
CA PRO A 470 35.92 -4.88 -48.57
C PRO A 470 36.08 -4.33 -49.97
N LYS A 471 36.22 -3.00 -50.05
CA LYS A 471 36.49 -2.31 -51.31
C LYS A 471 37.63 -1.35 -51.06
N SER A 472 38.73 -1.51 -51.80
CA SER A 472 40.02 -0.89 -51.50
C SER A 472 41.05 -1.26 -52.56
N PRO A 473 42.19 -0.58 -52.63
CA PRO A 473 43.39 -1.25 -53.16
C PRO A 473 43.98 -2.23 -52.15
N TYR A 474 45.09 -2.88 -52.52
CA TYR A 474 45.74 -3.92 -51.72
C TYR A 474 44.82 -5.10 -51.36
N ILE A 475 43.75 -5.33 -52.13
CA ILE A 475 42.77 -6.38 -51.83
C ILE A 475 43.42 -7.75 -51.87
N ASP A 476 44.12 -8.07 -52.96
CA ASP A 476 44.65 -9.41 -53.16
C ASP A 476 45.99 -9.62 -52.45
N LYS A 477 46.28 -8.85 -51.40
CA LYS A 477 47.38 -9.13 -50.48
C LYS A 477 46.88 -9.34 -49.05
N ILE A 478 45.57 -9.27 -48.80
CA ILE A 478 45.01 -9.58 -47.49
C ILE A 478 45.00 -11.09 -47.28
N THR A 479 45.55 -11.53 -46.15
CA THR A 479 45.65 -12.97 -45.91
C THR A 479 44.34 -13.53 -45.35
N HIS A 480 43.79 -12.88 -44.32
CA HIS A 480 42.63 -13.41 -43.60
C HIS A 480 41.70 -12.29 -43.14
N TYR A 481 40.55 -12.71 -42.64
CA TYR A 481 39.62 -11.87 -41.90
C TYR A 481 39.67 -12.33 -40.44
N ASN A 482 39.37 -11.40 -39.54
CA ASN A 482 39.44 -11.66 -38.11
C ASN A 482 38.15 -11.16 -37.47
N TYR A 483 37.71 -11.82 -36.41
CA TYR A 483 36.42 -11.46 -35.84
C TYR A 483 36.45 -11.56 -34.32
N LEU A 484 35.66 -10.70 -33.69
CA LEU A 484 35.41 -10.70 -32.26
C LEU A 484 33.92 -10.56 -32.04
N ILE A 485 33.36 -11.44 -31.22
CA ILE A 485 31.93 -11.42 -30.90
C ILE A 485 31.79 -11.03 -29.44
N LEU A 486 31.02 -9.98 -29.19
CA LEU A 486 30.80 -9.45 -27.86
C LEU A 486 29.34 -9.56 -27.50
N SER A 487 29.07 -9.76 -26.21
CA SER A 487 27.71 -9.79 -25.69
C SER A 487 27.77 -9.42 -24.22
N LYS A 488 26.90 -8.51 -23.80
CA LYS A 488 26.77 -8.04 -22.41
C LYS A 488 28.10 -7.50 -21.86
N GLY A 489 28.85 -6.82 -22.73
CA GLY A 489 30.09 -6.16 -22.35
C GLY A 489 31.31 -7.03 -22.18
N LYS A 490 31.27 -8.27 -22.68
CA LYS A 490 32.41 -9.18 -22.57
C LYS A 490 32.63 -9.90 -23.90
N ILE A 491 33.89 -10.04 -24.27
CA ILE A 491 34.26 -10.75 -25.49
C ILE A 491 34.05 -12.24 -25.27
N ILE A 492 33.01 -12.79 -25.90
CA ILE A 492 32.67 -14.20 -25.76
C ILE A 492 33.34 -15.09 -26.81
N HIS A 493 33.63 -14.56 -28.01
CA HIS A 493 34.24 -15.34 -29.07
C HIS A 493 35.27 -14.53 -29.83
N PHE A 494 36.09 -15.24 -30.59
CA PHE A 494 37.15 -14.70 -31.41
C PHE A 494 37.66 -15.78 -32.37
N GLY A 495 38.20 -15.34 -33.50
CA GLY A 495 38.78 -16.26 -34.45
C GLY A 495 39.13 -15.59 -35.76
N THR A 496 39.39 -16.43 -36.76
CA THR A 496 39.96 -16.00 -38.04
C THR A 496 39.43 -16.89 -39.16
N ARG A 497 39.12 -16.29 -40.31
CA ARG A 497 38.65 -17.02 -41.46
C ARG A 497 39.54 -16.71 -42.65
N GLU A 498 39.76 -17.71 -43.51
CA GLU A 498 40.62 -17.50 -44.67
C GLU A 498 39.93 -16.62 -45.70
N LYS A 499 40.67 -15.65 -46.21
CA LYS A 499 40.16 -14.73 -47.23
C LYS A 499 40.47 -15.33 -48.60
N PHE A 500 39.46 -15.53 -49.43
CA PHE A 500 39.71 -16.10 -50.75
C PHE A 500 40.24 -14.98 -51.64
N SER A 501 41.43 -15.23 -52.22
CA SER A 501 42.13 -14.33 -53.13
C SER A 501 41.49 -14.21 -54.51
N ASP A 502 40.43 -14.98 -54.81
CA ASP A 502 39.82 -14.94 -56.12
C ASP A 502 38.41 -14.35 -56.10
N ALA A 503 37.80 -14.23 -54.93
CA ALA A 503 36.50 -13.60 -54.82
C ALA A 503 36.67 -12.16 -54.37
N SER A 504 35.58 -11.40 -54.48
CA SER A 504 35.47 -10.07 -53.87
C SER A 504 34.80 -10.09 -52.51
N TYR A 505 33.72 -10.86 -52.38
CA TYR A 505 33.00 -11.03 -51.13
C TYR A 505 33.19 -12.46 -50.65
N GLN A 506 32.98 -12.69 -49.36
CA GLN A 506 32.99 -14.07 -48.88
C GLN A 506 32.05 -14.24 -47.70
N SER A 507 31.36 -15.39 -47.67
CA SER A 507 30.36 -15.69 -46.65
C SER A 507 31.11 -16.17 -45.42
N ILE A 508 30.97 -15.49 -44.28
CA ILE A 508 31.48 -16.00 -43.01
C ILE A 508 30.36 -16.64 -42.19
N ASN A 509 30.55 -17.90 -41.81
CA ASN A 509 29.55 -18.64 -41.04
C ASN A 509 29.89 -18.56 -39.55
N ILE A 510 28.89 -18.25 -38.73
CA ILE A 510 29.03 -18.14 -37.27
C ILE A 510 27.98 -18.91 -36.46
N PRO A 511 28.32 -19.99 -35.78
CA PRO A 511 27.32 -20.65 -34.91
C PRO A 511 26.94 -19.75 -33.74
N VAL A 512 25.64 -19.46 -33.65
CA VAL A 512 25.07 -18.62 -32.60
C VAL A 512 24.87 -19.42 -31.30
N THR A 513 25.47 -18.95 -30.22
CA THR A 513 25.48 -19.68 -28.96
C THR A 513 24.67 -18.98 -27.88
N GLN A 514 24.55 -19.68 -26.75
CA GLN A 514 23.81 -19.16 -25.61
C GLN A 514 24.44 -17.90 -24.98
N ASN A 515 25.76 -17.69 -25.12
CA ASN A 515 26.37 -16.45 -24.62
C ASN A 515 25.84 -15.18 -25.31
N MET A 516 25.29 -15.33 -26.53
CA MET A 516 24.80 -14.33 -27.50
C MET A 516 23.31 -14.09 -27.43
N VAL A 517 22.62 -14.80 -26.56
CA VAL A 517 21.16 -14.74 -26.49
C VAL A 517 20.49 -13.41 -26.17
N PRO A 518 20.99 -12.58 -25.26
CA PRO A 518 20.28 -11.29 -25.16
C PRO A 518 20.54 -10.34 -26.33
N SER A 519 21.80 -10.05 -26.61
CA SER A 519 22.23 -9.16 -27.69
C SER A 519 23.66 -9.50 -28.08
N SER A 520 24.06 -9.10 -29.28
CA SER A 520 25.46 -9.35 -29.60
C SER A 520 25.95 -8.24 -30.49
N ARG A 521 27.27 -8.15 -30.59
CA ARG A 521 27.98 -7.22 -31.44
C ARG A 521 29.09 -7.98 -32.14
N LEU A 522 29.23 -7.75 -33.43
CA LEU A 522 30.25 -8.44 -34.22
C LEU A 522 31.23 -7.39 -34.73
N LEU A 523 32.52 -7.63 -34.52
CA LEU A 523 33.56 -6.76 -35.04
C LEU A 523 34.41 -7.58 -35.99
N VAL A 524 34.52 -7.13 -37.23
CA VAL A 524 35.33 -7.79 -38.25
C VAL A 524 36.38 -6.81 -38.72
N TYR A 525 37.61 -7.28 -38.89
CA TYR A 525 38.69 -6.41 -39.34
C TYR A 525 39.69 -7.24 -40.14
N TYR A 526 40.38 -6.57 -41.06
CA TYR A 526 41.52 -7.14 -41.76
C TYR A 526 42.70 -6.18 -41.67
N ILE A 527 43.89 -6.71 -41.92
CA ILE A 527 45.12 -5.95 -41.77
C ILE A 527 45.58 -5.72 -43.20
N VAL A 528 45.69 -4.47 -43.60
CA VAL A 528 46.32 -4.10 -44.87
C VAL A 528 47.79 -3.75 -44.66
N THR A 529 48.67 -4.41 -45.40
CA THR A 529 50.09 -4.24 -45.12
C THR A 529 50.58 -2.98 -45.83
N GLY A 530 51.34 -2.19 -45.11
CA GLY A 530 51.85 -0.94 -45.64
C GLY A 530 53.35 -0.96 -45.43
N GLU A 531 54.05 -0.38 -46.43
CA GLU A 531 55.50 -0.22 -46.33
C GLU A 531 55.86 0.53 -45.06
N GLN A 532 55.16 1.64 -44.78
CA GLN A 532 55.56 2.45 -43.64
C GLN A 532 55.07 1.74 -42.38
N THR A 533 53.76 1.48 -42.30
CA THR A 533 53.10 0.76 -41.22
C THR A 533 51.79 0.11 -41.67
N ALA A 534 51.53 -1.07 -41.12
CA ALA A 534 50.30 -1.85 -41.29
C ALA A 534 49.12 -1.00 -40.81
N GLU A 535 47.92 -1.19 -41.39
CA GLU A 535 46.74 -0.40 -41.03
C GLU A 535 45.58 -1.36 -40.78
N LEU A 536 44.81 -1.13 -39.71
CA LEU A 536 43.62 -1.94 -39.44
C LEU A 536 42.36 -1.25 -39.96
N VAL A 537 41.64 -1.98 -40.81
CA VAL A 537 40.38 -1.56 -41.42
C VAL A 537 39.22 -2.36 -40.84
N SER A 538 38.30 -1.69 -40.13
CA SER A 538 37.32 -2.39 -39.31
C SER A 538 35.92 -1.86 -39.60
N ASP A 539 34.93 -2.69 -39.26
CA ASP A 539 33.51 -2.38 -39.29
C ASP A 539 32.81 -3.25 -38.25
N SER A 540 31.62 -2.81 -37.83
CA SER A 540 30.87 -3.52 -36.80
C SER A 540 29.37 -3.48 -37.09
N VAL A 541 28.66 -4.49 -36.60
CA VAL A 541 27.22 -4.62 -36.79
C VAL A 541 26.60 -5.10 -35.47
N TRP A 542 25.34 -4.74 -35.26
CA TRP A 542 24.58 -5.11 -34.07
C TRP A 542 23.62 -6.26 -34.36
N LEU A 543 23.72 -7.34 -33.58
CA LEU A 543 22.93 -8.57 -33.75
C LEU A 543 21.87 -8.66 -32.66
N ASN A 544 20.61 -8.50 -33.04
CA ASN A 544 19.49 -8.70 -32.13
C ASN A 544 19.08 -10.17 -32.13
N ILE A 545 19.17 -10.82 -30.96
CA ILE A 545 18.97 -12.26 -30.82
C ILE A 545 17.80 -12.52 -29.86
N GLU A 546 17.06 -13.62 -30.12
CA GLU A 546 15.86 -13.99 -29.35
C GLU A 546 16.11 -14.10 -27.86
N GLU A 547 15.16 -13.64 -27.05
CA GLU A 547 15.30 -13.67 -25.59
C GLU A 547 14.95 -15.06 -25.07
N LYS A 548 15.96 -15.91 -24.86
CA LYS A 548 15.75 -17.29 -24.44
C LYS A 548 16.49 -17.57 -23.13
N CYS A 549 15.77 -18.11 -22.16
CA CYS A 549 16.33 -18.45 -20.85
C CYS A 549 17.33 -19.60 -20.93
N GLY A 550 18.37 -19.52 -20.10
CA GLY A 550 19.29 -20.65 -19.97
C GLY A 550 18.63 -21.84 -19.30
N ASN A 551 17.76 -21.59 -18.32
CA ASN A 551 16.98 -22.61 -17.63
C ASN A 551 15.53 -22.13 -17.72
N GLN A 552 14.80 -22.59 -18.74
CA GLN A 552 13.51 -22.01 -19.04
C GLN A 552 12.53 -22.42 -17.96
N LEU A 553 11.80 -21.46 -17.45
CA LEU A 553 10.81 -21.69 -16.42
C LEU A 553 9.43 -21.57 -17.04
N GLN A 554 8.54 -22.45 -16.61
CA GLN A 554 7.18 -22.49 -17.10
C GLN A 554 6.34 -22.91 -15.90
N VAL A 555 5.28 -22.15 -15.64
CA VAL A 555 4.39 -22.42 -14.54
C VAL A 555 3.02 -22.68 -15.14
N HIS A 556 2.31 -23.66 -14.58
CA HIS A 556 1.02 -24.03 -15.11
C HIS A 556 0.09 -24.26 -13.94
N LEU A 557 -1.20 -24.13 -14.22
CA LEU A 557 -2.25 -24.33 -13.24
C LEU A 557 -3.14 -25.49 -13.64
N SER A 558 -3.30 -26.49 -12.77
CA SER A 558 -4.29 -27.49 -13.10
C SER A 558 -5.37 -27.25 -12.05
N PRO A 559 -6.63 -26.98 -12.44
CA PRO A 559 -7.15 -26.98 -13.81
C PRO A 559 -6.77 -25.69 -14.57
N ASP A 560 -6.75 -25.84 -15.90
CA ASP A 560 -6.38 -24.81 -16.86
C ASP A 560 -7.43 -23.80 -17.29
N ALA A 561 -8.71 -23.89 -16.91
CA ALA A 561 -9.61 -22.84 -17.42
C ALA A 561 -9.31 -21.51 -16.73
N ASP A 562 -9.56 -20.42 -17.45
CA ASP A 562 -9.32 -19.08 -16.90
C ASP A 562 -10.26 -18.70 -15.75
N ALA A 563 -11.47 -19.22 -15.72
CA ALA A 563 -12.39 -18.87 -14.65
C ALA A 563 -12.37 -19.93 -13.55
N TYR A 564 -12.07 -19.50 -12.33
CA TYR A 564 -12.02 -20.37 -11.18
C TYR A 564 -13.05 -19.88 -10.17
N SER A 565 -13.33 -20.69 -9.24
CA SER A 565 -14.25 -20.37 -8.17
C SER A 565 -13.48 -20.07 -6.89
N PRO A 566 -14.04 -19.25 -5.99
CA PRO A 566 -13.32 -18.89 -4.76
C PRO A 566 -13.10 -20.11 -3.86
N GLY A 567 -11.95 -20.15 -3.21
CA GLY A 567 -11.63 -21.26 -2.33
C GLY A 567 -11.28 -22.56 -3.01
N GLN A 568 -11.12 -22.58 -4.34
CA GLN A 568 -10.86 -23.81 -5.06
C GLN A 568 -9.44 -24.31 -4.79
N THR A 569 -9.31 -25.60 -4.44
CA THR A 569 -8.01 -26.21 -4.28
C THR A 569 -7.41 -26.44 -5.67
N VAL A 570 -6.21 -25.89 -5.90
CA VAL A 570 -5.59 -25.91 -7.22
C VAL A 570 -4.11 -26.26 -7.04
N SER A 571 -3.51 -26.88 -8.06
CA SER A 571 -2.11 -27.29 -8.05
C SER A 571 -1.33 -26.44 -9.05
N LEU A 572 -0.15 -25.98 -8.65
CA LEU A 572 0.75 -25.21 -9.51
C LEU A 572 1.94 -26.08 -9.88
N ASN A 573 2.20 -26.21 -11.18
CA ASN A 573 3.28 -27.04 -11.68
C ASN A 573 4.38 -26.10 -12.18
N MET A 574 5.58 -26.23 -11.62
CA MET A 574 6.74 -25.46 -12.03
C MET A 574 7.71 -26.42 -12.71
N ALA A 575 8.24 -26.03 -13.87
CA ALA A 575 9.18 -26.87 -14.62
C ALA A 575 10.37 -26.04 -15.09
N THR A 576 11.59 -26.51 -14.83
CA THR A 576 12.82 -25.85 -15.26
C THR A 576 13.74 -26.81 -16.01
N GLY A 577 14.60 -26.26 -16.86
CA GLY A 577 15.55 -27.11 -17.57
C GLY A 577 16.56 -27.77 -16.65
N MET A 578 17.06 -27.03 -15.67
CA MET A 578 17.97 -27.54 -14.66
C MET A 578 17.51 -27.04 -13.30
N ASP A 579 18.10 -27.61 -12.25
CA ASP A 579 17.85 -27.24 -10.86
C ASP A 579 17.98 -25.75 -10.64
N SER A 580 16.89 -25.12 -10.22
CA SER A 580 16.85 -23.67 -10.11
C SER A 580 15.99 -23.27 -8.92
N TRP A 581 16.38 -22.17 -8.28
CA TRP A 581 15.55 -21.50 -7.31
C TRP A 581 14.49 -20.72 -8.07
N VAL A 582 13.31 -20.55 -7.44
CA VAL A 582 12.19 -19.86 -8.09
C VAL A 582 11.50 -18.97 -7.07
N ALA A 583 11.43 -17.68 -7.37
CA ALA A 583 10.67 -16.75 -6.54
C ALA A 583 9.32 -16.55 -7.19
N LEU A 584 8.26 -16.84 -6.43
CA LEU A 584 6.89 -16.79 -6.92
C LEU A 584 6.19 -15.57 -6.35
N ALA A 585 5.15 -15.13 -7.05
CA ALA A 585 4.31 -14.05 -6.58
C ALA A 585 2.91 -14.22 -7.14
N ALA A 586 1.92 -13.78 -6.36
CA ALA A 586 0.52 -13.81 -6.80
C ALA A 586 -0.10 -12.46 -6.46
N VAL A 587 -0.35 -11.65 -7.48
CA VAL A 587 -0.75 -10.25 -7.32
C VAL A 587 -2.06 -10.05 -8.06
N ASP A 588 -2.95 -9.26 -7.47
CA ASP A 588 -4.19 -8.79 -8.08
C ASP A 588 -3.85 -7.93 -9.29
N SER A 589 -4.18 -8.39 -10.51
CA SER A 589 -3.80 -7.65 -11.71
C SER A 589 -4.39 -6.23 -11.74
N ALA A 590 -5.49 -5.99 -11.01
CA ALA A 590 -6.14 -4.68 -10.95
C ALA A 590 -5.24 -3.59 -10.36
N VAL A 591 -4.17 -3.94 -9.64
CA VAL A 591 -3.25 -2.93 -9.10
C VAL A 591 -2.49 -2.22 -10.21
N TYR A 592 -2.39 -2.81 -11.40
CA TYR A 592 -1.57 -2.21 -12.45
C TYR A 592 -2.47 -1.31 -13.30
N GLY A 593 -3.41 -1.91 -14.02
CA GLY A 593 -4.35 -1.15 -14.84
C GLY A 593 -3.64 -0.36 -15.93
N VAL A 594 -4.05 0.90 -16.04
CA VAL A 594 -3.30 1.89 -16.79
C VAL A 594 -2.12 2.35 -15.94
N GLN A 595 -0.98 2.58 -16.58
CA GLN A 595 0.22 3.05 -15.91
C GLN A 595 0.69 4.34 -16.57
N ARG A 596 0.87 5.38 -15.77
CA ARG A 596 1.34 6.69 -16.22
C ARG A 596 2.74 6.91 -15.68
N GLY A 597 3.73 6.93 -16.58
CA GLY A 597 5.12 7.10 -16.19
C GLY A 597 5.67 5.96 -15.36
N ALA A 598 5.22 4.74 -15.62
CA ALA A 598 5.61 3.58 -14.82
C ALA A 598 5.87 2.40 -15.73
N LYS A 599 6.75 1.51 -15.27
CA LYS A 599 7.08 0.28 -15.97
C LYS A 599 6.88 -0.88 -15.02
N LYS A 600 6.35 -1.98 -15.55
CA LYS A 600 6.16 -3.20 -14.77
C LYS A 600 7.51 -3.73 -14.33
N PRO A 601 7.69 -4.06 -13.04
CA PRO A 601 9.01 -4.52 -12.55
C PRO A 601 9.47 -5.83 -13.15
N LEU A 602 8.55 -6.64 -13.65
CA LEU A 602 8.91 -7.92 -14.26
C LEU A 602 9.50 -7.73 -15.65
N GLU A 603 8.93 -6.82 -16.43
CA GLU A 603 9.34 -6.64 -17.81
C GLU A 603 10.43 -5.59 -17.88
N ARG A 604 10.78 -5.02 -16.71
CA ARG A 604 11.86 -4.08 -16.50
C ARG A 604 13.23 -4.76 -16.60
N VAL A 605 13.27 -6.09 -16.71
CA VAL A 605 14.56 -6.75 -16.59
C VAL A 605 15.29 -6.79 -17.93
N PHE A 606 14.58 -6.94 -19.06
CA PHE A 606 15.29 -7.08 -20.33
C PHE A 606 16.02 -5.78 -20.71
N GLN A 607 15.46 -4.63 -20.30
CA GLN A 607 16.05 -3.33 -20.60
C GLN A 607 17.15 -2.95 -19.62
N PHE A 608 16.96 -3.21 -18.32
CA PHE A 608 17.99 -2.94 -17.32
C PHE A 608 19.20 -3.86 -17.43
N LEU A 609 19.07 -4.97 -18.16
CA LEU A 609 20.20 -5.89 -18.29
C LEU A 609 21.19 -5.41 -19.33
N GLU A 610 20.69 -4.80 -20.41
CA GLU A 610 21.58 -4.33 -21.46
C GLU A 610 22.09 -2.91 -21.23
N LYS A 611 22.30 -2.51 -19.96
CA LYS A 611 23.16 -1.37 -19.73
C LYS A 611 24.61 -1.80 -19.68
N SER A 612 24.86 -3.10 -19.53
CA SER A 612 26.21 -3.62 -19.52
C SER A 612 26.80 -3.76 -20.91
N ASP A 613 25.98 -3.66 -21.95
CA ASP A 613 26.51 -3.59 -23.31
C ASP A 613 27.16 -2.22 -23.45
N LEU A 614 28.48 -2.18 -23.57
CA LEU A 614 29.12 -0.87 -23.65
C LEU A 614 29.03 -0.25 -25.02
N GLY A 615 28.46 -0.96 -26.00
CA GLY A 615 28.27 -0.38 -27.31
C GLY A 615 26.97 0.40 -27.43
N CYS A 616 26.89 1.18 -28.51
CA CYS A 616 25.74 2.02 -28.79
C CYS A 616 25.50 1.99 -30.29
N GLY A 617 24.27 2.26 -30.69
CA GLY A 617 23.96 2.38 -32.11
C GLY A 617 23.99 1.05 -32.85
N ALA A 618 23.84 1.15 -34.16
CA ALA A 618 23.80 -0.03 -35.02
C ALA A 618 25.17 -0.48 -35.53
N GLY A 619 26.26 0.18 -35.16
CA GLY A 619 27.57 -0.24 -35.60
C GLY A 619 28.27 0.84 -36.42
N GLY A 620 29.50 0.51 -36.82
CA GLY A 620 30.31 1.41 -37.63
C GLY A 620 31.20 2.33 -36.83
N GLY A 621 31.67 3.38 -37.51
CA GLY A 621 32.53 4.39 -36.93
C GLY A 621 33.21 5.29 -37.94
N LEU A 622 33.68 6.45 -37.46
CA LEU A 622 34.38 7.42 -38.31
C LEU A 622 35.72 6.91 -38.82
N ASN A 623 36.39 6.06 -38.04
CA ASN A 623 37.65 5.43 -38.43
C ASN A 623 37.78 4.12 -37.67
N ASN A 624 38.98 3.53 -37.74
CA ASN A 624 39.24 2.24 -37.08
C ASN A 624 39.04 2.33 -35.57
N ALA A 625 39.65 3.34 -34.94
CA ALA A 625 39.53 3.52 -33.50
C ALA A 625 38.08 3.76 -33.07
N ASN A 626 37.32 4.54 -33.86
CA ASN A 626 35.92 4.79 -33.57
C ASN A 626 35.04 3.55 -33.73
N VAL A 627 35.38 2.67 -34.69
CA VAL A 627 34.65 1.41 -34.84
C VAL A 627 34.81 0.55 -33.59
N PHE A 628 36.06 0.46 -33.09
CA PHE A 628 36.34 -0.29 -31.86
C PHE A 628 35.66 0.36 -30.67
N HIS A 629 35.67 1.70 -30.61
CA HIS A 629 35.08 2.43 -29.48
C HIS A 629 33.57 2.22 -29.40
N LEU A 630 32.87 2.35 -30.53
CA LEU A 630 31.42 2.17 -30.54
C LEU A 630 30.98 0.74 -30.26
N ALA A 631 31.88 -0.23 -30.33
CA ALA A 631 31.61 -1.60 -29.94
C ALA A 631 31.96 -1.85 -28.49
N GLY A 632 32.48 -0.83 -27.79
CA GLY A 632 32.85 -0.98 -26.40
C GLY A 632 34.21 -1.63 -26.21
N LEU A 633 35.18 -1.28 -27.06
CA LEU A 633 36.47 -1.95 -27.07
C LEU A 633 37.59 -0.90 -27.11
N THR A 634 38.65 -1.18 -26.36
CA THR A 634 39.97 -0.57 -26.55
C THR A 634 40.91 -1.60 -27.17
N PHE A 635 41.91 -1.13 -27.92
CA PHE A 635 42.80 -2.04 -28.62
C PHE A 635 44.23 -1.51 -28.56
N LEU A 636 45.18 -2.45 -28.59
CA LEU A 636 46.62 -2.14 -28.65
C LEU A 636 47.25 -2.73 -29.89
N THR A 637 47.91 -1.88 -30.70
CA THR A 637 48.48 -2.33 -31.95
C THR A 637 49.73 -1.49 -32.23
N ASN A 638 50.73 -2.13 -32.82
CA ASN A 638 51.85 -1.47 -33.47
C ASN A 638 51.54 -1.01 -34.88
N ALA A 639 50.40 -1.44 -35.44
CA ALA A 639 49.97 -0.95 -36.74
C ALA A 639 49.48 0.49 -36.70
N ASN A 640 48.60 0.82 -35.76
CA ASN A 640 48.08 2.18 -35.67
C ASN A 640 48.58 2.87 -34.41
N ALA A 641 49.15 4.06 -34.60
CA ALA A 641 49.70 4.80 -33.47
C ALA A 641 48.62 5.64 -32.83
N ASP A 642 47.77 6.24 -33.66
CA ASP A 642 46.66 7.09 -33.26
C ASP A 642 45.55 6.38 -32.47
N ASP A 643 45.42 6.64 -31.18
CA ASP A 643 44.35 6.00 -30.43
C ASP A 643 43.38 7.08 -29.98
N SER A 644 42.28 6.66 -29.37
CA SER A 644 41.30 7.60 -28.84
C SER A 644 41.84 8.23 -27.55
N GLN A 645 42.02 9.55 -27.52
CA GLN A 645 42.65 10.15 -26.35
C GLN A 645 41.57 10.53 -25.36
N GLU A 646 41.85 10.30 -24.06
CA GLU A 646 40.97 10.69 -22.94
C GLU A 646 39.53 10.20 -23.03
N ASN A 647 39.31 9.06 -23.68
CA ASN A 647 37.94 8.59 -23.88
C ASN A 647 37.67 7.73 -22.65
N ASP A 648 37.42 8.43 -21.54
CA ASP A 648 37.18 7.76 -20.27
C ASP A 648 35.87 6.98 -20.23
N GLU A 649 34.81 7.50 -20.83
CA GLU A 649 33.70 6.56 -20.76
C GLU A 649 33.06 6.34 -22.12
N PRO A 650 32.47 5.16 -22.31
CA PRO A 650 31.68 4.87 -23.52
C PRO A 650 30.42 5.71 -23.58
N CYS A 651 29.89 5.85 -24.79
CA CYS A 651 28.64 6.54 -25.06
C CYS A 651 27.51 5.84 -24.29
N GLN B 3 -18.02 32.82 -10.28
CA GLN B 3 -16.87 31.97 -9.92
C GLN B 3 -15.57 32.68 -10.25
N LYS B 4 -15.53 33.33 -11.43
CA LYS B 4 -14.35 34.07 -11.88
C LYS B 4 -14.08 35.19 -10.88
N LYS B 5 -15.15 35.76 -10.31
CA LYS B 5 -15.12 36.75 -9.25
C LYS B 5 -14.43 36.25 -7.98
N ILE B 6 -14.21 34.94 -7.84
CA ILE B 6 -13.51 34.38 -6.70
C ILE B 6 -12.11 33.96 -7.13
N GLU B 7 -11.94 33.58 -8.39
CA GLU B 7 -10.64 33.30 -8.99
C GLU B 7 -9.74 34.53 -8.94
N GLU B 8 -10.33 35.71 -9.13
CA GLU B 8 -9.61 36.99 -9.04
C GLU B 8 -9.05 37.22 -7.65
N ILE B 9 -9.83 36.88 -6.61
CA ILE B 9 -9.36 37.05 -5.23
C ILE B 9 -8.13 36.18 -4.99
N ALA B 10 -8.24 34.89 -5.33
CA ALA B 10 -7.12 33.97 -5.15
C ALA B 10 -5.92 34.43 -5.98
N ALA B 11 -6.14 34.84 -7.24
CA ALA B 11 -5.07 35.34 -8.11
C ALA B 11 -4.43 36.61 -7.55
N LYS B 12 -5.22 37.41 -6.82
CA LYS B 12 -4.81 38.67 -6.19
C LYS B 12 -3.78 38.54 -5.08
N TYR B 13 -3.76 37.46 -4.32
CA TYR B 13 -2.94 37.51 -3.12
C TYR B 13 -1.81 36.58 -3.48
N LYS B 14 -0.59 37.08 -3.33
CA LYS B 14 0.56 36.28 -3.70
C LYS B 14 1.10 35.38 -2.61
N HIS B 15 2.02 34.52 -3.05
CA HIS B 15 2.82 33.54 -2.33
C HIS B 15 2.06 32.37 -1.71
N SER B 16 0.88 32.02 -2.22
CA SER B 16 0.02 30.94 -1.73
C SER B 16 -0.21 31.04 -0.22
N VAL B 17 -0.37 29.88 0.48
CA VAL B 17 -0.51 29.81 1.94
C VAL B 17 -1.88 30.25 2.46
N VAL B 18 -2.34 31.32 1.87
CA VAL B 18 -3.60 31.95 2.15
C VAL B 18 -4.69 31.54 1.14
N LYS B 19 -4.34 30.71 0.13
CA LYS B 19 -5.30 30.28 -0.89
C LYS B 19 -6.34 29.35 -0.26
N LYS B 20 -5.86 28.50 0.66
CA LYS B 20 -6.73 27.58 1.38
C LYS B 20 -7.67 28.37 2.27
N CYS B 21 -7.16 29.45 2.88
CA CYS B 21 -7.97 30.30 3.76
C CYS B 21 -9.13 30.91 2.98
N CYS B 22 -8.87 31.30 1.74
CA CYS B 22 -9.92 31.77 0.84
C CYS B 22 -10.88 30.63 0.50
N TYR B 23 -10.35 29.44 0.26
CA TYR B 23 -11.13 28.26 -0.12
C TYR B 23 -12.16 27.87 0.93
N ASP B 24 -11.70 27.43 2.11
CA ASP B 24 -12.65 27.03 3.13
C ASP B 24 -13.41 28.19 3.76
N GLY B 25 -13.04 29.45 3.45
CA GLY B 25 -13.92 30.55 3.76
C GLY B 25 -15.16 30.57 2.90
N ALA B 26 -15.00 30.27 1.61
CA ALA B 26 -16.11 30.26 0.66
C ALA B 26 -16.98 29.01 0.76
N CYS B 27 -16.66 28.07 1.63
CA CYS B 27 -17.47 26.86 1.77
C CYS B 27 -18.77 27.19 2.47
N VAL B 28 -19.81 26.39 2.19
CA VAL B 28 -21.13 26.71 2.71
C VAL B 28 -21.19 26.38 4.20
N ASN B 29 -21.72 27.33 4.97
CA ASN B 29 -21.95 27.15 6.41
C ASN B 29 -23.14 28.06 6.73
N ASN B 30 -24.35 27.47 6.70
CA ASN B 30 -25.57 28.23 6.92
C ASN B 30 -25.86 28.50 8.40
N ASP B 31 -24.98 28.06 9.30
CA ASP B 31 -25.20 28.19 10.74
C ASP B 31 -24.32 29.22 11.44
N GLU B 32 -23.23 29.67 10.81
CA GLU B 32 -22.32 30.63 11.45
C GLU B 32 -21.93 31.72 10.45
N THR B 33 -21.78 32.93 10.97
CA THR B 33 -21.35 34.08 10.18
C THR B 33 -19.86 33.99 9.84
N CYS B 34 -19.42 34.87 8.95
CA CYS B 34 -18.02 34.91 8.53
C CYS B 34 -17.09 35.23 9.70
N GLU B 35 -17.49 36.19 10.54
CA GLU B 35 -16.65 36.60 11.67
C GLU B 35 -16.58 35.52 12.75
N GLN B 36 -17.64 34.74 12.93
CA GLN B 36 -17.62 33.65 13.90
C GLN B 36 -16.68 32.54 13.46
N ARG B 37 -16.64 32.26 12.16
CA ARG B 37 -15.73 31.25 11.63
C ARG B 37 -14.28 31.71 11.68
N ALA B 38 -14.01 32.96 11.29
CA ALA B 38 -12.66 33.52 11.33
C ALA B 38 -12.11 33.67 12.76
N ALA B 39 -12.99 33.70 13.76
CA ALA B 39 -12.55 33.79 15.15
C ALA B 39 -11.76 32.57 15.63
N ARG B 40 -11.88 31.43 14.94
CA ARG B 40 -11.14 30.24 15.33
C ARG B 40 -9.80 30.09 14.62
N ILE B 41 -9.49 30.99 13.67
CA ILE B 41 -8.27 30.85 12.87
C ILE B 41 -7.08 31.22 13.76
N SER B 42 -6.06 30.36 13.75
CA SER B 42 -4.87 30.56 14.57
C SER B 42 -3.60 30.62 13.70
N LEU B 43 -3.74 31.06 12.45
CA LEU B 43 -2.61 31.11 11.53
C LEU B 43 -2.16 32.52 11.20
N GLY B 44 -2.70 33.55 11.85
CA GLY B 44 -2.18 34.88 11.68
C GLY B 44 -3.11 35.85 10.97
N PRO B 45 -2.68 37.11 10.89
CA PRO B 45 -3.54 38.16 10.32
C PRO B 45 -3.72 38.04 8.82
N ARG B 46 -2.72 37.55 8.09
CA ARG B 46 -2.81 37.44 6.63
C ARG B 46 -3.85 36.42 6.20
N CYS B 47 -3.91 35.26 6.88
CA CYS B 47 -4.93 34.26 6.60
C CYS B 47 -6.35 34.74 6.93
N ILE B 48 -6.49 35.56 7.98
CA ILE B 48 -7.77 36.10 8.40
C ILE B 48 -8.36 37.06 7.36
N LYS B 49 -7.51 37.86 6.70
CA LYS B 49 -8.03 38.85 5.76
C LYS B 49 -8.57 38.21 4.47
N ALA B 50 -7.89 37.18 3.92
CA ALA B 50 -8.40 36.42 2.77
C ALA B 50 -9.68 35.68 3.10
N PHE B 51 -9.67 35.00 4.25
CA PHE B 51 -10.83 34.25 4.72
C PHE B 51 -12.05 35.16 4.76
N THR B 52 -11.90 36.36 5.32
CA THR B 52 -13.04 37.28 5.45
C THR B 52 -13.54 37.74 4.07
N GLU B 53 -12.62 38.06 3.15
CA GLU B 53 -12.98 38.51 1.80
C GLU B 53 -13.79 37.45 1.04
N CYS B 54 -13.22 36.25 0.87
CA CYS B 54 -13.85 35.19 0.08
C CYS B 54 -15.16 34.69 0.70
N CYS B 55 -15.30 34.78 2.02
CA CYS B 55 -16.54 34.39 2.68
C CYS B 55 -17.70 35.33 2.34
N VAL B 56 -17.47 36.64 2.41
CA VAL B 56 -18.51 37.63 2.17
C VAL B 56 -19.00 37.62 0.71
N VAL B 57 -18.06 37.58 -0.25
CA VAL B 57 -18.42 37.58 -1.67
C VAL B 57 -19.20 36.34 -2.08
N ALA B 58 -18.81 35.16 -1.56
CA ALA B 58 -19.52 33.92 -1.87
C ALA B 58 -20.96 33.97 -1.36
N SER B 59 -21.17 34.57 -0.19
CA SER B 59 -22.52 34.72 0.36
C SER B 59 -23.36 35.68 -0.46
N GLN B 60 -22.75 36.72 -1.03
CA GLN B 60 -23.48 37.67 -1.87
C GLN B 60 -23.89 37.06 -3.20
N LEU B 61 -23.01 36.25 -3.81
CA LEU B 61 -23.32 35.64 -5.08
C LEU B 61 -24.41 34.58 -4.97
N ARG B 62 -24.47 33.89 -3.85
CA ARG B 62 -25.49 32.85 -3.68
C ARG B 62 -26.94 33.42 -3.43
N ALA B 63 -27.23 34.71 -3.59
CA ALA B 63 -28.59 35.22 -3.40
C ALA B 63 -29.50 35.10 -4.63
N ASN B 64 -29.18 35.84 -5.70
CA ASN B 64 -29.93 35.84 -6.96
C ASN B 64 -29.66 34.66 -7.86
N ILE B 65 -28.77 33.76 -7.46
CA ILE B 65 -28.45 32.60 -8.29
C ILE B 65 -29.42 31.45 -8.07
N SER B 66 -29.28 30.41 -8.87
CA SER B 66 -29.96 29.15 -8.72
C SER B 66 -29.00 28.09 -8.20
N HIS B 67 -29.60 27.04 -7.66
CA HIS B 67 -28.88 25.93 -7.05
C HIS B 67 -27.92 25.30 -8.05
N LYS B 68 -28.31 25.23 -9.32
CA LYS B 68 -27.42 24.72 -10.37
C LYS B 68 -26.21 25.63 -10.54
N ASP B 69 -26.41 26.95 -10.41
CA ASP B 69 -25.33 27.94 -10.53
C ASP B 69 -24.35 27.80 -9.38
N MET B 70 -24.85 27.57 -8.16
CA MET B 70 -24.03 27.33 -6.97
C MET B 70 -23.13 26.12 -7.17
N GLN B 71 -23.69 25.02 -7.71
CA GLN B 71 -22.95 23.78 -7.89
C GLN B 71 -21.80 23.98 -8.88
N LEU B 72 -22.03 24.78 -9.93
CA LEU B 72 -20.95 25.07 -10.87
C LEU B 72 -19.84 25.87 -10.21
N GLY B 73 -20.18 26.83 -9.34
CA GLY B 73 -19.15 27.56 -8.63
C GLY B 73 -18.32 26.75 -7.65
N ARG B 74 -18.96 25.89 -6.84
CA ARG B 74 -18.21 24.99 -5.95
C ARG B 74 -17.37 23.93 -6.65
N LEU B 75 -17.71 23.52 -7.88
CA LEU B 75 -16.86 22.58 -8.61
C LEU B 75 -15.58 23.22 -9.09
N HIS B 76 -15.71 24.43 -9.60
CA HIS B 76 -14.60 25.24 -10.08
C HIS B 76 -13.61 25.52 -8.95
N MET B 77 -14.12 25.84 -7.75
CA MET B 77 -13.24 26.15 -6.62
C MET B 77 -12.45 24.93 -6.21
N LYS B 78 -13.08 23.73 -6.15
CA LYS B 78 -12.38 22.59 -5.55
C LYS B 78 -11.25 22.10 -6.46
N THR B 79 -11.20 22.61 -7.70
CA THR B 79 -10.24 22.30 -8.75
C THR B 79 -9.37 23.53 -8.97
N LEU B 80 -8.12 23.31 -9.39
CA LEU B 80 -7.09 24.36 -9.52
C LEU B 80 -6.59 25.08 -8.27
N LEU B 81 -7.43 25.27 -7.24
CA LEU B 81 -6.92 26.10 -6.15
C LEU B 81 -6.17 25.17 -5.19
N PRO B 82 -6.75 24.00 -4.70
CA PRO B 82 -5.93 23.12 -3.85
C PRO B 82 -4.89 22.45 -4.71
N VAL B 83 -4.01 21.67 -4.11
CA VAL B 83 -2.99 20.96 -4.86
C VAL B 83 -3.51 19.52 -4.82
N SER B 84 -2.90 18.63 -5.62
CA SER B 84 -3.32 17.24 -5.68
C SER B 84 -3.23 16.57 -4.30
N LYS B 85 -3.86 15.42 -4.20
CA LYS B 85 -3.88 14.76 -2.91
C LYS B 85 -3.85 13.27 -3.16
N PRO B 86 -2.89 12.56 -2.59
CA PRO B 86 -2.79 11.12 -2.84
C PRO B 86 -3.90 10.36 -2.11
N GLU B 87 -4.75 9.74 -2.90
CA GLU B 87 -5.85 8.95 -2.38
C GLU B 87 -6.23 7.94 -3.46
N ILE B 88 -6.92 6.89 -3.03
CA ILE B 88 -7.25 5.79 -3.93
C ILE B 88 -8.70 5.39 -3.65
N ARG B 89 -9.43 5.07 -4.71
CA ARG B 89 -10.82 4.69 -4.55
C ARG B 89 -11.01 3.18 -4.43
N SER B 90 -9.99 2.39 -4.77
CA SER B 90 -10.09 0.94 -4.72
C SER B 90 -9.12 0.39 -3.69
N TYR B 91 -9.51 -0.70 -3.04
CA TYR B 91 -8.63 -1.41 -2.12
C TYR B 91 -8.07 -2.62 -2.85
N PHE B 92 -6.81 -2.95 -2.55
CA PHE B 92 -6.16 -4.09 -3.17
C PHE B 92 -5.78 -5.08 -2.08
N PRO B 93 -6.21 -6.34 -2.17
CA PRO B 93 -5.91 -7.31 -1.11
C PRO B 93 -4.42 -7.60 -1.02
N GLU B 94 -4.05 -8.21 0.10
CA GLU B 94 -2.65 -8.55 0.34
C GLU B 94 -2.22 -9.63 -0.66
N SER B 95 -0.97 -9.54 -1.11
CA SER B 95 -0.45 -10.57 -1.99
C SER B 95 -0.13 -11.86 -1.22
N TRP B 96 0.03 -12.93 -1.98
CA TRP B 96 0.31 -14.26 -1.45
C TRP B 96 1.23 -14.98 -2.44
N LEU B 97 1.52 -16.26 -2.16
CA LEU B 97 2.46 -17.07 -2.94
C LEU B 97 3.85 -16.47 -3.05
N TRP B 98 4.23 -15.59 -2.12
CA TRP B 98 5.51 -14.89 -2.11
C TRP B 98 6.71 -15.76 -1.60
N GLU B 99 6.60 -17.08 -1.65
CA GLU B 99 7.62 -17.98 -1.15
C GLU B 99 8.65 -18.29 -2.23
N VAL B 100 9.79 -18.85 -1.82
CA VAL B 100 10.86 -19.25 -2.72
C VAL B 100 11.08 -20.76 -2.59
N HIS B 101 11.22 -21.46 -3.72
CA HIS B 101 11.35 -22.91 -3.75
C HIS B 101 12.53 -23.37 -4.60
N LEU B 102 13.21 -24.42 -4.14
CA LEU B 102 14.22 -25.13 -4.93
C LEU B 102 13.52 -26.18 -5.80
N VAL B 103 13.58 -26.00 -7.11
CA VAL B 103 12.89 -26.85 -8.08
C VAL B 103 13.90 -27.77 -8.76
N PRO B 104 13.93 -29.09 -8.43
CA PRO B 104 14.77 -30.11 -9.13
C PRO B 104 14.14 -30.46 -10.47
N ARG B 105 14.24 -29.45 -11.37
CA ARG B 105 13.77 -29.33 -12.76
C ARG B 105 12.25 -29.25 -13.00
N ARG B 106 11.50 -29.65 -12.01
CA ARG B 106 10.05 -29.79 -12.03
C ARG B 106 9.65 -29.83 -10.56
N LYS B 107 8.63 -29.06 -10.10
CA LYS B 107 8.20 -29.16 -8.70
C LYS B 107 6.75 -28.70 -8.55
N GLN B 108 5.89 -29.55 -7.96
CA GLN B 108 4.49 -29.17 -7.76
C GLN B 108 4.19 -28.85 -6.28
N LEU B 109 3.37 -27.82 -6.09
CA LEU B 109 2.90 -27.39 -4.78
C LEU B 109 1.43 -26.97 -4.86
N GLN B 110 0.61 -27.48 -3.94
CA GLN B 110 -0.83 -27.24 -3.93
C GLN B 110 -1.27 -26.33 -2.78
N PHE B 111 -2.33 -25.56 -3.02
CA PHE B 111 -2.87 -24.61 -2.06
C PHE B 111 -4.36 -24.37 -2.36
N ALA B 112 -4.92 -23.34 -1.73
CA ALA B 112 -6.32 -22.95 -1.92
C ALA B 112 -6.39 -21.47 -2.30
N LEU B 113 -7.15 -21.16 -3.35
CA LEU B 113 -7.30 -19.78 -3.80
C LEU B 113 -8.06 -18.94 -2.75
N PRO B 114 -7.70 -17.68 -2.57
CA PRO B 114 -8.39 -16.85 -1.56
C PRO B 114 -9.83 -16.57 -1.99
N ASP B 115 -10.65 -16.22 -0.99
CA ASP B 115 -12.06 -15.89 -1.22
C ASP B 115 -12.17 -14.44 -1.65
N SER B 116 -12.26 -14.19 -2.96
CA SER B 116 -12.36 -12.84 -3.52
C SER B 116 -12.70 -12.98 -4.99
N LEU B 117 -13.30 -11.93 -5.55
CA LEU B 117 -13.52 -11.80 -6.99
C LEU B 117 -12.42 -10.92 -7.54
N THR B 118 -11.37 -11.56 -8.03
CA THR B 118 -10.13 -10.90 -8.36
C THR B 118 -9.50 -11.65 -9.53
N THR B 119 -8.92 -10.90 -10.46
CA THR B 119 -8.10 -11.49 -11.53
C THR B 119 -6.67 -11.54 -11.01
N TRP B 120 -6.28 -12.69 -10.46
CA TRP B 120 -4.95 -12.87 -9.91
C TRP B 120 -3.94 -13.11 -11.02
N GLU B 121 -2.72 -12.60 -10.83
CA GLU B 121 -1.65 -12.69 -11.81
C GLU B 121 -0.47 -13.36 -11.11
N ILE B 122 -0.12 -14.58 -11.54
CA ILE B 122 0.94 -15.38 -10.95
C ILE B 122 2.21 -15.25 -11.76
N GLN B 123 3.30 -14.86 -11.09
CA GLN B 123 4.57 -14.55 -11.71
C GLN B 123 5.70 -15.36 -11.08
N GLY B 124 6.49 -16.01 -11.92
CA GLY B 124 7.64 -16.80 -11.45
C GLY B 124 8.94 -16.24 -12.01
N VAL B 125 9.98 -16.27 -11.18
CA VAL B 125 11.32 -15.79 -11.54
C VAL B 125 12.32 -16.85 -11.12
N GLY B 126 12.96 -17.51 -12.09
CA GLY B 126 13.92 -18.55 -11.78
C GLY B 126 15.35 -18.01 -11.73
N ILE B 127 16.10 -18.47 -10.73
CA ILE B 127 17.50 -18.11 -10.54
C ILE B 127 18.34 -19.37 -10.43
N SER B 128 19.38 -19.46 -11.26
CA SER B 128 20.30 -20.58 -11.26
C SER B 128 21.65 -20.09 -11.76
N ASN B 129 22.63 -20.99 -11.83
CA ASN B 129 23.96 -20.66 -12.33
C ASN B 129 23.98 -20.26 -13.81
N THR B 130 22.90 -20.48 -14.54
CA THR B 130 22.77 -20.05 -15.94
C THR B 130 22.07 -18.71 -16.08
N GLY B 131 21.70 -18.06 -14.98
CA GLY B 131 21.15 -16.72 -15.02
C GLY B 131 19.74 -16.61 -14.47
N ILE B 132 18.99 -15.69 -15.05
CA ILE B 132 17.65 -15.33 -14.62
C ILE B 132 16.65 -15.67 -15.73
N CYS B 133 15.47 -16.13 -15.32
CA CYS B 133 14.40 -16.48 -16.24
C CYS B 133 13.07 -15.92 -15.72
N VAL B 134 12.55 -14.93 -16.43
CA VAL B 134 11.24 -14.39 -16.14
C VAL B 134 10.24 -15.29 -16.84
N ALA B 135 9.49 -16.07 -16.06
CA ALA B 135 8.51 -16.99 -16.63
C ALA B 135 7.36 -16.23 -17.29
N ASP B 136 6.63 -16.95 -18.13
CA ASP B 136 5.43 -16.41 -18.74
C ASP B 136 4.37 -16.14 -17.68
N THR B 137 3.81 -14.93 -17.70
CA THR B 137 2.77 -14.57 -16.76
C THR B 137 1.52 -15.37 -17.06
N VAL B 138 1.00 -16.04 -16.04
CA VAL B 138 -0.19 -16.88 -16.14
C VAL B 138 -1.34 -16.17 -15.47
N LYS B 139 -2.51 -16.18 -16.11
CA LYS B 139 -3.66 -15.48 -15.58
C LYS B 139 -4.52 -16.46 -14.80
N ALA B 140 -5.17 -15.95 -13.75
CA ALA B 140 -6.04 -16.79 -12.93
C ALA B 140 -7.18 -15.90 -12.42
N LYS B 141 -8.33 -16.00 -13.07
CA LYS B 141 -9.46 -15.13 -12.75
C LYS B 141 -10.33 -15.90 -11.76
N VAL B 142 -10.32 -15.48 -10.50
CA VAL B 142 -11.26 -16.06 -9.54
C VAL B 142 -12.51 -15.20 -9.64
N PHE B 143 -13.59 -15.82 -10.07
CA PHE B 143 -14.77 -15.09 -10.51
C PHE B 143 -16.01 -15.91 -10.18
N LYS B 144 -17.08 -15.23 -9.78
CA LYS B 144 -18.35 -15.89 -9.53
C LYS B 144 -19.40 -15.13 -10.33
N ASP B 145 -20.16 -15.87 -11.14
CA ASP B 145 -21.12 -15.24 -12.04
C ASP B 145 -22.45 -14.96 -11.38
N VAL B 146 -22.81 -15.71 -10.35
CA VAL B 146 -24.06 -15.51 -9.61
C VAL B 146 -23.74 -15.64 -8.13
N PHE B 147 -23.99 -14.57 -7.37
CA PHE B 147 -23.66 -14.60 -5.95
C PHE B 147 -24.51 -13.59 -5.21
N LEU B 148 -24.78 -13.92 -3.95
CA LEU B 148 -25.57 -13.09 -3.04
C LEU B 148 -24.63 -12.39 -2.07
N GLU B 149 -24.92 -11.14 -1.74
CA GLU B 149 -24.30 -10.52 -0.57
C GLU B 149 -25.36 -9.81 0.25
N MET B 150 -25.16 -9.82 1.56
CA MET B 150 -26.08 -9.23 2.52
C MET B 150 -25.36 -8.17 3.32
N ASN B 151 -26.05 -7.07 3.61
CA ASN B 151 -25.48 -5.99 4.40
C ASN B 151 -26.09 -6.11 5.79
N ILE B 152 -25.31 -6.69 6.69
CA ILE B 152 -25.72 -6.92 8.07
C ILE B 152 -25.10 -5.83 8.94
N PRO B 153 -25.88 -5.12 9.74
CA PRO B 153 -25.32 -4.06 10.58
C PRO B 153 -24.39 -4.62 11.66
N TYR B 154 -23.58 -3.71 12.22
CA TYR B 154 -22.62 -4.08 13.26
C TYR B 154 -23.31 -4.66 14.49
N SER B 155 -24.28 -3.93 15.03
CA SER B 155 -25.03 -4.40 16.18
C SER B 155 -26.50 -4.02 16.02
N VAL B 156 -27.35 -4.72 16.77
CA VAL B 156 -28.79 -4.48 16.75
C VAL B 156 -29.32 -4.64 18.17
N VAL B 157 -30.10 -3.67 18.63
CA VAL B 157 -30.68 -3.72 19.96
C VAL B 157 -31.89 -4.64 19.97
N ARG B 158 -32.00 -5.46 21.01
CA ARG B 158 -33.12 -6.40 21.18
C ARG B 158 -34.47 -5.70 21.16
N GLY B 159 -35.44 -6.27 20.44
CA GLY B 159 -36.77 -5.74 20.33
C GLY B 159 -37.02 -4.91 19.08
N GLU B 160 -35.97 -4.43 18.42
CA GLU B 160 -36.13 -3.61 17.24
C GLU B 160 -36.50 -4.49 16.05
N GLN B 161 -37.42 -4.01 15.22
CA GLN B 161 -37.76 -4.72 13.99
C GLN B 161 -36.85 -4.20 12.88
N ILE B 162 -35.93 -5.03 12.43
CA ILE B 162 -34.89 -4.63 11.49
C ILE B 162 -35.26 -5.18 10.14
N GLN B 163 -35.13 -4.37 9.11
CA GLN B 163 -35.22 -4.82 7.73
C GLN B 163 -33.80 -5.02 7.21
N LEU B 164 -33.43 -6.27 6.95
CA LEU B 164 -32.10 -6.60 6.42
C LEU B 164 -32.14 -6.56 4.90
N LYS B 165 -31.39 -5.63 4.32
CA LYS B 165 -31.32 -5.41 2.89
C LYS B 165 -30.12 -6.13 2.30
N GLY B 166 -30.27 -6.57 1.05
CA GLY B 166 -29.21 -7.27 0.35
C GLY B 166 -29.39 -7.12 -1.14
N THR B 167 -28.44 -7.69 -1.89
CA THR B 167 -28.40 -7.60 -3.34
C THR B 167 -27.88 -8.90 -3.92
N VAL B 168 -28.55 -9.37 -4.97
CA VAL B 168 -28.07 -10.47 -5.83
C VAL B 168 -27.51 -9.94 -7.13
N TYR B 169 -26.30 -10.38 -7.48
CA TYR B 169 -25.58 -9.95 -8.66
C TYR B 169 -25.66 -11.04 -9.74
N ASN B 170 -25.95 -10.63 -10.97
CA ASN B 170 -26.04 -11.53 -12.13
C ASN B 170 -25.13 -11.10 -13.29
N TYR B 171 -24.01 -11.79 -13.44
CA TYR B 171 -23.03 -11.57 -14.50
C TYR B 171 -23.26 -12.39 -15.76
N ARG B 172 -24.22 -13.30 -15.78
CA ARG B 172 -24.55 -13.95 -17.02
C ARG B 172 -25.17 -12.98 -18.02
N THR B 173 -24.94 -13.27 -19.31
CA THR B 173 -25.40 -12.43 -20.41
C THR B 173 -26.90 -12.56 -20.64
N SER B 174 -27.55 -13.55 -20.03
CA SER B 174 -28.97 -13.84 -20.13
C SER B 174 -29.62 -13.60 -18.78
N GLY B 175 -30.80 -12.97 -18.80
CA GLY B 175 -31.53 -12.74 -17.56
C GLY B 175 -31.97 -14.05 -16.93
N MET B 176 -32.37 -13.95 -15.67
CA MET B 176 -32.64 -15.20 -14.98
C MET B 176 -33.55 -15.02 -13.80
N GLN B 177 -34.12 -16.16 -13.43
CA GLN B 177 -34.97 -16.38 -12.27
C GLN B 177 -34.04 -16.77 -11.12
N PHE B 178 -34.51 -16.59 -9.90
CA PHE B 178 -33.66 -16.90 -8.75
C PHE B 178 -34.58 -16.97 -7.55
N CYS B 179 -34.04 -17.37 -6.41
CA CYS B 179 -34.84 -17.29 -5.20
C CYS B 179 -33.92 -17.38 -4.01
N VAL B 180 -34.13 -16.47 -3.06
CA VAL B 180 -33.42 -16.44 -1.77
C VAL B 180 -34.35 -16.87 -0.62
N LYS B 181 -33.85 -17.74 0.26
CA LYS B 181 -34.65 -18.10 1.42
C LYS B 181 -33.81 -17.91 2.68
N MET B 182 -34.48 -17.65 3.81
CA MET B 182 -33.82 -17.34 5.06
C MET B 182 -33.97 -18.51 6.00
N SER B 183 -32.93 -18.78 6.80
CA SER B 183 -32.93 -19.88 7.74
C SER B 183 -33.48 -19.41 9.08
N ALA B 184 -34.59 -19.98 9.50
CA ALA B 184 -35.24 -19.58 10.73
C ALA B 184 -34.46 -20.21 11.88
N VAL B 185 -33.87 -19.38 12.73
CA VAL B 185 -33.24 -19.83 13.95
C VAL B 185 -34.26 -19.56 15.05
N GLU B 186 -34.11 -20.30 16.16
CA GLU B 186 -35.13 -20.33 17.22
C GLU B 186 -35.36 -18.96 17.87
N GLY B 187 -34.29 -18.27 18.28
CA GLY B 187 -34.49 -17.01 18.99
C GLY B 187 -34.97 -15.85 18.15
N ILE B 188 -34.78 -15.89 16.84
CA ILE B 188 -35.14 -14.77 15.97
C ILE B 188 -36.54 -14.87 15.39
N CYS B 189 -37.40 -13.94 15.76
CA CYS B 189 -38.80 -13.90 15.33
C CYS B 189 -38.83 -13.05 14.08
N THR B 190 -39.36 -13.59 12.99
CA THR B 190 -39.43 -12.86 11.73
C THR B 190 -40.87 -12.50 11.33
N SER B 191 -41.79 -12.52 12.29
CA SER B 191 -43.23 -12.28 12.11
C SER B 191 -43.93 -13.22 11.11
N GLU B 192 -43.28 -14.27 10.64
CA GLU B 192 -43.96 -15.21 9.76
C GLU B 192 -43.81 -16.65 10.20
N SER B 193 -42.61 -17.05 10.66
CA SER B 193 -42.22 -18.39 11.08
C SER B 193 -42.57 -19.46 10.04
N PRO B 194 -41.84 -19.52 8.90
CA PRO B 194 -42.13 -20.49 7.83
C PRO B 194 -41.97 -21.95 8.25
N CYS B 206 -40.20 -19.29 -0.39
CA CYS B 206 -39.50 -18.73 -1.54
C CYS B 206 -40.43 -18.04 -2.56
N VAL B 207 -40.39 -16.72 -2.56
CA VAL B 207 -41.12 -15.93 -3.54
C VAL B 207 -40.14 -15.48 -4.61
N ARG B 208 -40.36 -16.04 -5.81
CA ARG B 208 -39.47 -15.95 -6.95
C ARG B 208 -39.52 -14.58 -7.64
N GLN B 209 -38.36 -13.94 -7.76
CA GLN B 209 -38.23 -12.68 -8.49
C GLN B 209 -37.27 -12.91 -9.65
N LYS B 210 -37.12 -11.89 -10.51
CA LYS B 210 -36.26 -12.02 -11.68
C LYS B 210 -35.26 -10.87 -11.78
N VAL B 211 -33.99 -11.23 -11.94
CA VAL B 211 -32.94 -10.27 -12.27
C VAL B 211 -32.74 -10.24 -13.79
N GLU B 212 -32.62 -9.04 -14.36
CA GLU B 212 -32.31 -8.90 -15.76
C GLU B 212 -30.84 -9.23 -16.01
N GLY B 213 -30.53 -9.59 -17.26
CA GLY B 213 -29.16 -9.97 -17.61
C GLY B 213 -28.21 -8.81 -17.42
N SER B 214 -27.04 -9.12 -16.84
CA SER B 214 -25.93 -8.19 -16.60
C SER B 214 -26.41 -6.95 -15.82
N SER B 215 -26.99 -7.24 -14.64
CA SER B 215 -27.45 -6.22 -13.72
C SER B 215 -27.60 -6.86 -12.33
N SER B 216 -28.51 -6.34 -11.52
CA SER B 216 -28.66 -6.82 -10.15
C SER B 216 -30.10 -6.65 -9.71
N HIS B 217 -30.41 -7.20 -8.53
CA HIS B 217 -31.74 -7.07 -7.96
C HIS B 217 -31.68 -6.99 -6.44
N LEU B 218 -32.55 -6.16 -5.86
CA LEU B 218 -32.54 -5.94 -4.42
C LEU B 218 -33.23 -7.08 -3.67
N VAL B 219 -32.81 -7.28 -2.42
CA VAL B 219 -33.35 -8.32 -1.54
C VAL B 219 -33.62 -7.66 -0.19
N THR B 220 -34.78 -7.96 0.41
CA THR B 220 -35.14 -7.41 1.71
C THR B 220 -35.81 -8.49 2.56
N PHE B 221 -35.42 -8.52 3.83
CA PHE B 221 -35.99 -9.40 4.83
C PHE B 221 -36.16 -8.72 6.18
N THR B 222 -37.38 -8.60 6.67
CA THR B 222 -37.64 -8.03 7.99
C THR B 222 -37.58 -9.09 9.10
N VAL B 223 -36.75 -8.85 10.13
CA VAL B 223 -36.61 -9.74 11.29
C VAL B 223 -36.67 -8.92 12.58
N LEU B 224 -36.84 -9.62 13.69
CA LEU B 224 -36.94 -9.01 15.02
C LEU B 224 -36.28 -9.94 16.05
N PRO B 225 -35.06 -9.62 16.48
CA PRO B 225 -34.35 -10.51 17.43
C PRO B 225 -34.96 -10.47 18.83
N LEU B 226 -35.27 -11.66 19.37
CA LEU B 226 -35.78 -11.76 20.73
C LEU B 226 -34.72 -12.14 21.75
N GLU B 227 -33.56 -12.65 21.32
CA GLU B 227 -32.53 -13.11 22.25
C GLU B 227 -31.22 -12.39 21.98
N ILE B 228 -30.46 -12.16 23.04
CA ILE B 228 -29.20 -11.44 22.97
C ILE B 228 -28.11 -12.43 22.62
N GLY B 229 -27.14 -11.98 21.83
CA GLY B 229 -25.99 -12.79 21.47
C GLY B 229 -25.82 -12.93 19.97
N LEU B 230 -24.85 -13.75 19.60
CA LEU B 230 -24.53 -14.05 18.22
C LEU B 230 -25.34 -15.28 17.77
N HIS B 231 -26.12 -15.13 16.70
CA HIS B 231 -26.97 -16.22 16.24
C HIS B 231 -26.55 -16.56 14.81
N ASN B 232 -26.28 -17.83 14.55
CA ASN B 232 -25.92 -18.18 13.19
C ASN B 232 -27.24 -18.15 12.46
N ILE B 233 -27.26 -17.40 11.36
CA ILE B 233 -28.39 -17.37 10.44
C ILE B 233 -27.78 -17.63 9.08
N ASN B 234 -28.38 -18.53 8.36
CA ASN B 234 -27.93 -18.87 7.03
C ASN B 234 -28.89 -18.25 6.04
N PHE B 235 -28.34 -17.98 4.88
CA PHE B 235 -29.10 -17.45 3.77
C PHE B 235 -28.79 -18.36 2.61
N SER B 236 -29.83 -18.97 2.07
CA SER B 236 -29.68 -19.90 0.96
C SER B 236 -30.12 -19.12 -0.26
N LEU B 237 -29.26 -19.07 -1.26
CA LEU B 237 -29.53 -18.52 -2.57
C LEU B 237 -29.65 -19.70 -3.51
N GLU B 238 -30.80 -19.85 -4.12
CA GLU B 238 -30.97 -21.00 -4.98
C GLU B 238 -31.10 -20.40 -6.35
N THR B 239 -30.37 -20.99 -7.29
CA THR B 239 -30.34 -20.62 -8.70
C THR B 239 -30.16 -21.93 -9.47
N TRP B 240 -30.45 -21.88 -10.76
CA TRP B 240 -30.36 -23.09 -11.59
C TRP B 240 -28.93 -23.59 -11.73
N PHE B 241 -27.94 -22.67 -11.86
CA PHE B 241 -26.54 -23.07 -11.97
C PHE B 241 -26.09 -23.80 -10.70
N GLY B 242 -26.44 -23.27 -9.54
CA GLY B 242 -26.12 -23.95 -8.29
C GLY B 242 -26.89 -23.34 -7.16
N LYS B 243 -26.53 -23.75 -5.96
CA LYS B 243 -27.26 -23.32 -4.79
C LYS B 243 -26.16 -23.09 -3.79
N GLU B 244 -26.22 -21.92 -3.20
CA GLU B 244 -25.21 -21.45 -2.29
C GLU B 244 -25.85 -21.08 -0.98
N ILE B 245 -25.15 -21.36 0.09
CA ILE B 245 -25.59 -21.05 1.42
C ILE B 245 -24.55 -20.08 1.96
N LEU B 246 -25.02 -18.95 2.46
CA LEU B 246 -24.18 -17.89 3.00
C LEU B 246 -24.43 -17.77 4.50
N VAL B 247 -23.41 -18.10 5.29
CA VAL B 247 -23.50 -18.09 6.74
C VAL B 247 -23.13 -16.71 7.27
N LYS B 248 -23.99 -16.18 8.14
CA LYS B 248 -23.89 -14.83 8.68
C LYS B 248 -24.19 -14.90 10.16
N THR B 249 -23.90 -13.80 10.85
CA THR B 249 -24.10 -13.70 12.29
C THR B 249 -24.62 -12.31 12.62
N LEU B 250 -25.71 -12.26 13.37
CA LEU B 250 -26.30 -11.01 13.80
C LEU B 250 -25.91 -10.85 15.26
N ARG B 251 -25.30 -9.73 15.58
CA ARG B 251 -24.84 -9.44 16.93
C ARG B 251 -25.95 -8.64 17.59
N VAL B 252 -26.58 -9.24 18.59
CA VAL B 252 -27.69 -8.61 19.29
C VAL B 252 -27.16 -8.10 20.62
N VAL B 253 -27.33 -6.81 20.85
CA VAL B 253 -26.76 -6.12 22.00
C VAL B 253 -27.88 -5.74 22.95
N PRO B 254 -27.68 -5.78 24.26
CA PRO B 254 -28.71 -5.36 25.20
C PRO B 254 -28.97 -3.87 25.09
N GLU B 255 -30.07 -3.45 25.70
CA GLU B 255 -30.38 -2.03 25.82
C GLU B 255 -29.42 -1.34 26.80
N GLY B 256 -29.55 -0.02 26.87
CA GLY B 256 -28.78 0.78 27.80
C GLY B 256 -27.30 0.86 27.44
N VAL B 257 -26.52 1.31 28.41
CA VAL B 257 -25.08 1.53 28.25
C VAL B 257 -24.34 0.32 28.79
N LYS B 258 -23.23 -0.03 28.15
CA LYS B 258 -22.31 -1.01 28.70
C LYS B 258 -21.49 -0.28 29.75
N ARG B 259 -21.39 -0.87 30.93
CA ARG B 259 -20.58 -0.35 32.02
C ARG B 259 -19.69 -1.43 32.62
N GLU B 260 -18.47 -1.03 32.93
CA GLU B 260 -17.43 -1.99 33.28
C GLU B 260 -16.78 -1.59 34.61
N SER B 261 -16.89 -2.47 35.60
CA SER B 261 -16.25 -2.30 36.89
C SER B 261 -15.15 -3.34 37.10
N TYR B 262 -14.20 -2.98 37.95
CA TYR B 262 -13.00 -3.77 38.16
C TYR B 262 -12.71 -3.94 39.64
N SER B 263 -12.22 -5.13 39.99
CA SER B 263 -11.80 -5.42 41.36
C SER B 263 -10.45 -6.12 41.29
N GLY B 264 -9.51 -5.66 42.08
CA GLY B 264 -8.14 -6.19 42.03
C GLY B 264 -7.60 -6.67 43.35
N VAL B 265 -6.85 -7.76 43.31
CA VAL B 265 -6.27 -8.38 44.50
C VAL B 265 -4.88 -8.92 44.15
N THR B 266 -3.93 -8.67 45.05
CA THR B 266 -2.56 -9.14 44.93
C THR B 266 -2.38 -10.26 45.94
N LEU B 267 -1.83 -11.39 45.49
CA LEU B 267 -1.61 -12.56 46.32
C LEU B 267 -0.14 -12.63 46.71
N ASP B 268 0.13 -12.42 48.00
CA ASP B 268 1.47 -12.50 48.58
C ASP B 268 1.31 -13.50 49.71
N PRO B 269 1.44 -14.80 49.41
CA PRO B 269 1.14 -15.84 50.40
C PRO B 269 2.08 -15.84 51.60
N ARG B 270 3.31 -15.37 51.45
CA ARG B 270 4.27 -15.37 52.53
C ARG B 270 4.47 -13.99 53.13
N GLY B 271 3.70 -12.99 52.69
CA GLY B 271 3.76 -11.63 53.21
C GLY B 271 5.12 -10.97 53.13
N ILE B 272 5.77 -11.05 51.96
CA ILE B 272 7.11 -10.50 51.82
C ILE B 272 7.07 -8.98 51.66
N TYR B 273 6.14 -8.47 50.87
CA TYR B 273 6.02 -7.05 50.59
C TYR B 273 4.92 -6.34 51.39
N GLY B 274 4.32 -7.06 52.34
CA GLY B 274 3.24 -6.49 53.13
C GLY B 274 2.58 -7.58 53.94
N THR B 275 1.29 -7.38 54.20
CA THR B 275 0.52 -8.39 54.92
C THR B 275 0.28 -9.60 54.03
N ILE B 276 0.09 -10.74 54.69
CA ILE B 276 -0.19 -11.98 53.97
C ILE B 276 -1.52 -11.83 53.25
N SER B 277 -1.63 -12.42 52.07
CA SER B 277 -2.83 -12.29 51.26
C SER B 277 -2.99 -13.66 50.60
N ARG B 278 -3.81 -14.48 51.22
CA ARG B 278 -4.07 -15.84 50.78
C ARG B 278 -5.48 -16.04 50.24
N ARG B 279 -6.42 -15.19 50.63
CA ARG B 279 -7.83 -15.29 50.24
C ARG B 279 -8.37 -13.93 49.86
N LYS B 280 -9.38 -13.92 49.00
CA LYS B 280 -10.17 -12.73 48.72
C LYS B 280 -11.50 -13.17 48.13
N GLU B 281 -12.55 -12.40 48.44
CA GLU B 281 -13.91 -12.76 48.06
C GLU B 281 -14.45 -11.64 47.18
N PHE B 282 -14.73 -11.98 45.92
CA PHE B 282 -15.40 -11.07 45.01
C PHE B 282 -16.90 -11.34 45.10
N PRO B 283 -17.68 -10.47 45.71
CA PRO B 283 -19.10 -10.75 45.89
C PRO B 283 -19.87 -10.58 44.59
N TYR B 284 -20.94 -11.35 44.45
CA TYR B 284 -21.82 -11.24 43.31
C TYR B 284 -22.89 -10.22 43.67
N ARG B 285 -22.85 -9.06 43.02
CA ARG B 285 -23.79 -8.00 43.30
C ARG B 285 -24.46 -7.53 42.02
N ILE B 286 -25.78 -7.56 42.02
CA ILE B 286 -26.58 -7.12 40.87
C ILE B 286 -26.72 -5.61 40.95
N PRO B 287 -26.38 -4.87 39.89
CA PRO B 287 -26.53 -3.41 39.93
C PRO B 287 -27.99 -2.98 40.01
N LEU B 288 -28.18 -1.67 40.23
CA LEU B 288 -29.49 -1.11 40.49
C LEU B 288 -30.38 -1.13 39.25
N ASP B 289 -30.03 -0.35 38.24
CA ASP B 289 -30.85 -0.19 37.04
C ASP B 289 -30.53 -1.20 35.94
N LEU B 290 -30.37 -2.48 36.30
CA LEU B 290 -30.00 -3.53 35.36
C LEU B 290 -31.10 -3.81 34.34
N VAL B 291 -30.70 -3.92 33.07
CA VAL B 291 -31.59 -4.27 31.96
C VAL B 291 -32.18 -5.66 32.22
N PRO B 292 -33.49 -5.86 32.09
CA PRO B 292 -34.07 -7.18 32.37
C PRO B 292 -33.64 -8.23 31.37
N LYS B 293 -33.63 -9.49 31.84
CA LYS B 293 -33.24 -10.66 31.06
C LYS B 293 -31.85 -10.54 30.43
N THR B 294 -30.90 -9.97 31.18
CA THR B 294 -29.51 -9.94 30.76
C THR B 294 -28.61 -10.52 31.84
N GLU B 295 -27.63 -11.30 31.40
CA GLU B 295 -26.70 -11.95 32.31
C GLU B 295 -25.59 -10.97 32.70
N ILE B 296 -25.17 -11.03 33.94
CA ILE B 296 -24.01 -10.26 34.41
C ILE B 296 -22.74 -11.01 34.01
N LYS B 297 -21.98 -10.42 33.09
CA LYS B 297 -20.75 -11.04 32.62
C LYS B 297 -19.61 -10.66 33.53
N ARG B 298 -18.66 -11.58 33.69
CA ARG B 298 -17.42 -11.27 34.38
C ARG B 298 -16.34 -12.27 33.97
N ILE B 299 -15.17 -11.74 33.64
CA ILE B 299 -14.03 -12.55 33.20
C ILE B 299 -13.00 -12.57 34.31
N LEU B 300 -12.36 -13.71 34.50
CA LEU B 300 -11.35 -13.89 35.52
C LEU B 300 -9.98 -14.09 34.88
N SER B 301 -9.02 -13.26 35.28
CA SER B 301 -7.66 -13.30 34.77
C SER B 301 -6.70 -13.43 35.93
N VAL B 302 -5.93 -14.51 35.95
CA VAL B 302 -4.96 -14.78 37.00
C VAL B 302 -3.62 -14.88 36.29
N LYS B 303 -2.77 -13.86 36.48
CA LYS B 303 -1.48 -13.79 35.81
C LYS B 303 -0.35 -13.93 36.81
N GLY B 304 0.85 -14.18 36.28
CA GLY B 304 1.96 -14.63 37.10
C GLY B 304 2.71 -13.60 37.92
N LEU B 305 2.94 -12.41 37.36
CA LEU B 305 3.77 -11.40 38.01
C LEU B 305 2.98 -10.10 38.11
N LEU B 306 3.62 -9.09 38.70
CA LEU B 306 3.08 -7.74 38.67
C LEU B 306 3.00 -7.20 37.25
N VAL B 307 3.97 -7.57 36.41
CA VAL B 307 4.02 -7.22 34.99
C VAL B 307 3.34 -8.28 34.14
N GLY B 308 2.72 -9.27 34.79
CA GLY B 308 2.17 -10.42 34.10
C GLY B 308 1.03 -10.11 33.14
N GLU B 309 0.22 -9.10 33.46
CA GLU B 309 -0.92 -8.75 32.62
C GLU B 309 -0.51 -8.24 31.24
N ILE B 310 0.51 -7.39 31.20
CA ILE B 310 0.99 -6.90 29.92
C ILE B 310 1.65 -8.00 29.10
N LEU B 311 2.48 -8.82 29.74
CA LEU B 311 3.11 -9.98 29.08
C LEU B 311 2.15 -10.97 28.41
N SER B 312 1.13 -11.47 29.15
CA SER B 312 0.18 -12.42 28.55
C SER B 312 -0.74 -11.85 27.50
N ALA B 313 -1.22 -10.62 27.70
CA ALA B 313 -2.15 -9.97 26.78
C ALA B 313 -1.53 -9.65 25.42
N VAL B 314 -0.29 -9.19 25.42
CA VAL B 314 0.35 -8.76 24.18
C VAL B 314 0.86 -9.96 23.41
N LEU B 315 1.49 -10.92 24.09
CA LEU B 315 2.10 -12.02 23.36
C LEU B 315 1.07 -13.01 22.83
N SER B 316 -0.10 -13.09 23.46
CA SER B 316 -1.11 -13.98 22.90
C SER B 316 -2.05 -13.31 21.89
N GLN B 317 -2.57 -12.12 22.16
CA GLN B 317 -3.64 -11.63 21.29
C GLN B 317 -3.25 -10.30 20.69
N GLU B 318 -1.95 -10.09 20.52
CA GLU B 318 -1.20 -8.97 19.93
C GLU B 318 -1.34 -7.66 20.67
N GLY B 319 -2.49 -7.45 21.32
CA GLY B 319 -2.85 -6.35 22.19
C GLY B 319 -2.22 -5.02 21.83
N ILE B 320 -2.34 -4.58 20.57
CA ILE B 320 -1.58 -3.42 20.10
C ILE B 320 -1.90 -2.18 20.94
N ASN B 321 -3.18 -1.83 21.08
CA ASN B 321 -3.52 -0.74 21.98
C ASN B 321 -4.17 -1.35 23.24
N ILE B 322 -3.65 -1.01 24.41
CA ILE B 322 -4.25 -1.44 25.67
C ILE B 322 -5.42 -0.57 26.09
N LEU B 323 -5.62 0.53 25.37
CA LEU B 323 -6.65 1.53 25.70
C LEU B 323 -7.64 1.59 24.56
N THR B 324 -8.16 0.38 24.29
CA THR B 324 -9.09 0.21 23.19
C THR B 324 -10.33 1.08 23.39
N HIS B 325 -10.72 1.35 24.65
CA HIS B 325 -11.87 2.17 24.98
C HIS B 325 -11.64 3.65 24.68
N LEU B 326 -10.38 4.06 24.47
CA LEU B 326 -9.99 5.41 24.07
C LEU B 326 -9.75 5.43 22.58
N PRO B 327 -10.21 6.45 21.86
CA PRO B 327 -10.10 6.42 20.41
C PRO B 327 -8.73 6.84 19.89
N LYS B 328 -8.44 6.35 18.70
CA LYS B 328 -7.29 6.76 17.93
C LYS B 328 -7.59 8.10 17.25
N GLY B 329 -6.57 8.71 16.66
CA GLY B 329 -6.78 9.98 15.97
C GLY B 329 -5.68 10.96 16.29
N SER B 330 -5.37 11.03 17.59
CA SER B 330 -4.27 11.82 18.10
C SER B 330 -2.98 11.05 17.96
N ALA B 331 -1.87 11.79 17.84
CA ALA B 331 -0.55 11.16 17.80
C ALA B 331 -0.24 10.42 19.09
N GLU B 332 -0.79 10.89 20.22
CA GLU B 332 -0.67 10.22 21.51
C GLU B 332 -1.08 8.74 21.43
N ALA B 333 -2.14 8.45 20.66
CA ALA B 333 -2.59 7.07 20.48
C ALA B 333 -1.56 6.24 19.72
N GLU B 334 -0.95 6.85 18.70
CA GLU B 334 0.10 6.18 17.92
C GLU B 334 1.32 5.87 18.79
N LEU B 335 1.63 6.75 19.74
CA LEU B 335 2.71 6.48 20.69
C LEU B 335 2.29 5.43 21.71
N MET B 336 1.07 5.54 22.23
CA MET B 336 0.54 4.56 23.18
C MET B 336 0.49 3.14 22.60
N SER B 337 0.42 3.02 21.27
CA SER B 337 0.44 1.72 20.60
C SER B 337 1.78 1.01 20.78
N VAL B 338 2.88 1.75 20.95
CA VAL B 338 4.20 1.15 21.12
C VAL B 338 4.63 1.03 22.58
N VAL B 339 3.87 1.65 23.51
CA VAL B 339 4.14 1.53 24.95
C VAL B 339 4.22 0.09 25.47
N PRO B 340 3.20 -0.80 25.28
CA PRO B 340 3.27 -2.15 25.90
C PRO B 340 4.41 -3.03 25.40
N VAL B 341 4.64 -3.03 24.07
CA VAL B 341 5.71 -3.80 23.46
C VAL B 341 7.08 -3.39 24.03
N PHE B 342 7.27 -2.09 24.27
CA PHE B 342 8.55 -1.62 24.82
C PHE B 342 8.78 -2.15 26.23
N TYR B 343 7.79 -2.02 27.11
CA TYR B 343 7.97 -2.39 28.51
C TYR B 343 8.11 -3.90 28.68
N VAL B 344 7.44 -4.68 27.83
CA VAL B 344 7.63 -6.13 27.82
C VAL B 344 9.06 -6.46 27.43
N PHE B 345 9.54 -5.84 26.34
CA PHE B 345 10.91 -6.01 25.88
C PHE B 345 11.93 -5.58 26.93
N HIS B 346 11.64 -4.47 27.62
CA HIS B 346 12.53 -3.93 28.64
C HIS B 346 12.69 -4.90 29.81
N TYR B 347 11.59 -5.54 30.24
CA TYR B 347 11.66 -6.56 31.28
C TYR B 347 12.49 -7.77 30.85
N LEU B 348 12.16 -8.34 29.67
CA LEU B 348 12.77 -9.58 29.20
C LEU B 348 14.28 -9.44 28.96
N GLU B 349 14.72 -8.29 28.48
CA GLU B 349 16.13 -8.15 28.14
C GLU B 349 16.96 -7.84 29.39
N THR B 350 16.49 -6.87 30.20
CA THR B 350 17.24 -6.45 31.40
C THR B 350 17.32 -7.57 32.43
N GLY B 351 16.21 -8.25 32.69
CA GLY B 351 16.23 -9.34 33.65
C GLY B 351 16.66 -10.68 33.11
N ASN B 352 16.89 -10.78 31.80
CA ASN B 352 17.26 -12.01 31.09
C ASN B 352 16.28 -13.15 31.40
N HIS B 353 15.06 -12.95 30.91
CA HIS B 353 13.96 -13.88 31.08
C HIS B 353 13.43 -14.42 29.76
N TRP B 354 14.32 -14.62 28.77
CA TRP B 354 13.89 -15.11 27.47
C TRP B 354 13.52 -16.59 27.49
N ASN B 355 13.85 -17.29 28.57
CA ASN B 355 13.52 -18.69 28.74
C ASN B 355 12.07 -18.97 29.04
N ILE B 356 11.25 -17.95 29.27
CA ILE B 356 9.82 -18.14 29.49
C ILE B 356 9.17 -18.81 28.27
N PHE B 357 9.69 -18.53 27.08
CA PHE B 357 9.19 -19.19 25.88
C PHE B 357 9.70 -20.62 25.84
N HIS B 358 8.78 -21.56 25.58
CA HIS B 358 9.15 -22.96 25.45
C HIS B 358 9.84 -23.25 24.12
N SER B 359 9.69 -22.34 23.16
CA SER B 359 10.27 -22.48 21.83
C SER B 359 11.61 -21.75 21.84
N ASP B 360 12.10 -21.35 20.67
CA ASP B 360 13.39 -20.67 20.58
C ASP B 360 13.30 -19.24 21.10
N PRO B 361 14.07 -18.87 22.13
CA PRO B 361 13.99 -17.49 22.64
C PRO B 361 14.52 -16.46 21.66
N LEU B 362 15.46 -16.84 20.79
CA LEU B 362 16.07 -15.91 19.85
C LEU B 362 15.07 -15.43 18.80
N ILE B 363 14.18 -16.34 18.33
CA ILE B 363 13.14 -15.94 17.37
C ILE B 363 12.12 -15.03 18.04
N GLU B 364 11.83 -15.25 19.33
CA GLU B 364 10.89 -14.38 20.04
C GLU B 364 11.47 -13.00 20.30
N LYS B 365 12.77 -12.94 20.64
CA LYS B 365 13.45 -11.65 20.77
C LYS B 365 13.49 -10.93 19.43
N GLN B 366 13.67 -11.68 18.34
CA GLN B 366 13.56 -11.13 17.00
C GLN B 366 12.18 -10.54 16.72
N LYS B 367 11.13 -11.34 16.95
CA LYS B 367 9.74 -10.92 16.69
C LYS B 367 9.34 -9.67 17.47
N LEU B 368 9.68 -9.61 18.76
CA LEU B 368 9.31 -8.46 19.59
C LEU B 368 10.05 -7.20 19.17
N LYS B 369 11.31 -7.34 18.77
CA LYS B 369 12.10 -6.22 18.25
C LYS B 369 11.46 -5.64 17.00
N LYS B 370 10.98 -6.52 16.10
CA LYS B 370 10.34 -6.09 14.86
C LYS B 370 9.05 -5.33 15.14
N LYS B 371 8.21 -5.84 16.05
CA LYS B 371 6.97 -5.16 16.43
C LYS B 371 7.25 -3.80 17.07
N LEU B 372 8.38 -3.67 17.76
CA LEU B 372 8.78 -2.40 18.36
C LEU B 372 9.12 -1.37 17.27
N LYS B 373 9.84 -1.80 16.23
CA LYS B 373 10.18 -0.93 15.11
C LYS B 373 8.95 -0.45 14.35
N GLU B 374 8.03 -1.36 14.04
CA GLU B 374 6.80 -1.03 13.32
C GLU B 374 5.96 -0.01 14.09
N GLY B 375 5.87 -0.18 15.41
CA GLY B 375 5.15 0.79 16.23
C GLY B 375 5.80 2.16 16.27
N MET B 376 7.14 2.19 16.26
CA MET B 376 7.87 3.45 16.34
C MET B 376 7.71 4.27 15.06
N LEU B 377 7.46 3.62 13.92
CA LEU B 377 7.29 4.36 12.68
C LEU B 377 5.97 5.08 12.59
N SER B 378 5.00 4.70 13.44
CA SER B 378 3.64 5.22 13.34
C SER B 378 3.59 6.74 13.53
N ILE B 379 4.53 7.31 14.27
CA ILE B 379 4.43 8.72 14.60
C ILE B 379 5.17 9.63 13.65
N MET B 380 5.94 9.07 12.69
CA MET B 380 6.75 9.88 11.78
C MET B 380 5.89 10.85 10.98
N SER B 381 4.65 10.44 10.70
CA SER B 381 3.67 11.26 9.99
C SER B 381 3.39 12.57 10.71
N TYR B 382 3.42 12.55 12.03
CA TYR B 382 3.09 13.71 12.85
C TYR B 382 4.28 14.63 13.04
N ARG B 383 5.39 14.35 12.37
CA ARG B 383 6.58 15.16 12.47
C ARG B 383 6.61 16.14 11.32
N ASN B 384 6.91 17.39 11.62
CA ASN B 384 6.97 18.44 10.63
C ASN B 384 8.38 18.48 10.04
N ALA B 385 8.57 19.36 9.04
CA ALA B 385 9.86 19.44 8.34
C ALA B 385 10.98 19.88 9.26
N ASP B 386 10.68 20.72 10.25
CA ASP B 386 11.66 21.20 11.22
C ASP B 386 11.83 20.26 12.41
N TYR B 387 11.38 19.02 12.30
CA TYR B 387 11.53 17.96 13.31
C TYR B 387 10.75 18.19 14.59
N SER B 388 9.83 19.14 14.60
CA SER B 388 8.85 19.23 15.67
C SER B 388 7.74 18.21 15.42
N TYR B 389 6.89 18.01 16.43
CA TYR B 389 5.82 17.05 16.30
C TYR B 389 4.48 17.74 16.57
N SER B 390 3.46 17.32 15.85
CA SER B 390 2.11 17.87 15.95
C SER B 390 1.18 16.82 16.53
N VAL B 391 0.24 17.24 17.39
CA VAL B 391 -0.73 16.30 17.96
C VAL B 391 -1.61 15.71 16.86
N TRP B 392 -2.10 16.56 15.97
CA TRP B 392 -2.92 16.18 14.83
C TRP B 392 -2.17 16.45 13.53
N LYS B 393 -2.21 15.47 12.62
CA LYS B 393 -1.51 15.52 11.34
C LYS B 393 -1.91 16.75 10.53
N GLY B 394 -0.92 17.55 10.15
CA GLY B 394 -1.15 18.80 9.47
C GLY B 394 -1.45 19.99 10.35
N GLY B 395 -1.74 19.77 11.64
CA GLY B 395 -1.98 20.87 12.55
C GLY B 395 -0.69 21.51 13.04
N SER B 396 -0.87 22.47 13.95
CA SER B 396 0.24 23.23 14.48
C SER B 396 1.11 22.38 15.40
N ALA B 397 2.39 22.73 15.46
CA ALA B 397 3.35 22.02 16.29
C ALA B 397 3.04 22.26 17.78
N SER B 398 3.25 21.22 18.58
CA SER B 398 2.95 21.28 20.02
C SER B 398 4.23 21.10 20.81
N THR B 399 4.45 22.02 21.77
CA THR B 399 5.51 21.85 22.75
C THR B 399 5.31 20.58 23.58
N TRP B 400 4.07 20.33 24.01
CA TRP B 400 3.72 19.18 24.85
C TRP B 400 4.03 17.85 24.17
N LEU B 401 3.47 17.64 22.97
CA LEU B 401 3.62 16.34 22.30
C LEU B 401 5.05 16.07 21.86
N THR B 402 5.79 17.12 21.48
CA THR B 402 7.21 16.96 21.15
C THR B 402 8.00 16.47 22.36
N ALA B 403 7.69 16.99 23.56
CA ALA B 403 8.31 16.49 24.78
C ALA B 403 7.97 15.02 25.01
N PHE B 404 6.70 14.65 24.80
CA PHE B 404 6.28 13.27 25.02
C PHE B 404 6.90 12.32 24.00
N ALA B 405 6.91 12.72 22.72
CA ALA B 405 7.57 11.92 21.69
C ALA B 405 9.05 11.74 21.97
N LEU B 406 9.72 12.78 22.49
CA LEU B 406 11.13 12.66 22.86
C LEU B 406 11.34 11.71 24.03
N ARG B 407 10.38 11.62 24.95
CA ARG B 407 10.48 10.67 26.05
C ARG B 407 10.39 9.23 25.53
N VAL B 408 9.36 8.94 24.73
CA VAL B 408 9.12 7.60 24.20
C VAL B 408 10.28 7.17 23.29
N LEU B 409 10.68 8.06 22.37
CA LEU B 409 11.83 7.80 21.49
C LEU B 409 13.10 7.54 22.29
N GLY B 410 13.34 8.33 23.35
CA GLY B 410 14.56 8.19 24.13
C GLY B 410 14.63 6.86 24.85
N GLN B 411 13.48 6.34 25.28
CA GLN B 411 13.45 5.03 25.93
C GLN B 411 13.62 3.90 24.92
N VAL B 412 12.98 4.02 23.74
CA VAL B 412 13.04 2.98 22.72
C VAL B 412 14.45 2.86 22.15
N ASN B 413 15.19 3.99 22.10
CA ASN B 413 16.54 4.06 21.54
C ASN B 413 17.52 3.08 22.18
N LYS B 414 17.25 2.66 23.43
CA LYS B 414 18.14 1.74 24.13
C LYS B 414 18.18 0.38 23.43
N TYR B 415 17.04 -0.05 22.90
CA TYR B 415 16.94 -1.37 22.27
C TYR B 415 16.80 -1.33 20.76
N VAL B 416 16.21 -0.28 20.20
CA VAL B 416 16.16 -0.05 18.75
C VAL B 416 16.68 1.35 18.49
N GLU B 417 17.90 1.45 17.96
CA GLU B 417 18.58 2.73 17.77
C GLU B 417 17.79 3.66 16.85
N GLN B 418 17.70 4.91 17.26
CA GLN B 418 16.97 5.95 16.54
C GLN B 418 17.92 6.85 15.77
N ASN B 419 17.36 7.55 14.79
CA ASN B 419 18.12 8.48 13.95
C ASN B 419 18.59 9.63 14.84
N GLN B 420 19.90 9.67 15.09
CA GLN B 420 20.48 10.65 16.01
C GLN B 420 20.25 12.07 15.53
N ASN B 421 20.36 12.29 14.21
CA ASN B 421 20.21 13.62 13.64
C ASN B 421 18.78 14.13 13.84
N SER B 422 17.81 13.23 13.71
CA SER B 422 16.41 13.56 13.93
C SER B 422 16.13 13.93 15.39
N ILE B 423 16.63 13.12 16.33
CA ILE B 423 16.46 13.38 17.77
C ILE B 423 17.06 14.72 18.17
N CYS B 424 18.27 15.04 17.66
CA CYS B 424 18.92 16.32 17.92
C CYS B 424 18.08 17.51 17.46
N ASN B 425 17.56 17.44 16.24
CA ASN B 425 16.74 18.53 15.69
C ASN B 425 15.45 18.74 16.48
N SER B 426 14.86 17.66 17.01
CA SER B 426 13.63 17.77 17.80
C SER B 426 13.88 18.46 19.13
N LEU B 427 14.93 18.03 19.85
CA LEU B 427 15.33 18.65 21.12
C LEU B 427 15.59 20.15 20.97
N LEU B 428 16.34 20.53 19.93
CA LEU B 428 16.67 21.94 19.71
C LEU B 428 15.45 22.79 19.37
N TRP B 429 14.45 22.20 18.68
CA TRP B 429 13.21 22.91 18.43
C TRP B 429 12.46 23.27 19.72
N LEU B 430 12.52 22.39 20.71
CA LEU B 430 11.90 22.68 22.00
C LEU B 430 12.57 23.87 22.70
N VAL B 431 13.88 23.75 22.96
CA VAL B 431 14.53 24.72 23.84
C VAL B 431 14.82 26.08 23.19
N GLU B 432 14.80 26.18 21.86
CA GLU B 432 15.15 27.43 21.21
C GLU B 432 13.98 28.39 21.01
N ASN B 433 12.76 27.91 21.08
CA ASN B 433 11.63 28.74 20.72
C ASN B 433 10.63 28.93 21.85
N TYR B 434 10.33 27.87 22.61
CA TYR B 434 9.22 27.92 23.56
C TYR B 434 9.70 27.77 25.00
N GLN B 435 10.89 28.31 25.27
CA GLN B 435 11.43 28.48 26.61
C GLN B 435 11.59 29.95 26.94
N LEU B 436 10.98 30.37 28.07
CA LEU B 436 11.00 31.76 28.50
C LEU B 436 12.32 32.06 29.21
N ASP B 437 12.50 33.35 29.54
CA ASP B 437 13.75 33.79 30.17
C ASP B 437 13.97 33.15 31.54
N ASN B 438 12.89 32.93 32.29
CA ASN B 438 12.98 32.34 33.63
C ASN B 438 13.23 30.84 33.62
N GLY B 439 13.31 30.20 32.46
CA GLY B 439 13.56 28.79 32.35
C GLY B 439 12.33 27.94 32.12
N SER B 440 11.14 28.49 32.35
CA SER B 440 9.89 27.76 32.14
C SER B 440 9.61 27.59 30.65
N PHE B 441 8.69 26.68 30.35
CA PHE B 441 8.23 26.45 28.98
C PHE B 441 6.79 26.91 28.76
N LYS B 442 6.53 27.37 27.52
CA LYS B 442 5.24 27.82 27.05
C LYS B 442 4.79 26.93 25.89
N GLU B 443 3.48 26.87 25.70
CA GLU B 443 2.89 26.04 24.65
C GLU B 443 2.69 26.85 23.38
N ASN B 444 3.01 26.21 22.24
CA ASN B 444 2.87 26.86 20.94
C ASN B 444 1.44 26.79 20.45
N SER B 445 0.83 25.62 20.54
CA SER B 445 -0.50 25.39 20.01
C SER B 445 -1.54 25.81 21.05
N GLN B 446 -2.82 25.76 20.66
CA GLN B 446 -3.90 26.02 21.60
C GLN B 446 -4.35 24.74 22.32
N TYR B 447 -3.53 23.69 22.26
CA TYR B 447 -3.86 22.42 22.87
C TYR B 447 -3.69 22.50 24.37
N GLN B 448 -4.74 22.17 25.10
CA GLN B 448 -4.75 22.17 26.57
C GLN B 448 -4.86 20.71 26.99
N PRO B 449 -3.75 20.05 27.34
CA PRO B 449 -3.84 18.63 27.71
C PRO B 449 -4.53 18.35 29.04
N ILE B 450 -4.49 19.28 30.00
CA ILE B 450 -5.02 19.01 31.34
C ILE B 450 -5.72 20.23 31.90
N LYS B 451 -6.71 19.97 32.74
CA LYS B 451 -7.45 21.00 33.48
C LYS B 451 -6.96 20.96 34.92
N LEU B 452 -6.50 22.09 35.42
CA LEU B 452 -5.97 22.22 36.77
C LEU B 452 -6.84 23.14 37.61
N GLN B 453 -6.65 23.05 38.92
CA GLN B 453 -7.47 23.81 39.86
C GLN B 453 -6.93 25.23 40.04
N GLY B 454 -7.58 25.98 40.92
CA GLY B 454 -7.18 27.33 41.25
C GLY B 454 -7.85 28.39 40.40
N THR B 455 -7.71 29.64 40.86
CA THR B 455 -8.17 30.81 40.12
C THR B 455 -7.33 31.03 38.86
N LEU B 456 -7.81 31.97 38.03
CA LEU B 456 -7.16 32.34 36.76
C LEU B 456 -5.66 32.67 36.86
N PRO B 457 -5.17 33.49 37.81
CA PRO B 457 -3.71 33.62 37.95
C PRO B 457 -3.02 32.34 38.41
N VAL B 458 -3.62 31.65 39.38
CA VAL B 458 -3.05 30.44 39.96
C VAL B 458 -3.04 29.28 38.96
N GLU B 459 -4.10 29.14 38.15
CA GLU B 459 -4.10 28.13 37.09
C GLU B 459 -3.00 28.38 36.07
N ALA B 460 -2.70 29.65 35.77
CA ALA B 460 -1.62 29.98 34.85
C ALA B 460 -0.27 29.55 35.41
N ARG B 461 -0.02 29.86 36.69
CA ARG B 461 1.21 29.42 37.35
C ARG B 461 1.31 27.90 37.36
N GLU B 462 0.19 27.24 37.73
CA GLU B 462 0.13 25.77 37.80
C GLU B 462 0.41 25.12 36.45
N ASN B 463 -0.27 25.58 35.39
CA ASN B 463 -0.09 25.00 34.05
C ASN B 463 1.32 25.20 33.52
N SER B 464 1.96 26.32 33.87
CA SER B 464 3.33 26.59 33.46
C SER B 464 4.30 25.60 34.12
N LEU B 465 4.10 25.35 35.41
CA LEU B 465 4.90 24.37 36.16
C LEU B 465 4.80 22.97 35.56
N TYR B 466 3.57 22.53 35.22
CA TYR B 466 3.37 21.21 34.66
C TYR B 466 4.11 21.02 33.34
N LEU B 467 3.96 21.97 32.42
CA LEU B 467 4.62 21.87 31.12
C LEU B 467 6.13 21.88 31.26
N THR B 468 6.65 22.72 32.16
CA THR B 468 8.09 22.78 32.40
C THR B 468 8.61 21.45 32.96
N ALA B 469 7.88 20.88 33.93
CA ALA B 469 8.26 19.58 34.48
C ALA B 469 8.16 18.47 33.45
N PHE B 470 7.09 18.49 32.64
CA PHE B 470 6.89 17.47 31.60
C PHE B 470 7.99 17.49 30.54
N THR B 471 8.34 18.69 30.05
CA THR B 471 9.42 18.82 29.07
C THR B 471 10.75 18.34 29.61
N VAL B 472 11.05 18.63 30.89
CA VAL B 472 12.29 18.16 31.51
C VAL B 472 12.37 16.63 31.47
N ILE B 473 11.25 15.95 31.79
CA ILE B 473 11.17 14.49 31.73
C ILE B 473 11.50 13.99 30.32
N GLY B 474 10.90 14.62 29.31
CA GLY B 474 11.14 14.22 27.93
C GLY B 474 12.60 14.39 27.52
N ILE B 475 13.18 15.53 27.87
CA ILE B 475 14.56 15.85 27.51
C ILE B 475 15.55 14.92 28.23
N ARG B 476 15.27 14.61 29.51
CA ARG B 476 16.14 13.72 30.27
C ARG B 476 16.17 12.31 29.69
N LYS B 477 15.01 11.80 29.23
CA LYS B 477 14.98 10.44 28.71
C LYS B 477 15.75 10.31 27.39
N ALA B 478 15.97 11.43 26.70
CA ALA B 478 16.63 11.42 25.40
C ALA B 478 17.93 12.24 25.39
N PHE B 479 18.43 12.65 26.56
CA PHE B 479 19.58 13.56 26.57
C PHE B 479 20.86 12.86 26.15
N ASP B 480 21.02 11.60 26.54
CA ASP B 480 22.26 10.86 26.26
C ASP B 480 22.42 10.58 24.77
N ILE B 481 21.30 10.58 24.02
CA ILE B 481 21.34 10.41 22.57
C ILE B 481 22.02 11.60 21.91
N CYS B 482 21.79 12.80 22.44
CA CYS B 482 22.28 14.05 21.84
C CYS B 482 22.76 14.99 22.94
N PRO B 483 23.90 14.67 23.61
CA PRO B 483 24.32 15.49 24.75
C PRO B 483 24.90 16.84 24.38
N LEU B 484 24.02 17.75 23.96
CA LEU B 484 24.38 19.09 23.55
C LEU B 484 24.45 20.04 24.75
N VAL B 485 25.41 20.96 24.70
CA VAL B 485 25.53 21.96 25.76
C VAL B 485 24.30 22.86 25.78
N LYS B 486 23.71 23.14 24.62
CA LYS B 486 22.54 24.01 24.54
C LYS B 486 21.35 23.43 25.29
N ILE B 487 21.03 22.16 25.07
CA ILE B 487 19.90 21.59 25.79
C ILE B 487 20.26 21.27 27.23
N ASP B 488 21.54 21.11 27.54
CA ASP B 488 21.98 21.01 28.93
C ASP B 488 21.85 22.34 29.66
N THR B 489 22.22 23.44 28.99
CA THR B 489 22.01 24.78 29.54
C THR B 489 20.52 25.04 29.78
N ALA B 490 19.68 24.68 28.80
CA ALA B 490 18.23 24.74 28.96
C ALA B 490 17.77 23.91 30.15
N LEU B 491 18.34 22.71 30.31
CA LEU B 491 18.00 21.84 31.44
C LEU B 491 18.36 22.49 32.77
N ILE B 492 19.46 23.24 32.82
CA ILE B 492 19.84 23.93 34.06
C ILE B 492 18.83 25.00 34.40
N LYS B 493 18.44 25.81 33.40
CA LYS B 493 17.48 26.89 33.60
C LYS B 493 16.12 26.35 34.02
N ALA B 494 15.65 25.31 33.34
CA ALA B 494 14.36 24.69 33.66
C ALA B 494 14.35 24.06 35.05
N ASP B 495 15.42 23.32 35.40
CA ASP B 495 15.57 22.73 36.73
C ASP B 495 15.54 23.77 37.85
N ASN B 496 16.15 24.94 37.60
CA ASN B 496 16.11 26.03 38.57
C ASN B 496 14.70 26.52 38.79
N PHE B 497 13.94 26.68 37.69
CA PHE B 497 12.54 27.10 37.78
C PHE B 497 11.72 26.10 38.60
N LEU B 498 11.88 24.81 38.31
CA LEU B 498 11.20 23.76 39.06
C LEU B 498 11.56 23.77 40.55
N LEU B 499 12.85 23.94 40.87
CA LEU B 499 13.30 23.93 42.25
C LEU B 499 12.73 25.09 43.08
N GLU B 500 12.67 26.28 42.50
CA GLU B 500 12.27 27.46 43.26
C GLU B 500 10.75 27.62 43.40
N ASN B 501 9.95 27.11 42.48
CA ASN B 501 8.53 27.46 42.47
C ASN B 501 7.64 26.30 42.87
N THR B 502 8.21 25.12 43.11
CA THR B 502 7.42 23.94 43.48
C THR B 502 6.92 24.01 44.92
N LEU B 503 7.82 24.37 45.86
CA LEU B 503 7.52 24.54 47.28
C LEU B 503 6.27 25.35 47.63
N PRO B 504 6.00 26.54 47.05
CA PRO B 504 4.61 27.05 47.22
C PRO B 504 3.62 26.30 46.34
N ALA B 505 3.39 25.03 46.65
CA ALA B 505 2.59 24.17 45.79
C ALA B 505 1.11 24.53 45.82
N GLN B 506 0.45 24.24 44.71
CA GLN B 506 -0.99 24.39 44.59
C GLN B 506 -1.73 23.08 44.42
N SER B 507 -1.04 21.99 44.09
CA SER B 507 -1.67 20.69 43.93
C SER B 507 -0.61 19.61 43.99
N THR B 508 -1.03 18.44 44.50
CA THR B 508 -0.15 17.27 44.60
C THR B 508 0.25 16.78 43.21
N PHE B 509 -0.59 17.05 42.20
CA PHE B 509 -0.34 16.59 40.84
C PHE B 509 0.90 17.28 40.26
N THR B 510 0.92 18.61 40.27
CA THR B 510 2.07 19.36 39.78
C THR B 510 3.29 19.15 40.67
N LEU B 511 3.05 18.95 41.97
CA LEU B 511 4.12 18.62 42.92
C LEU B 511 4.80 17.30 42.56
N ALA B 512 4.01 16.28 42.20
CA ALA B 512 4.55 14.97 41.85
C ALA B 512 5.38 15.02 40.57
N ILE B 513 4.85 15.65 39.51
CA ILE B 513 5.54 15.70 38.23
C ILE B 513 6.83 16.51 38.33
N SER B 514 6.82 17.58 39.15
CA SER B 514 8.05 18.33 39.39
C SER B 514 9.08 17.48 40.13
N ALA B 515 8.62 16.69 41.10
CA ALA B 515 9.52 15.81 41.86
C ALA B 515 10.17 14.75 40.97
N TYR B 516 9.40 14.16 40.05
CA TYR B 516 9.96 13.13 39.18
C TYR B 516 10.91 13.73 38.15
N ALA B 517 10.57 14.90 37.61
CA ALA B 517 11.43 15.62 36.69
C ALA B 517 12.77 15.97 37.33
N LEU B 518 12.74 16.48 38.56
CA LEU B 518 13.97 16.77 39.28
C LEU B 518 14.72 15.52 39.69
N SER B 519 14.02 14.39 39.86
CA SER B 519 14.71 13.14 40.19
C SER B 519 15.58 12.62 39.06
N LEU B 520 15.32 13.05 37.82
CA LEU B 520 16.10 12.66 36.66
C LEU B 520 17.42 13.43 36.54
N GLY B 521 17.67 14.41 37.41
CA GLY B 521 18.90 15.18 37.36
C GLY B 521 19.75 15.06 38.59
N ASP B 522 20.11 16.20 39.18
CA ASP B 522 20.94 16.21 40.39
C ASP B 522 20.05 15.86 41.58
N LYS B 523 20.25 14.67 42.13
CA LYS B 523 19.48 14.18 43.26
C LYS B 523 20.07 14.59 44.61
N THR B 524 21.10 15.43 44.61
CA THR B 524 21.75 15.86 45.84
C THR B 524 21.44 17.30 46.24
N HIS B 525 20.67 18.03 45.43
CA HIS B 525 20.33 19.42 45.76
C HIS B 525 19.43 19.45 47.00
N PRO B 526 19.70 20.32 47.98
CA PRO B 526 18.91 20.33 49.23
C PRO B 526 17.43 20.66 49.04
N GLN B 527 17.12 21.60 48.15
CA GLN B 527 15.74 22.01 47.90
C GLN B 527 14.92 20.88 47.27
N PHE B 528 15.57 20.05 46.45
CA PHE B 528 14.93 18.85 45.90
C PHE B 528 14.48 17.89 47.00
N ARG B 529 15.34 17.66 48.00
CA ARG B 529 14.99 16.81 49.14
C ARG B 529 13.78 17.37 49.89
N SER B 530 13.70 18.70 50.00
CA SER B 530 12.55 19.35 50.61
C SER B 530 11.26 19.09 49.83
N ILE B 531 11.34 19.12 48.49
CA ILE B 531 10.17 18.85 47.65
C ILE B 531 9.69 17.41 47.84
N VAL B 532 10.64 16.47 47.94
CA VAL B 532 10.31 15.07 48.19
C VAL B 532 9.65 14.90 49.57
N SER B 533 10.17 15.63 50.56
CA SER B 533 9.59 15.60 51.91
C SER B 533 8.16 16.12 51.91
N ALA B 534 7.93 17.26 51.26
CA ALA B 534 6.58 17.82 51.18
C ALA B 534 5.63 16.90 50.44
N LEU B 535 6.13 16.21 49.41
CA LEU B 535 5.32 15.24 48.67
C LEU B 535 4.99 14.01 49.50
N LYS B 536 5.97 13.49 50.27
CA LYS B 536 5.72 12.37 51.16
C LYS B 536 4.68 12.70 52.23
N ARG B 537 4.61 13.97 52.66
CA ARG B 537 3.67 14.39 53.68
C ARG B 537 2.23 14.26 53.23
N GLU B 538 1.98 14.34 51.92
CA GLU B 538 0.64 14.28 51.35
C GLU B 538 0.17 12.85 51.09
N ALA B 539 0.98 11.86 51.45
CA ALA B 539 0.67 10.46 51.16
C ALA B 539 -0.55 10.00 51.94
N LEU B 540 -1.42 9.25 51.30
CA LEU B 540 -2.51 8.59 52.01
C LEU B 540 -2.14 7.13 52.22
N VAL B 541 -2.57 6.58 53.36
CA VAL B 541 -2.31 5.19 53.70
C VAL B 541 -3.61 4.54 54.17
N LYS B 542 -3.79 3.28 53.80
CA LYS B 542 -4.84 2.44 54.35
C LYS B 542 -4.21 1.41 55.27
N GLY B 543 -4.52 1.45 56.57
CA GLY B 543 -3.91 0.50 57.47
C GLY B 543 -2.73 1.05 58.24
N ASN B 544 -2.40 0.37 59.34
CA ASN B 544 -1.19 0.66 60.12
C ASN B 544 -0.69 -0.63 60.78
N PRO B 545 0.40 -1.25 60.26
CA PRO B 545 1.30 -0.96 59.12
C PRO B 545 0.60 -0.89 57.76
N PRO B 546 1.00 0.03 56.89
CA PRO B 546 0.18 0.32 55.70
C PRO B 546 0.17 -0.87 54.75
N ILE B 547 -1.03 -1.28 54.35
CA ILE B 547 -1.17 -2.24 53.26
C ILE B 547 -1.15 -1.52 51.91
N TYR B 548 -1.73 -0.33 51.84
CA TYR B 548 -1.77 0.46 50.63
C TYR B 548 -1.21 1.85 50.88
N ARG B 549 -0.64 2.45 49.84
CA ARG B 549 -0.21 3.84 49.85
C ARG B 549 -0.49 4.48 48.49
N PHE B 550 -1.20 5.61 48.49
CA PHE B 550 -1.56 6.26 47.23
C PHE B 550 -1.65 7.76 47.44
N TRP B 551 -1.95 8.49 46.36
CA TRP B 551 -2.02 9.94 46.38
C TRP B 551 -3.28 10.46 45.70
N LYS B 552 -3.86 11.52 46.29
CA LYS B 552 -4.96 12.28 45.70
C LYS B 552 -4.36 13.49 45.01
N ASP B 553 -4.91 13.87 43.84
CA ASP B 553 -4.27 14.91 43.04
C ASP B 553 -4.45 16.31 43.62
N ASN B 554 -5.43 16.52 44.48
CA ASN B 554 -5.59 17.78 45.18
C ASN B 554 -4.83 17.74 46.49
N LEU B 555 -4.31 18.89 46.91
CA LEU B 555 -3.62 18.94 48.19
C LEU B 555 -4.63 18.75 49.31
N GLN B 556 -4.15 18.16 50.41
CA GLN B 556 -5.02 17.83 51.53
C GLN B 556 -5.64 19.08 52.15
N HIS B 557 -4.83 20.13 52.34
CA HIS B 557 -5.26 21.37 52.96
C HIS B 557 -6.29 22.17 52.14
N LYS B 558 -6.54 21.82 50.88
CA LYS B 558 -7.58 22.47 50.09
C LYS B 558 -8.87 21.68 50.05
N ASP B 559 -8.78 20.36 50.20
CA ASP B 559 -9.93 19.48 50.09
C ASP B 559 -9.52 18.27 50.91
N SER B 560 -10.20 18.06 52.04
CA SER B 560 -9.81 16.98 52.94
C SER B 560 -10.58 15.69 52.74
N SER B 561 -11.56 15.65 51.83
CA SER B 561 -12.27 14.40 51.64
C SER B 561 -11.42 13.47 50.81
N VAL B 562 -11.52 12.18 51.10
CA VAL B 562 -10.71 11.16 50.44
C VAL B 562 -11.60 10.40 49.47
N PRO B 563 -11.23 10.30 48.19
CA PRO B 563 -12.06 9.57 47.22
C PRO B 563 -12.08 8.09 47.55
N ASN B 564 -13.21 7.45 47.23
CA ASN B 564 -13.40 6.03 47.49
C ASN B 564 -13.04 5.13 46.31
N THR B 565 -13.00 5.66 45.09
CA THR B 565 -12.54 4.91 43.94
C THR B 565 -11.55 5.76 43.15
N GLY B 566 -10.71 5.05 42.39
CA GLY B 566 -9.67 5.73 41.63
C GLY B 566 -10.16 6.40 40.37
N THR B 567 -9.36 7.38 39.95
CA THR B 567 -9.53 8.14 38.72
C THR B 567 -8.20 8.13 37.98
N ALA B 568 -8.19 8.76 36.80
CA ALA B 568 -6.96 8.83 36.02
C ALA B 568 -5.91 9.69 36.73
N ARG B 569 -6.34 10.80 37.32
CA ARG B 569 -5.42 11.67 38.05
C ARG B 569 -4.85 10.99 39.29
N MET B 570 -5.65 10.13 39.95
CA MET B 570 -5.18 9.39 41.11
C MET B 570 -4.04 8.44 40.76
N VAL B 571 -4.24 7.64 39.70
CA VAL B 571 -3.22 6.69 39.27
C VAL B 571 -1.99 7.43 38.74
N GLU B 572 -2.20 8.61 38.14
CA GLU B 572 -1.08 9.35 37.57
C GLU B 572 -0.21 10.01 38.64
N THR B 573 -0.82 10.61 39.68
CA THR B 573 -0.05 11.19 40.77
C THR B 573 0.77 10.14 41.52
N THR B 574 0.14 9.03 41.90
CA THR B 574 0.84 7.94 42.58
C THR B 574 1.99 7.37 41.74
N ALA B 575 1.80 7.28 40.41
CA ALA B 575 2.85 6.76 39.53
C ALA B 575 4.09 7.66 39.51
N TYR B 576 3.90 8.99 39.39
CA TYR B 576 5.04 9.92 39.45
C TYR B 576 5.79 9.81 40.77
N ALA B 577 5.06 9.72 41.88
CA ALA B 577 5.70 9.59 43.19
C ALA B 577 6.45 8.26 43.29
N LEU B 578 5.88 7.20 42.71
CA LEU B 578 6.52 5.88 42.71
C LEU B 578 7.82 5.90 41.91
N LEU B 579 7.79 6.52 40.72
CA LEU B 579 8.99 6.61 39.89
C LEU B 579 10.05 7.48 40.55
N THR B 580 9.62 8.55 41.24
CA THR B 580 10.53 9.38 42.03
C THR B 580 11.18 8.56 43.13
N SER B 581 10.38 7.72 43.79
CA SER B 581 10.89 6.87 44.87
C SER B 581 11.82 5.79 44.35
N LEU B 582 11.52 5.22 43.17
CA LEU B 582 12.39 4.22 42.57
C LEU B 582 13.76 4.78 42.20
N ASN B 583 13.79 6.01 41.66
CA ASN B 583 15.07 6.65 41.39
C ASN B 583 15.89 6.95 42.64
N LEU B 584 15.26 7.05 43.80
CA LEU B 584 16.00 7.25 45.04
C LEU B 584 16.26 5.95 45.79
N LYS B 585 15.77 4.81 45.27
CA LYS B 585 15.96 3.48 45.87
C LYS B 585 15.43 3.36 47.31
N ASP B 586 14.27 3.94 47.56
CA ASP B 586 13.65 3.94 48.89
C ASP B 586 12.66 2.77 48.88
N ILE B 587 13.21 1.56 49.05
CA ILE B 587 12.44 0.34 48.83
C ILE B 587 11.44 0.07 49.96
N ASN B 588 11.69 0.58 51.17
CA ASN B 588 10.74 0.36 52.27
C ASN B 588 9.45 1.13 52.08
N TYR B 589 9.47 2.14 51.22
CA TYR B 589 8.41 3.12 51.07
C TYR B 589 7.52 2.76 49.89
N VAL B 590 8.00 1.86 49.04
CA VAL B 590 7.40 1.61 47.73
C VAL B 590 6.46 0.40 47.79
N ASN B 591 6.61 -0.48 48.78
CA ASN B 591 5.83 -1.72 48.87
C ASN B 591 4.32 -1.52 48.95
N PRO B 592 3.76 -0.67 49.82
CA PRO B 592 2.31 -0.45 49.77
C PRO B 592 1.83 0.24 48.49
N VAL B 593 2.67 1.08 47.86
CA VAL B 593 2.33 1.72 46.58
C VAL B 593 2.16 0.70 45.45
N ILE B 594 3.10 -0.24 45.32
CA ILE B 594 3.00 -1.29 44.29
C ILE B 594 1.74 -2.14 44.47
N LYS B 595 1.38 -2.43 45.73
CA LYS B 595 0.17 -3.21 46.02
C LYS B 595 -1.09 -2.47 45.56
N TRP B 596 -1.15 -1.16 45.80
CA TRP B 596 -2.32 -0.37 45.39
C TRP B 596 -2.44 -0.29 43.87
N LEU B 597 -1.31 -0.03 43.19
CA LEU B 597 -1.27 0.05 41.72
C LEU B 597 -1.58 -1.29 41.06
N SER B 598 -1.11 -2.39 41.65
CA SER B 598 -1.37 -3.71 41.09
C SER B 598 -2.86 -4.03 41.11
N GLU B 599 -3.52 -3.73 42.21
CA GLU B 599 -4.95 -3.99 42.32
C GLU B 599 -5.78 -3.00 41.52
N GLU B 600 -5.26 -1.80 41.26
CA GLU B 600 -5.92 -0.82 40.41
C GLU B 600 -5.81 -1.16 38.92
N GLN B 601 -4.96 -2.11 38.55
CA GLN B 601 -4.77 -2.57 37.18
C GLN B 601 -6.04 -3.25 36.65
N ARG B 602 -6.04 -3.48 35.34
CA ARG B 602 -7.16 -3.96 34.53
C ARG B 602 -6.73 -5.21 33.78
N TYR B 603 -7.72 -6.07 33.48
CA TYR B 603 -7.50 -7.25 32.65
C TYR B 603 -6.83 -6.90 31.32
N GLY B 604 -7.17 -5.73 30.77
CA GLY B 604 -6.74 -5.32 29.45
C GLY B 604 -5.27 -4.96 29.45
N GLY B 605 -4.74 -4.62 30.64
CA GLY B 605 -3.36 -4.27 30.87
C GLY B 605 -3.24 -2.80 31.18
N GLY B 606 -4.20 -2.03 30.71
CA GLY B 606 -4.21 -0.59 30.84
C GLY B 606 -4.79 -0.11 32.15
N PHE B 607 -4.91 1.21 32.25
CA PHE B 607 -5.44 1.87 33.43
C PHE B 607 -6.58 2.76 32.96
N TYR B 608 -6.64 3.99 33.44
CA TYR B 608 -7.81 4.82 33.13
C TYR B 608 -7.68 5.61 31.83
N SER B 609 -6.58 6.35 31.68
CA SER B 609 -6.34 7.14 30.48
C SER B 609 -4.94 6.84 29.97
N THR B 610 -4.35 7.78 29.25
CA THR B 610 -3.08 7.52 28.59
C THR B 610 -1.90 7.81 29.51
N GLN B 611 -1.88 9.00 30.11
CA GLN B 611 -0.76 9.43 30.96
C GLN B 611 -0.57 8.59 32.22
N ASP B 612 -1.66 8.34 32.96
CA ASP B 612 -1.57 7.49 34.16
C ASP B 612 -1.09 6.08 33.82
N THR B 613 -1.50 5.58 32.66
CA THR B 613 -1.11 4.25 32.21
C THR B 613 0.39 4.10 31.99
N ILE B 614 1.00 4.99 31.19
CA ILE B 614 2.41 4.83 30.83
C ILE B 614 3.33 4.92 32.04
N ASN B 615 3.05 5.86 32.95
CA ASN B 615 3.90 6.01 34.11
C ASN B 615 3.72 4.88 35.12
N ALA B 616 2.49 4.34 35.23
CA ALA B 616 2.26 3.18 36.11
C ALA B 616 2.91 1.91 35.58
N ILE B 617 2.87 1.69 34.27
CA ILE B 617 3.54 0.54 33.66
C ILE B 617 5.04 0.61 33.88
N GLU B 618 5.61 1.82 33.73
CA GLU B 618 7.04 2.03 33.97
C GLU B 618 7.40 1.78 35.43
N GLY B 619 6.51 2.17 36.36
CA GLY B 619 6.75 1.95 37.77
C GLY B 619 6.77 0.47 38.13
N LEU B 620 5.77 -0.28 37.65
CA LEU B 620 5.69 -1.71 37.92
C LEU B 620 6.89 -2.46 37.33
N THR B 621 7.29 -2.09 36.11
CA THR B 621 8.38 -2.79 35.44
C THR B 621 9.71 -2.51 36.13
N GLU B 622 9.97 -1.23 36.45
CA GLU B 622 11.22 -0.86 37.13
C GLU B 622 11.30 -1.48 38.52
N TYR B 623 10.17 -1.52 39.24
CA TYR B 623 10.12 -2.23 40.52
C TYR B 623 10.38 -3.72 40.35
N SER B 624 9.81 -4.32 39.29
CA SER B 624 10.01 -5.75 39.07
C SER B 624 11.46 -6.06 38.74
N LEU B 625 12.15 -5.10 38.11
CA LEU B 625 13.56 -5.26 37.83
C LEU B 625 14.43 -4.87 39.01
N LEU B 626 13.92 -4.10 39.97
CA LEU B 626 14.84 -3.71 41.03
C LEU B 626 14.88 -4.74 42.15
N VAL B 627 13.80 -5.48 42.38
CA VAL B 627 13.84 -6.45 43.45
C VAL B 627 13.97 -7.79 42.74
N LYS B 628 14.51 -8.79 43.43
CA LYS B 628 14.63 -10.10 42.80
C LYS B 628 13.26 -10.73 42.56
N GLN B 629 13.03 -11.21 41.35
CA GLN B 629 11.79 -11.92 41.03
C GLN B 629 11.91 -13.36 41.52
N LEU B 630 11.10 -13.75 42.49
CA LEU B 630 11.24 -15.12 42.97
C LEU B 630 10.47 -16.01 42.00
N ARG B 631 10.91 -17.27 41.93
CA ARG B 631 10.21 -18.27 41.15
C ARG B 631 8.82 -18.51 41.72
N LEU B 632 7.94 -18.88 40.83
CA LEU B 632 6.52 -18.96 41.07
C LEU B 632 6.12 -20.41 41.17
N SER B 633 5.51 -20.72 42.30
CA SER B 633 5.01 -22.05 42.62
C SER B 633 3.96 -21.77 43.68
N MET B 634 2.71 -21.78 43.22
CA MET B 634 1.51 -21.58 44.01
C MET B 634 0.46 -22.59 43.54
N ASP B 635 -0.45 -22.96 44.43
CA ASP B 635 -1.64 -23.73 44.06
C ASP B 635 -2.87 -22.82 44.12
N ILE B 636 -3.26 -22.26 42.98
CA ILE B 636 -4.32 -21.24 42.93
C ILE B 636 -5.65 -21.91 42.59
N ASP B 637 -6.61 -21.86 43.53
CA ASP B 637 -7.94 -22.47 43.36
C ASP B 637 -9.06 -21.42 43.30
N VAL B 638 -9.87 -21.44 42.22
CA VAL B 638 -11.06 -20.59 42.09
C VAL B 638 -12.31 -21.47 42.20
N SER B 639 -13.21 -21.08 43.12
CA SER B 639 -14.43 -21.80 43.50
C SER B 639 -15.53 -20.81 43.90
N TYR B 640 -16.76 -21.27 43.79
CA TYR B 640 -17.93 -20.58 44.31
C TYR B 640 -18.20 -20.96 45.79
N LYS B 641 -18.85 -20.02 46.51
CA LYS B 641 -19.23 -20.21 47.93
C LYS B 641 -20.31 -21.28 48.04
N HIS B 642 -21.48 -21.02 47.46
CA HIS B 642 -22.57 -21.98 47.49
C HIS B 642 -22.75 -22.78 46.18
N LYS B 643 -21.75 -22.83 45.30
CA LYS B 643 -21.88 -23.65 44.10
C LYS B 643 -20.61 -24.49 43.93
N GLY B 644 -20.58 -25.30 42.86
CA GLY B 644 -19.45 -26.18 42.65
C GLY B 644 -18.17 -25.41 42.38
N ALA B 645 -17.04 -26.10 42.54
CA ALA B 645 -15.74 -25.51 42.26
C ALA B 645 -15.51 -25.27 40.78
N LEU B 646 -15.10 -24.04 40.48
CA LEU B 646 -14.83 -23.65 39.11
C LEU B 646 -13.65 -24.41 38.51
N HIS B 647 -12.42 -24.11 38.94
CA HIS B 647 -11.19 -24.84 38.58
C HIS B 647 -10.02 -24.31 39.41
N ASN B 648 -8.85 -24.90 39.15
CA ASN B 648 -7.61 -24.55 39.82
C ASN B 648 -6.47 -24.76 38.84
N TYR B 649 -5.40 -23.99 39.00
CA TYR B 649 -4.25 -24.19 38.13
C TYR B 649 -3.03 -24.11 39.01
N LYS B 650 -2.03 -24.90 38.65
CA LYS B 650 -0.75 -24.86 39.33
C LYS B 650 0.08 -23.85 38.56
N MET B 651 0.37 -22.72 39.19
CA MET B 651 1.13 -21.66 38.54
C MET B 651 2.61 -21.84 38.82
N THR B 652 3.41 -21.92 37.76
CA THR B 652 4.85 -22.05 37.90
C THR B 652 5.54 -21.09 36.95
N ASP B 653 6.88 -21.05 37.02
CA ASP B 653 7.64 -20.26 36.06
C ASP B 653 7.53 -20.85 34.65
N LYS B 654 7.15 -22.13 34.54
CA LYS B 654 6.93 -22.76 33.25
C LYS B 654 5.73 -22.15 32.54
N ASN B 655 4.56 -22.20 33.17
CA ASN B 655 3.39 -21.51 32.67
C ASN B 655 2.74 -20.63 33.73
N PHE B 656 2.59 -19.37 33.38
CA PHE B 656 1.93 -18.36 34.19
C PHE B 656 1.19 -17.37 33.32
N LEU B 657 1.17 -17.56 32.00
CA LEU B 657 0.39 -16.74 31.10
C LEU B 657 -0.88 -17.49 30.71
N GLY B 658 -1.53 -18.08 31.72
CA GLY B 658 -2.68 -18.94 31.48
C GLY B 658 -3.83 -18.21 30.83
N ARG B 659 -4.66 -18.97 30.12
CA ARG B 659 -5.79 -18.39 29.41
C ARG B 659 -6.79 -17.80 30.42
N PRO B 660 -7.53 -16.77 30.02
CA PRO B 660 -8.57 -16.23 30.90
C PRO B 660 -9.70 -17.24 31.08
N VAL B 661 -10.63 -16.89 31.95
CA VAL B 661 -11.78 -17.76 32.17
C VAL B 661 -13.03 -16.93 32.43
N GLU B 662 -14.12 -17.26 31.73
CA GLU B 662 -15.37 -16.56 31.92
C GLU B 662 -16.03 -17.16 33.15
N VAL B 663 -16.52 -16.32 34.04
CA VAL B 663 -17.22 -16.77 35.24
C VAL B 663 -18.70 -16.70 34.88
N LEU B 664 -19.30 -17.85 34.61
CA LEU B 664 -20.68 -17.92 34.14
C LEU B 664 -21.72 -17.96 35.27
N LEU B 665 -21.49 -18.74 36.33
CA LEU B 665 -22.49 -18.91 37.38
C LEU B 665 -22.73 -17.61 38.17
N ASN B 666 -23.94 -17.48 38.71
CA ASN B 666 -24.39 -16.24 39.37
C ASN B 666 -24.12 -16.17 40.88
N ASP B 667 -23.01 -16.73 41.32
CA ASP B 667 -22.66 -16.74 42.74
C ASP B 667 -21.45 -15.91 43.09
N ASP B 668 -21.30 -15.71 44.39
CA ASP B 668 -20.14 -15.03 44.89
C ASP B 668 -18.89 -15.89 44.69
N LEU B 669 -17.82 -15.25 44.22
CA LEU B 669 -16.55 -15.88 43.90
C LEU B 669 -15.60 -15.84 45.10
N ILE B 670 -14.77 -16.88 45.20
CA ILE B 670 -13.80 -17.05 46.28
C ILE B 670 -12.49 -17.51 45.64
N VAL B 671 -11.44 -16.71 45.78
CA VAL B 671 -10.11 -17.04 45.29
C VAL B 671 -9.22 -17.35 46.48
N SER B 672 -8.62 -18.53 46.48
CA SER B 672 -7.81 -19.01 47.60
C SER B 672 -6.58 -19.70 47.01
N THR B 673 -5.54 -19.81 47.85
CA THR B 673 -4.28 -20.46 47.51
C THR B 673 -3.70 -21.05 48.77
N GLY B 674 -2.90 -22.12 48.63
CA GLY B 674 -2.26 -22.71 49.78
C GLY B 674 -1.00 -21.96 50.14
N PHE B 675 -0.03 -22.68 50.71
CA PHE B 675 1.30 -22.11 50.91
C PHE B 675 2.02 -21.96 49.58
N GLY B 676 2.52 -20.76 49.29
CA GLY B 676 3.13 -20.51 48.00
C GLY B 676 4.32 -19.56 48.08
N SER B 677 5.06 -19.50 46.98
CA SER B 677 6.14 -18.55 46.77
C SER B 677 5.84 -17.71 45.53
N GLY B 678 5.97 -16.39 45.65
CA GLY B 678 5.76 -15.56 44.48
C GLY B 678 4.76 -14.46 44.76
N LEU B 679 4.27 -13.85 43.68
CA LEU B 679 3.39 -12.69 43.78
C LEU B 679 2.55 -12.65 42.50
N ALA B 680 1.32 -13.14 42.60
CA ALA B 680 0.45 -13.25 41.45
C ALA B 680 -0.57 -12.12 41.50
N THR B 681 -1.21 -11.86 40.37
CA THR B 681 -2.24 -10.83 40.30
C THR B 681 -3.54 -11.48 39.83
N VAL B 682 -4.64 -11.08 40.46
CA VAL B 682 -5.97 -11.62 40.17
C VAL B 682 -6.89 -10.44 39.93
N HIS B 683 -7.33 -10.27 38.69
CA HIS B 683 -8.23 -9.18 38.35
C HIS B 683 -9.53 -9.76 37.81
N VAL B 684 -10.65 -9.14 38.18
CA VAL B 684 -11.96 -9.53 37.67
C VAL B 684 -12.61 -8.28 37.11
N THR B 685 -13.00 -8.35 35.84
CA THR B 685 -13.69 -7.25 35.18
C THR B 685 -15.16 -7.66 35.03
N THR B 686 -16.05 -6.87 35.62
CA THR B 686 -17.48 -7.13 35.54
C THR B 686 -18.10 -6.18 34.53
N VAL B 687 -18.85 -6.75 33.59
CA VAL B 687 -19.59 -5.98 32.59
C VAL B 687 -21.08 -6.21 32.83
N VAL B 688 -21.80 -5.12 33.05
CA VAL B 688 -23.25 -5.10 33.19
C VAL B 688 -23.78 -4.05 32.23
N HIS B 689 -25.09 -4.08 32.01
CA HIS B 689 -25.76 -3.08 31.20
C HIS B 689 -26.85 -2.44 32.05
N LYS B 690 -26.83 -1.12 32.14
CA LYS B 690 -27.75 -0.39 33.00
C LYS B 690 -28.71 0.48 32.19
N THR B 691 -29.88 0.72 32.77
CA THR B 691 -30.96 1.49 32.17
C THR B 691 -30.92 2.97 32.50
N SER B 692 -30.07 3.42 33.41
CA SER B 692 -30.11 4.81 33.84
C SER B 692 -28.71 5.34 34.03
N THR B 693 -28.64 6.67 34.10
CA THR B 693 -27.37 7.36 34.29
C THR B 693 -27.43 8.41 35.39
N SER B 694 -28.51 8.41 36.19
CA SER B 694 -28.71 9.49 37.16
C SER B 694 -27.67 9.39 38.28
N GLU B 695 -27.33 8.18 38.70
CA GLU B 695 -26.38 7.90 39.76
C GLU B 695 -24.93 7.97 39.29
N GLU B 696 -24.69 8.49 38.10
CA GLU B 696 -23.36 8.69 37.54
C GLU B 696 -22.99 10.17 37.63
N VAL B 697 -21.72 10.45 37.92
CA VAL B 697 -21.33 11.86 38.03
C VAL B 697 -21.30 12.45 36.63
N CYS B 698 -22.08 13.51 36.43
CA CYS B 698 -22.15 14.17 35.13
C CYS B 698 -21.32 15.45 35.24
N SER B 699 -20.23 15.52 34.49
CA SER B 699 -19.41 16.72 34.39
C SER B 699 -19.70 17.60 33.18
N PHE B 700 -20.81 17.39 32.48
CA PHE B 700 -21.11 18.24 31.34
C PHE B 700 -22.60 18.49 31.19
N TYR B 701 -23.00 19.72 30.87
CA TYR B 701 -24.36 19.90 30.39
C TYR B 701 -24.40 19.49 28.92
N LEU B 702 -25.30 18.58 28.60
CA LEU B 702 -25.47 18.01 27.27
C LEU B 702 -26.87 18.28 26.75
N LYS B 703 -26.99 18.46 25.43
CA LYS B 703 -28.30 18.41 24.79
C LYS B 703 -28.09 18.00 23.34
N ILE B 704 -29.00 17.18 22.83
CA ILE B 704 -28.87 16.65 21.48
C ILE B 704 -30.26 16.46 20.88
N ASP B 705 -30.42 16.88 19.63
CA ASP B 705 -31.70 16.80 18.93
C ASP B 705 -31.46 16.50 17.45
N THR B 706 -32.50 15.99 16.79
CA THR B 706 -32.49 15.84 15.35
C THR B 706 -33.50 16.79 14.70
N GLN B 707 -33.10 17.42 13.60
CA GLN B 707 -33.97 18.38 12.95
C GLN B 707 -34.10 17.93 11.50
N ASP B 708 -35.15 18.39 10.82
CA ASP B 708 -35.24 18.28 9.37
C ASP B 708 -34.80 19.54 8.65
N ILE B 709 -34.05 19.37 7.58
CA ILE B 709 -33.53 20.50 6.80
C ILE B 709 -34.20 20.29 5.44
N GLU B 710 -34.29 21.36 4.65
CA GLU B 710 -34.97 21.42 3.31
C GLU B 710 -36.07 20.40 2.91
N TYR B 722 -33.29 16.55 3.99
CA TYR B 722 -32.39 15.77 4.82
C TYR B 722 -32.71 15.93 6.30
N LYS B 723 -31.90 15.25 7.10
CA LYS B 723 -32.01 15.19 8.55
C LYS B 723 -30.64 15.56 9.10
N ARG B 724 -30.59 16.36 10.16
CA ARG B 724 -29.29 16.76 10.69
C ARG B 724 -29.33 16.66 12.20
N ILE B 725 -28.25 16.14 12.75
CA ILE B 725 -28.07 16.00 14.19
C ILE B 725 -27.29 17.21 14.71
N VAL B 726 -27.77 17.79 15.80
CA VAL B 726 -27.08 18.88 16.47
C VAL B 726 -26.84 18.39 17.89
N ALA B 727 -25.57 18.17 18.23
CA ALA B 727 -25.17 17.64 19.54
C ALA B 727 -24.24 18.65 20.18
N CYS B 728 -24.68 19.23 21.28
CA CYS B 728 -23.94 20.28 21.97
C CYS B 728 -23.47 19.83 23.36
N ALA B 729 -22.25 20.24 23.74
CA ALA B 729 -21.73 20.00 25.09
C ALA B 729 -21.06 21.23 25.68
N SER B 730 -21.02 21.27 27.01
CA SER B 730 -20.31 22.31 27.78
C SER B 730 -19.78 21.77 29.10
N TYR B 731 -18.60 22.26 29.48
CA TYR B 731 -17.89 21.76 30.64
C TYR B 731 -18.45 22.38 31.91
N LYS B 732 -18.59 21.55 32.96
CA LYS B 732 -19.08 22.03 34.24
C LYS B 732 -17.96 22.16 35.26
N PRO B 733 -17.41 23.36 35.48
CA PRO B 733 -16.28 23.54 36.39
C PRO B 733 -16.67 23.16 37.82
N SER B 734 -15.76 22.49 38.53
CA SER B 734 -15.98 22.16 39.93
C SER B 734 -15.88 23.42 40.80
N ARG B 735 -15.94 23.25 42.13
CA ARG B 735 -15.84 24.41 43.00
C ARG B 735 -14.44 25.02 42.96
N GLU B 736 -13.40 24.19 42.80
CA GLU B 736 -12.05 24.70 42.75
C GLU B 736 -11.48 24.71 41.34
N GLU B 737 -12.32 24.48 40.34
CA GLU B 737 -11.91 24.56 38.94
C GLU B 737 -12.14 25.94 38.34
N SER B 738 -11.21 26.39 37.50
CA SER B 738 -11.34 27.70 36.90
C SER B 738 -12.40 27.69 35.79
N SER B 739 -12.76 28.88 35.33
CA SER B 739 -13.72 29.05 34.23
C SER B 739 -13.09 29.00 32.84
N SER B 740 -11.83 28.58 32.71
CA SER B 740 -11.16 28.61 31.41
C SER B 740 -11.70 27.59 30.41
N GLY B 741 -12.39 26.58 30.87
CA GLY B 741 -12.99 25.55 30.04
C GLY B 741 -12.26 24.23 30.22
N SER B 742 -12.75 23.20 29.54
CA SER B 742 -12.14 21.89 29.74
C SER B 742 -10.82 21.79 28.98
N SER B 743 -10.20 20.61 29.08
CA SER B 743 -9.00 20.27 28.34
C SER B 743 -9.37 19.47 27.08
N HIS B 744 -8.39 18.73 26.52
CA HIS B 744 -8.58 17.83 25.38
C HIS B 744 -9.75 16.89 25.64
N ALA B 745 -10.78 16.99 24.79
CA ALA B 745 -12.06 16.31 24.98
C ALA B 745 -12.39 15.39 23.82
N VAL B 746 -13.31 14.48 24.08
CA VAL B 746 -13.79 13.49 23.11
C VAL B 746 -15.31 13.54 23.11
N MET B 747 -15.91 13.65 21.93
CA MET B 747 -17.36 13.54 21.76
C MET B 747 -17.65 12.28 20.94
N ASP B 748 -18.16 11.25 21.62
CA ASP B 748 -18.50 9.98 21.03
C ASP B 748 -20.02 9.95 20.90
N ILE B 749 -20.52 9.93 19.68
CA ILE B 749 -21.96 9.92 19.43
C ILE B 749 -22.32 8.57 18.84
N SER B 750 -22.97 7.72 19.65
CA SER B 750 -23.49 6.46 19.13
C SER B 750 -24.64 6.73 18.17
N LEU B 751 -24.60 6.11 17.01
CA LEU B 751 -25.73 6.31 16.11
C LEU B 751 -26.77 5.20 16.30
N PRO B 752 -28.06 5.54 16.19
CA PRO B 752 -29.11 4.51 16.29
C PRO B 752 -29.02 3.51 15.13
N THR B 753 -29.70 2.38 15.32
CA THR B 753 -29.68 1.30 14.33
C THR B 753 -30.26 1.75 13.00
N GLY B 754 -29.52 1.49 11.92
CA GLY B 754 -29.92 1.83 10.58
C GLY B 754 -29.71 3.28 10.19
N ILE B 755 -29.14 4.10 11.06
CA ILE B 755 -28.85 5.51 10.78
C ILE B 755 -27.39 5.64 10.37
N SER B 756 -27.13 6.33 9.25
CA SER B 756 -25.80 6.53 8.73
C SER B 756 -25.50 8.02 8.65
N ALA B 757 -24.27 8.40 8.98
CA ALA B 757 -23.87 9.80 8.98
C ALA B 757 -23.22 10.20 7.65
N ASN B 758 -23.45 11.47 7.28
CA ASN B 758 -22.83 12.07 6.10
C ASN B 758 -21.40 12.47 6.41
N GLU B 759 -20.43 11.76 5.85
CA GLU B 759 -19.02 12.01 6.13
C GLU B 759 -18.51 13.31 5.53
N GLU B 760 -19.18 13.86 4.52
CA GLU B 760 -18.73 15.11 3.91
C GLU B 760 -18.86 16.28 4.89
N ASP B 761 -19.98 16.34 5.62
CA ASP B 761 -20.16 17.39 6.63
C ASP B 761 -19.12 17.31 7.74
N LEU B 762 -18.80 16.09 8.18
CA LEU B 762 -17.80 15.88 9.24
C LEU B 762 -16.40 16.21 8.77
N LYS B 763 -16.04 15.77 7.56
CA LYS B 763 -14.74 16.09 6.97
C LYS B 763 -14.53 17.61 6.88
N ALA B 764 -15.56 18.33 6.44
CA ALA B 764 -15.51 19.79 6.26
C ALA B 764 -15.32 20.56 7.57
N LEU B 765 -15.58 19.94 8.73
CA LEU B 765 -15.45 20.58 10.02
C LEU B 765 -14.07 20.46 10.64
N VAL B 766 -13.18 19.66 10.04
CA VAL B 766 -11.85 19.44 10.59
C VAL B 766 -10.83 19.88 9.55
N GLU B 767 -11.18 19.73 8.27
CA GLU B 767 -10.20 19.90 7.19
C GLU B 767 -9.84 21.36 6.94
N GLY B 768 -10.63 22.32 7.41
CA GLY B 768 -10.40 23.71 7.09
C GLY B 768 -9.61 24.45 8.15
N VAL B 769 -9.16 25.66 7.78
CA VAL B 769 -8.43 26.52 8.70
C VAL B 769 -9.35 27.04 9.81
N ASP B 770 -10.64 27.14 9.52
CA ASP B 770 -11.66 27.52 10.49
C ASP B 770 -12.27 26.33 11.21
N GLN B 771 -11.49 25.28 11.42
CA GLN B 771 -11.98 24.01 11.97
C GLN B 771 -12.66 24.19 13.32
N LEU B 772 -13.77 23.49 13.50
CA LEU B 772 -14.42 23.41 14.79
C LEU B 772 -13.89 22.25 15.61
N PHE B 773 -13.54 21.15 14.96
CA PHE B 773 -12.96 19.97 15.59
C PHE B 773 -11.59 19.65 14.99
N THR B 774 -10.80 18.90 15.76
CA THR B 774 -9.40 18.68 15.43
C THR B 774 -9.15 17.30 14.82
N ASP B 775 -10.11 16.40 14.90
CA ASP B 775 -10.05 15.05 14.33
C ASP B 775 -11.44 14.45 14.41
N TYR B 776 -11.76 13.62 13.42
CA TYR B 776 -13.02 12.89 13.41
C TYR B 776 -12.73 11.49 12.90
N GLN B 777 -13.64 10.58 13.20
CA GLN B 777 -13.59 9.22 12.69
C GLN B 777 -14.98 8.62 12.87
N ILE B 778 -15.26 7.61 12.08
CA ILE B 778 -16.48 6.83 12.23
C ILE B 778 -16.00 5.41 12.46
N LYS B 779 -16.24 4.90 13.67
CA LYS B 779 -15.78 3.57 14.07
C LYS B 779 -16.95 2.87 14.73
N ASP B 780 -17.34 1.72 14.16
CA ASP B 780 -18.33 0.79 14.72
C ASP B 780 -19.66 1.47 15.05
N GLY B 781 -20.15 2.28 14.11
CA GLY B 781 -21.42 2.97 14.29
C GLY B 781 -21.37 4.18 15.20
N HIS B 782 -20.18 4.64 15.59
CA HIS B 782 -20.02 5.80 16.46
C HIS B 782 -19.33 6.91 15.67
N VAL B 783 -19.82 8.14 15.85
CA VAL B 783 -19.14 9.31 15.31
C VAL B 783 -18.32 9.92 16.43
N ILE B 784 -17.00 9.76 16.35
CA ILE B 784 -16.08 10.18 17.40
C ILE B 784 -15.29 11.38 16.89
N LEU B 785 -15.52 12.53 17.53
CA LEU B 785 -14.83 13.78 17.29
C LEU B 785 -13.92 14.11 18.47
N GLN B 786 -12.80 14.77 18.19
CA GLN B 786 -11.89 15.21 19.24
C GLN B 786 -11.72 16.72 19.18
N LEU B 787 -11.25 17.29 20.29
CA LEU B 787 -11.37 18.73 20.52
C LEU B 787 -10.27 19.21 21.46
N ASN B 788 -9.80 20.44 21.22
CA ASN B 788 -8.79 21.05 22.07
C ASN B 788 -9.32 21.45 23.44
N SER B 789 -10.57 21.94 23.49
CA SER B 789 -11.17 22.44 24.72
C SER B 789 -12.66 22.60 24.49
N ILE B 790 -13.45 22.26 25.49
CA ILE B 790 -14.88 22.53 25.50
C ILE B 790 -15.12 23.72 26.43
N PRO B 791 -15.84 24.76 25.99
CA PRO B 791 -15.98 25.97 26.80
C PRO B 791 -16.85 25.73 28.02
N SER B 792 -16.63 26.57 29.04
CA SER B 792 -17.52 26.59 30.18
C SER B 792 -18.63 27.62 30.06
N SER B 793 -18.36 28.75 29.39
CA SER B 793 -19.33 29.83 29.34
C SER B 793 -20.56 29.48 28.50
N ASP B 794 -20.36 28.77 27.38
CA ASP B 794 -21.46 28.49 26.46
C ASP B 794 -21.32 27.08 25.87
N PHE B 795 -22.30 26.71 25.05
CA PHE B 795 -22.30 25.44 24.35
C PHE B 795 -21.51 25.51 23.04
N LEU B 796 -20.95 24.37 22.65
CA LEU B 796 -20.31 24.16 21.37
C LEU B 796 -20.99 22.96 20.71
N CYS B 797 -21.37 23.10 19.44
CA CYS B 797 -22.25 22.14 18.76
C CYS B 797 -21.62 21.59 17.49
N VAL B 798 -21.66 20.26 17.36
CA VAL B 798 -21.36 19.59 16.09
C VAL B 798 -22.66 19.40 15.32
N ARG B 799 -22.61 19.72 14.03
CA ARG B 799 -23.77 19.64 13.14
C ARG B 799 -23.38 18.84 11.90
N PHE B 800 -24.06 17.72 11.67
CA PHE B 800 -23.77 16.91 10.50
C PHE B 800 -25.04 16.22 10.02
N ARG B 801 -25.23 16.18 8.70
CA ARG B 801 -26.41 15.55 8.16
C ARG B 801 -26.35 14.03 8.31
N ILE B 802 -27.51 13.41 8.37
CA ILE B 802 -27.64 11.96 8.51
C ILE B 802 -28.68 11.48 7.50
N PHE B 803 -28.53 10.21 7.12
CA PHE B 803 -29.51 9.58 6.23
C PHE B 803 -29.80 8.16 6.68
N GLU B 804 -30.96 7.68 6.25
CA GLU B 804 -31.48 6.37 6.62
C GLU B 804 -31.02 5.28 5.65
N LEU B 805 -30.27 4.31 6.18
CA LEU B 805 -29.81 3.22 5.31
C LEU B 805 -30.96 2.26 5.03
N PHE B 806 -31.58 1.74 6.09
CA PHE B 806 -32.77 0.90 5.95
C PHE B 806 -33.79 1.27 7.02
N GLU B 807 -35.03 0.87 6.79
CA GLU B 807 -36.12 1.23 7.69
C GLU B 807 -36.06 0.37 8.95
N VAL B 808 -36.27 1.02 10.09
CA VAL B 808 -36.29 0.36 11.40
C VAL B 808 -37.54 0.82 12.16
N GLY B 809 -38.31 -0.14 12.65
CA GLY B 809 -39.43 0.16 13.51
C GLY B 809 -39.10 -0.09 14.97
N PHE B 810 -39.80 0.67 15.83
CA PHE B 810 -39.63 0.66 17.29
C PHE B 810 -38.16 0.91 17.67
N LEU B 811 -37.61 1.97 17.07
CA LEU B 811 -36.20 2.33 17.22
C LEU B 811 -35.82 2.61 18.66
N SER B 812 -34.85 1.87 19.16
CA SER B 812 -34.32 2.05 20.50
C SER B 812 -33.34 3.22 20.51
N PRO B 813 -33.37 4.06 21.55
CA PRO B 813 -32.46 5.20 21.62
C PRO B 813 -30.99 4.79 21.67
N ALA B 814 -30.15 5.75 21.30
CA ALA B 814 -28.69 5.62 21.28
C ALA B 814 -28.12 6.52 22.36
N THR B 815 -26.80 6.49 22.51
CA THR B 815 -26.16 7.23 23.58
C THR B 815 -25.25 8.32 23.02
N PHE B 816 -25.11 9.38 23.81
CA PHE B 816 -24.25 10.51 23.48
C PHE B 816 -23.36 10.71 24.71
N THR B 817 -22.07 10.41 24.56
CA THR B 817 -21.12 10.45 25.67
C THR B 817 -20.05 11.46 25.32
N VAL B 818 -19.76 12.37 26.25
CA VAL B 818 -18.61 13.25 26.16
C VAL B 818 -17.80 13.13 27.44
N TYR B 819 -16.49 13.24 27.32
CA TYR B 819 -15.58 13.07 28.44
C TYR B 819 -14.25 13.74 28.12
N GLU B 820 -13.52 14.04 29.19
CA GLU B 820 -12.15 14.55 29.09
C GLU B 820 -11.20 13.41 28.80
N TYR B 821 -10.38 13.59 27.75
CA TYR B 821 -9.46 12.53 27.28
C TYR B 821 -8.48 12.05 28.34
N HIS B 822 -7.84 12.96 29.08
CA HIS B 822 -6.90 12.52 30.10
C HIS B 822 -7.52 12.31 31.45
N ARG B 823 -8.81 12.55 31.57
CA ARG B 823 -9.52 12.25 32.81
C ARG B 823 -10.93 11.68 32.52
N PRO B 824 -11.00 10.41 32.06
CA PRO B 824 -12.31 9.78 31.72
C PRO B 824 -13.36 9.70 32.84
N ASP B 825 -12.98 9.89 34.09
CA ASP B 825 -13.97 9.96 35.15
C ASP B 825 -14.80 11.24 35.08
N LYS B 826 -14.30 12.31 34.46
CA LYS B 826 -15.12 13.50 34.20
C LYS B 826 -15.86 13.34 32.90
N GLN B 827 -17.09 12.86 33.00
CA GLN B 827 -17.86 12.50 31.83
C GLN B 827 -19.32 12.80 32.13
N CYS B 828 -20.17 12.59 31.13
CA CYS B 828 -21.61 12.68 31.27
C CYS B 828 -22.20 11.97 30.06
N THR B 829 -23.10 11.03 30.30
CA THR B 829 -23.73 10.25 29.26
C THR B 829 -25.24 10.51 29.26
N MET B 830 -25.80 10.73 28.07
CA MET B 830 -27.20 11.05 27.90
C MET B 830 -27.75 10.25 26.73
N PHE B 831 -29.00 9.79 26.86
CA PHE B 831 -29.69 9.06 25.82
C PHE B 831 -30.40 9.99 24.85
N TYR B 832 -30.52 9.53 23.60
CA TYR B 832 -31.29 10.24 22.58
C TYR B 832 -31.72 9.26 21.50
N SER B 833 -32.77 9.63 20.78
CA SER B 833 -33.29 8.90 19.63
C SER B 833 -33.45 9.88 18.47
N THR B 834 -33.86 9.35 17.31
CA THR B 834 -34.11 10.19 16.15
C THR B 834 -35.55 10.71 16.18
N LYS B 849 -46.72 -9.78 13.60
CA LYS B 849 -46.49 -10.57 14.79
C LYS B 849 -45.21 -10.18 15.53
N CYS B 850 -45.09 -10.69 16.75
CA CYS B 850 -43.98 -10.41 17.67
C CYS B 850 -43.78 -8.94 18.02
N VAL B 851 -44.83 -8.12 17.96
CA VAL B 851 -44.67 -6.72 18.38
C VAL B 851 -44.51 -6.65 19.89
N GLU B 852 -45.42 -7.27 20.63
CA GLU B 852 -45.32 -7.38 22.08
C GLU B 852 -44.35 -8.52 22.34
N ALA B 853 -43.26 -8.28 23.05
CA ALA B 853 -42.22 -9.30 23.20
C ALA B 853 -42.05 -9.86 24.60
N ASP B 854 -42.87 -10.86 24.93
CA ASP B 854 -43.04 -11.42 26.29
C ASP B 854 -43.27 -10.36 27.40
N CYS B 855 -43.87 -9.20 27.07
CA CYS B 855 -44.14 -8.23 28.12
C CYS B 855 -45.38 -8.58 28.96
N GLY B 856 -46.45 -9.06 28.35
CA GLY B 856 -47.72 -9.19 29.06
C GLY B 856 -48.98 -8.57 28.51
N GLN B 857 -50.12 -9.16 28.86
CA GLN B 857 -51.44 -8.68 28.46
C GLN B 857 -52.31 -8.33 29.67
N MET B 858 -52.73 -7.08 29.79
CA MET B 858 -53.62 -6.71 30.90
C MET B 858 -54.98 -7.33 30.66
N GLN B 859 -55.62 -7.84 31.72
CA GLN B 859 -56.96 -8.38 31.52
C GLN B 859 -57.97 -7.27 31.20
N GLU B 860 -59.09 -7.67 30.60
CA GLU B 860 -60.21 -6.78 30.31
C GLU B 860 -60.86 -6.28 31.60
N GLU B 861 -61.20 -4.99 31.64
CA GLU B 861 -61.71 -4.39 32.87
C GLU B 861 -63.08 -4.98 33.21
N LEU B 862 -63.52 -4.72 34.45
CA LEU B 862 -64.78 -5.20 35.03
C LEU B 862 -64.90 -6.73 34.99
N ASP B 863 -66.11 -7.27 35.10
CA ASP B 863 -66.23 -8.72 35.09
C ASP B 863 -66.30 -9.33 33.70
N LEU B 864 -65.97 -10.62 33.65
CA LEU B 864 -65.86 -11.40 32.43
C LEU B 864 -66.27 -12.83 32.77
N THR B 865 -66.14 -13.72 31.78
CA THR B 865 -66.48 -15.12 31.97
C THR B 865 -65.42 -15.90 32.73
N ILE B 866 -64.22 -15.34 32.87
CA ILE B 866 -63.14 -15.97 33.64
C ILE B 866 -63.50 -16.01 35.12
N SER B 867 -63.47 -17.21 35.70
CA SER B 867 -64.25 -17.54 36.89
C SER B 867 -63.38 -17.50 38.15
N ALA B 868 -64.05 -17.58 39.29
CA ALA B 868 -63.42 -17.72 40.60
C ALA B 868 -62.51 -18.95 40.73
N GLU B 869 -62.89 -20.07 40.13
CA GLU B 869 -62.04 -21.26 40.13
C GLU B 869 -60.94 -21.27 39.08
N THR B 870 -61.18 -20.68 37.89
CA THR B 870 -60.09 -20.49 36.94
C THR B 870 -59.06 -19.47 37.41
N ARG B 871 -59.44 -18.56 38.31
CA ARG B 871 -58.53 -17.62 38.96
C ARG B 871 -57.66 -18.28 40.02
N LYS B 872 -58.08 -19.44 40.54
CA LYS B 872 -57.34 -20.21 41.52
C LYS B 872 -56.37 -21.19 40.87
N GLN B 873 -56.79 -21.88 39.80
CA GLN B 873 -55.88 -22.80 39.11
C GLN B 873 -54.69 -22.06 38.50
N THR B 874 -54.90 -20.83 38.02
CA THR B 874 -53.80 -20.01 37.55
C THR B 874 -52.88 -19.58 38.69
N ALA B 875 -53.45 -19.36 39.88
CA ALA B 875 -52.64 -18.97 41.04
C ALA B 875 -51.85 -20.13 41.61
N CYS B 876 -52.46 -21.32 41.72
CA CYS B 876 -51.77 -22.50 42.25
C CYS B 876 -50.81 -23.15 41.26
N LYS B 877 -50.62 -22.54 40.09
CA LYS B 877 -49.69 -23.05 39.07
C LYS B 877 -48.28 -23.00 39.65
N PRO B 878 -47.49 -24.07 39.53
CA PRO B 878 -46.13 -24.06 40.08
C PRO B 878 -45.19 -23.00 39.50
N GLU B 879 -45.45 -22.49 38.30
CA GLU B 879 -44.62 -21.40 37.78
C GLU B 879 -44.87 -20.11 38.55
N ILE B 880 -46.13 -19.87 38.93
CA ILE B 880 -46.50 -18.62 39.60
C ILE B 880 -45.99 -18.64 41.04
N ALA B 881 -45.00 -17.80 41.33
CA ALA B 881 -44.40 -17.73 42.66
C ALA B 881 -45.29 -16.98 43.65
N TYR B 882 -45.57 -15.72 43.34
CA TYR B 882 -46.34 -14.79 44.16
C TYR B 882 -47.68 -14.43 43.51
N ALA B 883 -48.58 -13.92 44.35
CA ALA B 883 -49.93 -13.53 43.94
C ALA B 883 -50.57 -12.68 45.03
N TYR B 884 -50.75 -11.39 44.78
CA TYR B 884 -51.35 -10.45 45.72
C TYR B 884 -51.85 -9.20 45.00
N LYS B 885 -52.50 -8.31 45.76
CA LYS B 885 -53.15 -7.11 45.23
C LYS B 885 -52.38 -5.87 45.66
N VAL B 886 -52.10 -4.97 44.72
CA VAL B 886 -51.27 -3.81 44.98
C VAL B 886 -51.95 -2.54 44.48
N SER B 887 -51.36 -1.40 44.83
CA SER B 887 -51.80 -0.08 44.39
C SER B 887 -50.62 0.74 43.91
N ILE B 888 -50.71 1.26 42.69
CA ILE B 888 -49.59 1.97 42.06
C ILE B 888 -49.51 3.37 42.66
N THR B 889 -48.29 3.82 42.97
CA THR B 889 -48.08 5.13 43.57
C THR B 889 -47.41 6.14 42.64
N SER B 890 -46.47 5.71 41.78
CA SER B 890 -45.78 6.66 40.93
C SER B 890 -45.35 5.98 39.64
N ILE B 891 -45.29 6.76 38.57
CA ILE B 891 -44.80 6.30 37.27
C ILE B 891 -43.50 7.03 36.93
N THR B 892 -42.59 6.33 36.26
CA THR B 892 -41.32 6.91 35.80
C THR B 892 -40.97 6.10 34.56
N VAL B 893 -40.44 6.74 33.52
CA VAL B 893 -40.04 6.03 32.30
C VAL B 893 -38.55 6.24 32.07
N GLU B 894 -37.76 5.18 32.24
CA GLU B 894 -36.30 5.23 32.09
C GLU B 894 -35.78 4.23 31.06
N ASN B 895 -35.37 4.70 29.88
CA ASN B 895 -34.72 3.86 28.84
C ASN B 895 -35.54 2.67 28.37
N VAL B 896 -36.71 2.94 27.80
CA VAL B 896 -37.62 1.88 27.35
C VAL B 896 -38.22 1.06 28.52
N PHE B 897 -37.96 1.43 29.79
CA PHE B 897 -38.43 0.63 30.91
C PHE B 897 -39.16 1.47 31.95
N VAL B 898 -40.47 1.26 32.06
CA VAL B 898 -41.31 1.95 33.04
C VAL B 898 -41.15 1.25 34.39
N LYS B 899 -40.84 2.02 35.42
CA LYS B 899 -40.70 1.49 36.77
C LYS B 899 -41.91 1.96 37.57
N TYR B 900 -42.55 1.04 38.30
CA TYR B 900 -43.71 1.36 39.13
C TYR B 900 -43.41 1.15 40.62
N LYS B 901 -43.40 2.23 41.39
CA LYS B 901 -43.34 2.10 42.84
C LYS B 901 -44.76 1.82 43.32
N ALA B 902 -44.99 0.69 43.99
CA ALA B 902 -46.33 0.35 44.43
C ALA B 902 -46.36 -0.04 45.90
N THR B 903 -47.57 -0.01 46.46
CA THR B 903 -47.85 -0.41 47.84
C THR B 903 -48.54 -1.76 47.89
N LEU B 904 -48.02 -2.66 48.73
CA LEU B 904 -48.58 -3.99 48.95
C LEU B 904 -49.77 -3.93 49.90
N LEU B 905 -50.97 -4.21 49.39
CA LEU B 905 -52.16 -4.08 50.21
C LEU B 905 -52.47 -5.37 50.95
N ASP B 906 -53.02 -6.37 50.26
CA ASP B 906 -53.38 -7.65 50.87
C ASP B 906 -52.55 -8.76 50.24
N ILE B 907 -51.84 -9.53 51.07
CA ILE B 907 -51.01 -10.64 50.61
C ILE B 907 -51.86 -11.91 50.53
N TYR B 908 -51.79 -12.61 49.38
CA TYR B 908 -52.53 -13.86 49.22
C TYR B 908 -51.62 -15.08 49.05
N LYS B 909 -50.36 -14.88 48.63
CA LYS B 909 -49.36 -15.94 48.45
C LYS B 909 -47.97 -15.28 48.49
N THR B 910 -46.98 -16.02 49.01
CA THR B 910 -45.58 -15.61 49.14
C THR B 910 -44.72 -16.87 49.05
N GLY B 911 -44.02 -17.03 47.93
CA GLY B 911 -43.17 -18.19 47.65
C GLY B 911 -41.78 -18.00 48.22
N GLU B 912 -40.79 -17.40 47.54
CA GLU B 912 -39.45 -17.42 48.11
C GLU B 912 -39.06 -16.06 48.65
N ALA B 913 -38.98 -15.02 47.82
CA ALA B 913 -38.69 -13.68 48.29
C ALA B 913 -39.77 -13.22 49.26
N VAL B 914 -39.46 -12.25 50.12
CA VAL B 914 -40.49 -11.86 51.07
C VAL B 914 -41.10 -10.57 50.57
N ALA B 915 -42.36 -10.37 50.88
CA ALA B 915 -43.05 -9.10 50.61
C ALA B 915 -43.65 -8.52 51.89
N GLU B 916 -43.03 -7.47 52.44
CA GLU B 916 -43.52 -6.96 53.71
C GLU B 916 -44.74 -6.08 53.44
N LYS B 917 -45.65 -6.01 54.42
CA LYS B 917 -46.80 -5.15 54.27
C LYS B 917 -46.43 -3.68 54.32
N ASP B 918 -47.08 -2.91 53.43
CA ASP B 918 -46.89 -1.45 53.23
C ASP B 918 -45.47 -1.04 52.85
N SER B 919 -44.66 -1.94 52.29
CA SER B 919 -43.38 -1.52 51.73
C SER B 919 -43.47 -1.22 50.23
N GLU B 920 -42.49 -0.47 49.74
CA GLU B 920 -42.43 -0.07 48.33
C GLU B 920 -41.84 -1.19 47.49
N ILE B 921 -42.55 -1.58 46.43
CA ILE B 921 -42.13 -2.65 45.55
C ILE B 921 -42.05 -2.13 44.11
N THR B 922 -41.00 -2.50 43.39
CA THR B 922 -40.82 -2.03 42.03
C THR B 922 -41.14 -3.11 41.02
N PHE B 923 -41.86 -2.69 39.98
CA PHE B 923 -42.21 -3.44 38.78
C PHE B 923 -41.66 -2.81 37.49
N ILE B 924 -41.40 -3.65 36.46
CA ILE B 924 -40.84 -3.19 35.16
C ILE B 924 -41.55 -3.87 33.99
N LYS B 925 -41.98 -3.06 32.98
CA LYS B 925 -42.50 -3.49 31.67
C LYS B 925 -41.84 -2.72 30.52
N LYS B 926 -41.63 -3.40 29.38
CA LYS B 926 -41.26 -2.73 28.13
C LYS B 926 -42.29 -1.62 27.86
N VAL B 927 -41.83 -0.41 27.54
CA VAL B 927 -42.71 0.72 27.26
C VAL B 927 -43.63 0.51 26.04
N THR B 928 -43.11 -0.15 25.01
CA THR B 928 -43.74 -0.48 23.71
C THR B 928 -44.70 -1.67 23.72
N CYS B 929 -45.68 -1.66 24.60
CA CYS B 929 -46.61 -2.79 24.57
C CYS B 929 -48.01 -2.24 24.79
N THR B 930 -48.87 -2.47 23.79
CA THR B 930 -50.17 -1.83 23.79
C THR B 930 -51.10 -2.54 24.77
N ASN B 931 -51.07 -3.87 24.82
CA ASN B 931 -52.04 -4.51 25.68
C ASN B 931 -51.68 -4.43 27.17
N ALA B 932 -50.55 -3.81 27.55
CA ALA B 932 -50.14 -3.55 28.94
C ALA B 932 -50.13 -2.07 29.30
N GLU B 933 -51.18 -1.56 29.94
CA GLU B 933 -51.22 -0.13 30.23
C GLU B 933 -51.83 0.10 31.61
N LEU B 934 -51.05 0.72 32.50
CA LEU B 934 -51.47 0.96 33.88
C LEU B 934 -51.77 2.43 34.09
N VAL B 935 -52.85 2.70 34.82
CA VAL B 935 -53.31 4.07 35.08
C VAL B 935 -52.89 4.42 36.50
N LYS B 936 -52.29 5.60 36.65
CA LYS B 936 -51.84 6.08 37.95
C LYS B 936 -52.99 6.26 38.94
N GLY B 937 -52.80 5.76 40.16
CA GLY B 937 -53.78 5.89 41.22
C GLY B 937 -54.73 4.73 41.38
N ARG B 938 -54.83 3.84 40.40
CA ARG B 938 -55.73 2.70 40.47
C ARG B 938 -55.08 1.48 41.10
N GLN B 939 -55.90 0.63 41.71
CA GLN B 939 -55.47 -0.62 42.31
C GLN B 939 -55.57 -1.76 41.30
N TYR B 940 -54.74 -2.78 41.49
CA TYR B 940 -54.69 -3.93 40.60
C TYR B 940 -54.31 -5.16 41.41
N LEU B 941 -54.88 -6.30 41.02
CA LEU B 941 -54.42 -7.59 41.51
C LEU B 941 -53.40 -8.11 40.52
N ILE B 942 -52.16 -8.33 40.98
CA ILE B 942 -51.05 -8.72 40.12
C ILE B 942 -50.40 -9.98 40.67
N MET B 943 -50.21 -10.98 39.82
CA MET B 943 -49.60 -12.24 40.23
C MET B 943 -48.60 -12.59 39.15
N GLY B 944 -47.38 -12.97 39.52
CA GLY B 944 -46.41 -13.25 38.48
C GLY B 944 -45.64 -14.56 38.63
N LYS B 945 -44.64 -14.77 37.78
CA LYS B 945 -43.88 -16.01 37.77
C LYS B 945 -42.48 -15.89 38.37
N GLU B 946 -41.66 -15.01 37.83
CA GLU B 946 -40.40 -14.60 38.43
C GLU B 946 -40.58 -13.67 39.62
N ALA B 947 -39.43 -13.37 40.20
CA ALA B 947 -39.10 -12.53 41.34
C ALA B 947 -37.58 -12.46 41.28
N LEU B 948 -37.03 -11.27 41.47
CA LEU B 948 -35.58 -11.10 41.51
C LEU B 948 -35.16 -10.47 42.83
N GLN B 949 -34.19 -11.11 43.47
CA GLN B 949 -33.60 -10.73 44.75
C GLN B 949 -32.24 -10.09 44.52
N ILE B 950 -32.13 -8.80 44.82
CA ILE B 950 -30.87 -8.13 44.60
C ILE B 950 -30.33 -7.91 46.01
N LYS B 951 -29.05 -8.28 46.14
CA LYS B 951 -28.13 -8.19 47.26
C LYS B 951 -27.10 -7.09 47.12
N TYR B 952 -27.23 -6.03 47.89
CA TYR B 952 -26.23 -5.00 47.75
C TYR B 952 -25.29 -5.13 48.89
N ASN B 953 -25.20 -6.32 49.44
CA ASN B 953 -24.56 -6.80 50.63
C ASN B 953 -25.01 -6.06 51.87
N PHE B 954 -26.08 -5.23 51.87
CA PHE B 954 -26.37 -4.62 53.15
C PHE B 954 -27.83 -4.77 53.38
N SER B 955 -28.60 -4.84 52.29
CA SER B 955 -30.05 -5.01 52.29
C SER B 955 -30.37 -6.12 51.27
N PHE B 956 -31.64 -6.56 51.28
CA PHE B 956 -32.16 -7.58 50.36
C PHE B 956 -33.38 -6.94 49.72
N ARG B 957 -33.14 -6.11 48.72
CA ARG B 957 -34.21 -5.48 47.94
C ARG B 957 -34.77 -6.45 46.90
N TYR B 958 -36.08 -6.39 46.66
CA TYR B 958 -36.76 -7.31 45.76
C TYR B 958 -37.42 -6.58 44.60
N ILE B 959 -37.23 -7.11 43.39
CA ILE B 959 -37.77 -6.58 42.14
C ILE B 959 -38.49 -7.70 41.39
N TYR B 960 -39.69 -7.41 40.87
CA TYR B 960 -40.60 -8.43 40.34
C TYR B 960 -40.85 -8.18 38.86
N PRO B 961 -40.45 -9.09 37.96
CA PRO B 961 -40.69 -8.92 36.52
C PRO B 961 -42.12 -9.19 36.07
N LEU B 962 -42.45 -8.46 35.01
CA LEU B 962 -43.72 -8.41 34.30
C LEU B 962 -43.63 -9.10 32.93
N ASP B 963 -44.18 -10.31 32.81
CA ASP B 963 -44.08 -11.08 31.57
C ASP B 963 -45.50 -11.43 31.06
N SER B 964 -45.56 -12.34 30.08
CA SER B 964 -46.85 -12.82 29.58
C SER B 964 -47.64 -13.58 30.64
N LEU B 965 -46.97 -14.37 31.46
CA LEU B 965 -47.64 -15.22 32.46
C LEU B 965 -47.84 -14.46 33.78
N THR B 966 -47.81 -13.12 33.72
CA THR B 966 -48.11 -12.24 34.83
C THR B 966 -49.53 -11.68 34.69
N TRP B 967 -50.42 -12.18 35.55
CA TRP B 967 -51.85 -11.91 35.56
C TRP B 967 -52.15 -10.63 36.33
N ILE B 968 -52.68 -9.63 35.63
CA ILE B 968 -53.01 -8.33 36.19
C ILE B 968 -54.48 -8.09 35.89
N GLU B 969 -55.18 -7.48 36.83
CA GLU B 969 -56.60 -7.24 36.68
C GLU B 969 -57.01 -5.95 37.40
N TYR B 970 -57.86 -5.17 36.72
CA TYR B 970 -58.42 -3.94 37.26
C TYR B 970 -59.31 -4.20 38.46
N TRP B 971 -59.20 -3.34 39.47
CA TRP B 971 -59.84 -3.51 40.77
C TRP B 971 -60.36 -2.14 41.17
N PRO B 972 -61.63 -1.83 40.87
CA PRO B 972 -62.22 -0.58 41.36
C PRO B 972 -62.42 -0.57 42.86
N ARG B 973 -62.35 0.64 43.43
CA ARG B 973 -62.47 0.86 44.87
C ARG B 973 -63.89 1.09 45.40
N ASP B 974 -64.55 -0.01 45.81
CA ASP B 974 -65.91 -0.04 46.35
C ASP B 974 -67.01 0.62 45.48
N THR B 975 -66.81 0.83 44.17
CA THR B 975 -67.89 1.44 43.40
C THR B 975 -68.92 0.36 43.08
N THR B 976 -70.18 0.63 43.41
CA THR B 976 -71.24 -0.32 43.08
C THR B 976 -71.91 0.03 41.76
N CYS B 977 -71.31 -0.45 40.68
CA CYS B 977 -71.83 -0.19 39.35
C CYS B 977 -72.75 -1.37 39.04
N SER B 978 -73.12 -1.59 37.77
CA SER B 978 -74.07 -2.65 37.51
C SER B 978 -73.30 -3.96 37.67
N SER B 979 -72.37 -4.21 36.76
CA SER B 979 -71.60 -5.45 36.75
C SER B 979 -70.51 -5.49 37.80
N CYS B 980 -70.32 -4.43 38.59
CA CYS B 980 -69.27 -4.40 39.62
C CYS B 980 -69.63 -5.14 40.91
N GLN B 981 -70.88 -5.06 41.37
CA GLN B 981 -71.38 -5.93 42.44
C GLN B 981 -71.10 -7.42 42.19
N ALA B 982 -71.38 -7.91 40.98
CA ALA B 982 -71.02 -9.29 40.66
C ALA B 982 -69.51 -9.47 40.51
N PHE B 983 -68.83 -8.48 39.93
CA PHE B 983 -67.37 -8.51 39.79
C PHE B 983 -66.66 -8.69 41.14
N LEU B 984 -66.95 -7.80 42.09
CA LEU B 984 -66.40 -7.89 43.44
C LEU B 984 -66.85 -9.15 44.18
N ALA B 985 -68.01 -9.70 43.81
CA ALA B 985 -68.46 -10.98 44.36
C ALA B 985 -67.46 -12.10 44.04
N ASN B 986 -67.12 -12.27 42.76
CA ASN B 986 -66.20 -13.32 42.35
C ASN B 986 -64.75 -13.02 42.77
N LEU B 987 -64.37 -11.74 42.83
CA LEU B 987 -63.02 -11.39 43.29
C LEU B 987 -62.77 -11.83 44.73
N ASP B 988 -63.71 -11.52 45.63
CA ASP B 988 -63.60 -11.99 47.01
C ASP B 988 -63.86 -13.48 47.18
N GLU B 989 -64.51 -14.12 46.20
CA GLU B 989 -64.61 -15.58 46.21
C GLU B 989 -63.24 -16.23 46.02
N PHE B 990 -62.51 -15.79 44.99
CA PHE B 990 -61.14 -16.26 44.75
C PHE B 990 -60.23 -15.89 45.91
N ALA B 991 -60.32 -14.64 46.37
CA ALA B 991 -59.48 -14.13 47.46
C ALA B 991 -59.63 -14.90 48.77
N GLU B 992 -60.81 -15.43 49.06
CA GLU B 992 -60.96 -16.23 50.28
C GLU B 992 -60.37 -17.63 50.15
N ASP B 993 -60.47 -18.27 48.99
CA ASP B 993 -59.99 -19.64 48.88
C ASP B 993 -58.46 -19.70 48.75
N ILE B 994 -57.83 -18.61 48.27
CA ILE B 994 -56.40 -18.60 47.99
C ILE B 994 -55.61 -18.65 49.29
N PHE B 995 -56.06 -17.86 50.28
CA PHE B 995 -55.47 -17.57 51.57
C PHE B 995 -55.77 -18.67 52.58
N LEU B 996 -56.74 -19.54 52.26
CA LEU B 996 -57.14 -20.67 53.08
C LEU B 996 -56.25 -21.89 52.81
N ASN B 997 -55.28 -21.72 51.90
CA ASN B 997 -54.31 -22.75 51.45
C ASN B 997 -54.96 -23.83 50.59
N GLY B 998 -55.89 -23.43 49.73
CA GLY B 998 -56.67 -24.35 48.94
C GLY B 998 -56.16 -24.32 47.51
N CYS B 999 -55.65 -25.46 47.05
CA CYS B 999 -55.09 -25.53 45.70
C CYS B 999 -56.07 -26.11 44.70
N GLU C 1 1.20 -8.56 -56.72
CA GLU C 1 1.32 -9.99 -57.02
C GLU C 1 2.33 -10.16 -58.14
N VAL C 2 3.11 -11.26 -58.05
CA VAL C 2 4.13 -11.61 -59.04
C VAL C 2 3.96 -13.06 -59.44
N GLN C 3 3.87 -13.31 -60.73
CA GLN C 3 3.96 -14.65 -61.26
C GLN C 3 5.36 -14.85 -61.81
N LEU C 4 5.88 -16.08 -61.73
CA LEU C 4 7.27 -16.38 -62.07
C LEU C 4 7.30 -17.65 -62.90
N VAL C 5 8.00 -17.60 -64.03
CA VAL C 5 8.09 -18.72 -64.97
C VAL C 5 9.56 -18.99 -65.26
N GLU C 6 10.02 -20.17 -64.88
CA GLU C 6 11.36 -20.62 -65.27
C GLU C 6 11.30 -21.36 -66.60
N SER C 7 12.37 -21.24 -67.38
CA SER C 7 12.51 -22.04 -68.59
C SER C 7 14.00 -22.28 -68.85
N GLY C 8 14.26 -23.21 -69.75
CA GLY C 8 15.60 -23.50 -70.22
C GLY C 8 16.17 -24.79 -69.67
N GLY C 9 15.54 -25.34 -68.63
CA GLY C 9 16.00 -26.58 -68.04
C GLY C 9 15.86 -27.76 -68.98
N GLY C 10 16.82 -28.68 -68.89
CA GLY C 10 16.83 -29.85 -69.75
C GLY C 10 17.85 -30.86 -69.29
N LEU C 11 17.99 -31.92 -70.09
CA LEU C 11 18.98 -32.96 -69.84
C LEU C 11 20.32 -32.54 -70.44
N VAL C 12 21.39 -32.71 -69.67
CA VAL C 12 22.73 -32.34 -70.09
C VAL C 12 23.73 -33.42 -69.69
N GLN C 13 24.77 -33.58 -70.52
CA GLN C 13 25.91 -34.40 -70.16
C GLN C 13 26.69 -33.73 -69.02
N PRO C 14 27.29 -34.51 -68.13
CA PRO C 14 28.26 -33.95 -67.17
C PRO C 14 29.42 -33.26 -67.86
N GLY C 15 29.70 -32.02 -67.45
CA GLY C 15 30.57 -31.15 -68.22
C GLY C 15 29.88 -30.18 -69.15
N GLY C 16 28.58 -30.32 -69.38
CA GLY C 16 27.91 -29.52 -70.39
C GLY C 16 27.53 -28.14 -69.89
N SER C 17 26.83 -27.40 -70.76
CA SER C 17 26.49 -26.01 -70.51
C SER C 17 25.02 -25.78 -70.81
N LEU C 18 24.33 -25.15 -69.84
CA LEU C 18 22.90 -24.94 -69.90
C LEU C 18 22.61 -23.53 -69.40
N ARG C 19 21.62 -22.88 -69.99
CA ARG C 19 21.20 -21.56 -69.55
C ARG C 19 19.75 -21.62 -69.09
N LEU C 20 19.52 -21.20 -67.86
CA LEU C 20 18.18 -21.08 -67.30
C LEU C 20 17.70 -19.65 -67.44
N SER C 21 16.42 -19.49 -67.76
N SER C 21 16.42 -19.48 -67.77
CA SER C 21 15.79 -18.18 -67.91
CA SER C 21 15.80 -18.16 -67.91
C SER C 21 14.65 -18.02 -66.92
C SER C 21 14.65 -18.02 -66.93
N CYS C 22 14.63 -16.90 -66.21
CA CYS C 22 13.56 -16.54 -65.28
C CYS C 22 12.78 -15.32 -65.77
N ALA C 23 11.51 -15.51 -66.04
CA ALA C 23 10.57 -14.48 -66.48
C ALA C 23 9.76 -13.94 -65.32
N ALA C 24 9.64 -12.61 -65.23
CA ALA C 24 8.79 -12.09 -64.17
C ALA C 24 7.56 -11.54 -64.84
N SER C 25 6.42 -11.77 -64.20
CA SER C 25 5.14 -11.28 -64.68
C SER C 25 4.51 -10.38 -63.64
N GLY C 26 4.15 -9.19 -64.05
CA GLY C 26 3.48 -8.32 -63.14
C GLY C 26 4.42 -7.44 -62.41
N ARG C 27 5.71 -7.54 -62.67
CA ARG C 27 6.65 -6.57 -62.04
C ARG C 27 7.67 -6.37 -63.12
N ALA C 28 8.32 -5.25 -63.02
CA ALA C 28 9.41 -4.86 -63.93
C ALA C 28 10.80 -5.15 -63.37
N PHE C 29 10.89 -5.89 -62.26
CA PHE C 29 12.08 -6.21 -61.47
C PHE C 29 12.73 -5.04 -60.72
N SER C 30 12.75 -3.85 -61.30
CA SER C 30 13.28 -2.60 -60.72
C SER C 30 14.66 -2.80 -60.07
N ASP C 31 14.84 -2.42 -58.80
CA ASP C 31 15.97 -2.77 -57.97
C ASP C 31 15.62 -3.82 -56.93
N TYR C 32 14.63 -4.67 -57.21
CA TYR C 32 14.24 -5.67 -56.23
C TYR C 32 15.24 -6.83 -56.19
N ALA C 33 15.31 -7.47 -55.03
CA ALA C 33 15.98 -8.76 -54.86
C ALA C 33 15.38 -10.05 -55.39
N MET C 34 16.21 -10.79 -56.15
CA MET C 34 15.75 -11.96 -56.87
C MET C 34 16.86 -12.98 -56.65
N ALA C 35 16.52 -14.27 -56.74
CA ALA C 35 17.50 -15.34 -56.57
C ALA C 35 17.14 -16.62 -57.32
N TRP C 36 18.14 -17.48 -57.46
CA TRP C 36 17.96 -18.86 -57.88
C TRP C 36 18.18 -19.81 -56.69
N PHE C 37 17.30 -20.80 -56.59
CA PHE C 37 17.37 -21.91 -55.66
C PHE C 37 17.24 -23.22 -56.41
N ARG C 38 17.60 -24.30 -55.71
CA ARG C 38 17.50 -25.65 -56.24
C ARG C 38 16.97 -26.54 -55.12
N GLN C 39 16.34 -27.63 -55.51
CA GLN C 39 15.85 -28.64 -54.59
C GLN C 39 16.04 -30.03 -55.17
N ALA C 40 16.75 -30.83 -54.46
CA ALA C 40 16.84 -32.16 -54.99
C ALA C 40 15.67 -32.95 -54.39
N PRO C 41 15.20 -34.01 -55.07
CA PRO C 41 14.09 -34.82 -54.52
C PRO C 41 14.37 -35.40 -53.15
N GLY C 42 13.44 -35.18 -52.23
CA GLY C 42 13.63 -35.63 -50.88
C GLY C 42 14.62 -34.82 -50.07
N GLN C 43 15.02 -33.64 -50.54
CA GLN C 43 15.98 -32.81 -49.85
C GLN C 43 15.45 -31.39 -49.68
N GLU C 44 16.01 -30.68 -48.71
CA GLU C 44 15.64 -29.30 -48.45
C GLU C 44 16.20 -28.39 -49.54
N ARG C 45 15.47 -27.31 -49.82
CA ARG C 45 15.86 -26.37 -50.87
C ARG C 45 17.10 -25.57 -50.44
N GLU C 46 18.03 -25.35 -51.37
CA GLU C 46 19.26 -24.62 -51.08
C GLU C 46 19.45 -23.49 -52.08
N PHE C 47 20.04 -22.39 -51.58
CA PHE C 47 20.48 -21.27 -52.40
C PHE C 47 21.52 -21.72 -53.42
N VAL C 48 21.46 -21.14 -54.62
CA VAL C 48 22.46 -21.41 -55.65
C VAL C 48 23.21 -20.11 -55.91
N ALA C 49 22.48 -19.12 -56.39
CA ALA C 49 23.09 -17.89 -56.88
C ALA C 49 22.04 -16.79 -56.75
N GLY C 50 22.53 -15.57 -56.58
CA GLY C 50 21.66 -14.43 -56.40
C GLY C 50 22.33 -13.15 -56.80
N ILE C 51 21.51 -12.10 -56.96
CA ILE C 51 22.01 -10.77 -57.29
C ILE C 51 21.09 -9.80 -56.55
N GLY C 52 21.62 -9.12 -55.53
CA GLY C 52 20.87 -8.08 -54.89
C GLY C 52 20.94 -6.80 -55.68
N TRP C 53 20.06 -5.87 -55.34
CA TRP C 53 19.83 -4.59 -56.02
C TRP C 53 19.62 -4.87 -57.51
N SER C 54 20.24 -4.10 -58.42
CA SER C 54 20.12 -4.33 -59.85
C SER C 54 21.26 -5.16 -60.44
N GLY C 55 22.45 -4.57 -60.41
CA GLY C 55 23.67 -5.17 -60.89
C GLY C 55 24.90 -4.88 -60.06
N GLY C 56 24.76 -4.21 -58.93
CA GLY C 56 25.98 -3.88 -58.23
C GLY C 56 26.41 -4.88 -57.17
N ASP C 57 25.53 -5.74 -56.71
CA ASP C 57 26.02 -6.84 -55.86
C ASP C 57 25.68 -8.17 -56.50
N THR C 58 26.50 -9.20 -56.21
CA THR C 58 26.24 -10.57 -56.70
C THR C 58 26.85 -11.72 -55.90
N LEU C 59 26.04 -12.68 -55.41
CA LEU C 59 26.52 -13.65 -54.44
C LEU C 59 26.17 -15.02 -55.02
N TYR C 60 27.11 -15.96 -54.85
CA TYR C 60 26.99 -17.35 -55.29
C TYR C 60 27.26 -18.28 -54.13
N ALA C 61 26.66 -19.47 -54.15
CA ALA C 61 27.10 -20.51 -53.22
C ALA C 61 28.52 -20.98 -53.54
N ASP C 62 29.22 -21.45 -52.50
CA ASP C 62 30.54 -22.04 -52.66
C ASP C 62 30.55 -23.30 -53.51
N SER C 63 29.43 -24.03 -53.52
CA SER C 63 29.26 -25.20 -54.39
C SER C 63 29.36 -24.87 -55.88
N VAL C 64 29.03 -23.63 -56.27
CA VAL C 64 28.79 -23.30 -57.67
C VAL C 64 29.64 -22.11 -58.12
N ARG C 65 30.30 -21.45 -57.17
CA ARG C 65 31.09 -20.26 -57.46
C ARG C 65 32.25 -20.57 -58.41
N GLY C 66 32.39 -19.76 -59.45
CA GLY C 66 33.36 -20.00 -60.49
C GLY C 66 32.85 -20.82 -61.66
N ARG C 67 31.77 -21.58 -61.45
CA ARG C 67 31.17 -22.41 -62.48
C ARG C 67 29.94 -21.76 -63.10
N PHE C 68 29.18 -21.04 -62.29
CA PHE C 68 27.89 -20.48 -62.69
C PHE C 68 28.03 -18.97 -62.77
N THR C 69 27.36 -18.37 -63.74
CA THR C 69 27.34 -16.92 -63.91
C THR C 69 25.91 -16.43 -63.97
N ASN C 70 25.56 -15.49 -63.10
CA ASN C 70 24.22 -14.92 -63.06
C ASN C 70 24.26 -13.57 -63.75
N SER C 71 23.26 -13.32 -64.60
CA SER C 71 23.11 -12.05 -65.28
C SER C 71 21.64 -11.70 -65.46
N ARG C 72 21.41 -10.41 -65.62
CA ARG C 72 20.10 -9.79 -65.79
C ARG C 72 20.11 -8.91 -67.03
N ASP C 73 19.12 -9.09 -67.89
CA ASP C 73 18.83 -8.13 -68.95
C ASP C 73 17.66 -7.32 -68.43
N ASN C 74 17.93 -6.07 -68.06
CA ASN C 74 16.91 -5.21 -67.48
C ASN C 74 15.83 -4.86 -68.50
N SER C 75 16.25 -4.64 -69.75
CA SER C 75 15.32 -4.26 -70.82
C SER C 75 14.31 -5.35 -71.12
N LYS C 76 14.74 -6.62 -71.09
CA LYS C 76 13.85 -7.75 -71.38
C LYS C 76 13.03 -8.21 -70.16
N ASN C 77 13.34 -7.71 -68.96
CA ASN C 77 12.90 -8.26 -67.66
C ASN C 77 13.09 -9.77 -67.54
N THR C 78 14.31 -10.22 -67.81
CA THR C 78 14.68 -11.62 -67.67
C THR C 78 15.98 -11.78 -66.88
N LEU C 79 16.02 -12.84 -66.08
CA LEU C 79 17.21 -13.32 -65.41
C LEU C 79 17.77 -14.55 -66.11
N TYR C 80 19.09 -14.62 -66.20
CA TYR C 80 19.79 -15.70 -66.87
C TYR C 80 20.77 -16.33 -65.89
N LEU C 81 20.88 -17.65 -65.94
CA LEU C 81 21.90 -18.38 -65.19
C LEU C 81 22.65 -19.25 -66.19
N GLN C 82 23.89 -18.90 -66.46
CA GLN C 82 24.76 -19.75 -67.26
C GLN C 82 25.38 -20.75 -66.32
N MET C 83 25.37 -22.02 -66.71
CA MET C 83 25.79 -23.11 -65.84
C MET C 83 26.83 -23.89 -66.62
N ASN C 84 28.05 -23.91 -66.14
CA ASN C 84 29.11 -24.65 -66.78
C ASN C 84 29.66 -25.72 -65.84
N SER C 85 30.34 -26.69 -66.44
CA SER C 85 31.03 -27.78 -65.72
C SER C 85 30.12 -28.56 -64.78
N LEU C 86 28.90 -28.82 -65.23
CA LEU C 86 27.84 -29.38 -64.38
C LEU C 86 28.21 -30.79 -63.93
N ARG C 87 27.76 -31.15 -62.72
CA ARG C 87 28.03 -32.46 -62.14
C ARG C 87 26.72 -33.06 -61.68
N ALA C 88 26.80 -34.35 -61.32
CA ALA C 88 25.63 -35.08 -60.80
C ALA C 88 25.06 -34.45 -59.54
N GLU C 89 25.90 -33.75 -58.76
CA GLU C 89 25.42 -32.98 -57.62
C GLU C 89 24.57 -31.78 -58.00
N ASP C 90 24.64 -31.31 -59.25
CA ASP C 90 23.78 -30.22 -59.68
C ASP C 90 22.41 -30.64 -60.17
N THR C 91 22.16 -31.94 -60.35
CA THR C 91 20.82 -32.41 -60.71
C THR C 91 19.83 -32.05 -59.60
N ALA C 92 18.75 -31.37 -59.96
CA ALA C 92 17.75 -30.80 -59.06
C ALA C 92 16.69 -30.11 -59.93
N VAL C 93 15.53 -29.88 -59.33
CA VAL C 93 14.62 -28.86 -59.84
C VAL C 93 15.16 -27.50 -59.42
N TYR C 94 15.20 -26.56 -60.36
CA TYR C 94 15.64 -25.19 -60.08
C TYR C 94 14.45 -24.24 -60.10
N TYR C 95 14.34 -23.43 -59.06
CA TYR C 95 13.23 -22.49 -58.88
C TYR C 95 13.80 -21.08 -58.87
N CYS C 96 13.23 -20.19 -59.68
CA CYS C 96 13.49 -18.78 -59.50
C CYS C 96 12.59 -18.26 -58.38
N ALA C 97 13.14 -17.37 -57.56
CA ALA C 97 12.43 -16.78 -56.44
C ALA C 97 12.76 -15.30 -56.32
N ALA C 98 11.83 -14.50 -55.78
CA ALA C 98 12.10 -13.09 -55.66
C ALA C 98 11.59 -12.54 -54.33
N ARG C 99 12.27 -11.49 -53.88
CA ARG C 99 11.95 -10.77 -52.65
C ARG C 99 11.31 -9.41 -53.00
N GLN C 100 10.46 -8.93 -52.11
CA GLN C 100 9.97 -7.55 -52.12
C GLN C 100 10.85 -6.58 -51.34
N GLY C 101 11.58 -5.75 -52.09
CA GLY C 101 12.41 -4.69 -51.56
C GLY C 101 13.83 -4.58 -52.07
N GLN C 102 14.39 -3.38 -51.87
CA GLN C 102 15.65 -2.96 -52.48
C GLN C 102 16.76 -3.31 -51.49
N TYR C 103 17.14 -4.57 -51.55
CA TYR C 103 18.17 -5.23 -50.76
C TYR C 103 19.51 -5.39 -51.49
N ILE C 104 20.59 -4.90 -50.88
CA ILE C 104 21.87 -4.90 -51.59
C ILE C 104 22.38 -6.34 -51.69
N TYR C 105 22.24 -7.12 -50.63
CA TYR C 105 22.73 -8.48 -50.59
C TYR C 105 21.67 -9.55 -50.81
N SER C 106 22.12 -10.65 -51.37
CA SER C 106 21.30 -11.81 -51.66
C SER C 106 21.16 -12.59 -50.37
N SER C 107 19.93 -12.96 -50.03
CA SER C 107 19.71 -13.80 -48.86
C SER C 107 19.80 -15.22 -49.39
N MET C 108 20.53 -16.05 -48.66
CA MET C 108 20.63 -17.47 -48.93
C MET C 108 19.48 -18.30 -48.38
N ARG C 109 18.46 -17.68 -47.80
CA ARG C 109 17.48 -18.40 -47.00
C ARG C 109 16.20 -18.50 -47.78
N SER C 110 15.68 -19.73 -47.92
CA SER C 110 14.38 -19.92 -48.53
C SER C 110 13.25 -19.28 -47.72
N ASP C 111 13.44 -19.07 -46.40
CA ASP C 111 12.46 -18.34 -45.61
C ASP C 111 12.39 -16.86 -45.93
N SER C 112 13.43 -16.30 -46.56
CA SER C 112 13.38 -14.90 -46.97
C SER C 112 12.47 -14.61 -48.16
N TYR C 113 12.08 -15.61 -48.93
CA TYR C 113 11.47 -15.38 -50.23
C TYR C 113 9.97 -15.68 -50.24
N ASP C 114 9.25 -14.85 -50.99
CA ASP C 114 7.78 -14.83 -50.97
C ASP C 114 7.13 -15.28 -52.27
N TYR C 115 7.71 -14.98 -53.40
CA TYR C 115 7.22 -15.42 -54.70
C TYR C 115 8.11 -16.50 -55.29
N TRP C 116 7.48 -17.54 -55.83
CA TRP C 116 8.19 -18.71 -56.34
C TRP C 116 7.63 -19.15 -57.68
N GLY C 117 8.51 -19.44 -58.64
CA GLY C 117 8.08 -20.09 -59.86
C GLY C 117 7.70 -21.55 -59.64
N GLN C 118 7.12 -22.15 -60.69
CA GLN C 118 6.82 -23.58 -60.65
C GLN C 118 8.06 -24.46 -60.75
N GLY C 119 9.11 -23.95 -61.37
CA GLY C 119 10.40 -24.61 -61.43
C GLY C 119 10.69 -25.16 -62.81
N THR C 120 11.96 -25.52 -63.01
CA THR C 120 12.41 -26.24 -64.19
C THR C 120 13.42 -27.32 -63.79
N LEU C 121 13.36 -28.47 -64.44
CA LEU C 121 14.16 -29.61 -64.02
C LEU C 121 15.49 -29.52 -64.76
N VAL C 122 16.58 -29.82 -64.05
CA VAL C 122 17.89 -30.02 -64.68
C VAL C 122 18.38 -31.42 -64.31
N THR C 123 18.68 -32.22 -65.33
CA THR C 123 19.16 -33.58 -65.16
C THR C 123 20.56 -33.71 -65.76
N VAL C 124 21.54 -33.97 -64.90
CA VAL C 124 22.93 -34.06 -65.34
C VAL C 124 23.39 -35.52 -65.37
#